data_2CU1
#
_entry.id   2CU1
#
_entity_poly.entity_id   1
_entity_poly.type   'polypeptide(L)'
_entity_poly.pdbx_seq_one_letter_code
;GSSGSSGDVRVKFEHRGEKRILQFPRPVKLEDLRSKAKIAFGQSMDLHYTNNELVIPLTTQDDLDKAVELLDRSIHMKSL
KILLVINGSTQATNLEPSGPSSG
;
_entity_poly.pdbx_strand_id   A
#
# COMPACT_ATOMS: atom_id res chain seq x y z
N GLY A 1 -6.68 12.68 15.40
CA GLY A 1 -7.08 11.73 16.42
C GLY A 1 -6.88 10.28 15.97
N SER A 2 -6.28 9.47 16.83
CA SER A 2 -6.04 8.06 16.52
C SER A 2 -7.12 7.18 17.13
N SER A 3 -7.86 6.48 16.27
CA SER A 3 -8.93 5.60 16.73
C SER A 3 -8.36 4.34 17.37
N GLY A 4 -8.04 4.44 18.65
CA GLY A 4 -7.49 3.30 19.37
C GLY A 4 -6.05 3.53 19.81
N SER A 5 -5.44 2.49 20.38
CA SER A 5 -4.06 2.60 20.84
C SER A 5 -3.11 2.88 19.68
N SER A 6 -1.98 3.49 19.99
CA SER A 6 -0.98 3.82 18.97
C SER A 6 -0.44 2.56 18.31
N GLY A 7 -1.02 2.20 17.16
CA GLY A 7 -0.58 1.01 16.45
C GLY A 7 -0.69 1.16 14.95
N ASP A 8 0.38 1.62 14.32
CA ASP A 8 0.40 1.82 12.87
C ASP A 8 0.98 0.59 12.16
N VAL A 9 0.99 0.63 10.83
CA VAL A 9 1.51 -0.47 10.05
C VAL A 9 2.71 -0.03 9.22
N ARG A 10 3.91 -0.43 9.64
CA ARG A 10 5.13 -0.07 8.94
C ARG A 10 5.20 -0.77 7.58
N VAL A 11 5.11 0.01 6.51
CA VAL A 11 5.17 -0.53 5.16
C VAL A 11 6.47 -0.14 4.46
N LYS A 12 7.34 -1.11 4.26
CA LYS A 12 8.62 -0.87 3.60
C LYS A 12 8.48 -0.97 2.08
N PHE A 13 8.90 0.08 1.38
CA PHE A 13 8.82 0.11 -0.07
C PHE A 13 10.17 -0.26 -0.70
N GLU A 14 10.13 -0.69 -1.97
CA GLU A 14 11.34 -1.07 -2.67
C GLU A 14 11.23 -0.71 -4.16
N HIS A 15 12.14 0.12 -4.63
CA HIS A 15 12.16 0.54 -6.03
C HIS A 15 13.59 0.57 -6.57
N ARG A 16 13.89 -0.37 -7.47
CA ARG A 16 15.22 -0.44 -8.07
C ARG A 16 16.30 -0.22 -7.02
N GLY A 17 16.24 -1.00 -5.94
CA GLY A 17 17.23 -0.87 -4.87
C GLY A 17 16.81 0.14 -3.82
N GLU A 18 16.11 1.20 -4.25
CA GLU A 18 15.66 2.23 -3.34
C GLU A 18 14.65 1.68 -2.34
N LYS A 19 14.54 2.33 -1.19
CA LYS A 19 13.61 1.90 -0.15
C LYS A 19 12.89 3.11 0.47
N ARG A 20 11.65 2.89 0.90
CA ARG A 20 10.87 3.96 1.52
C ARG A 20 9.89 3.39 2.54
N ILE A 21 10.06 3.78 3.79
CA ILE A 21 9.20 3.30 4.86
C ILE A 21 8.03 4.26 5.09
N LEU A 22 6.86 3.71 5.36
CA LEU A 22 5.67 4.53 5.61
C LEU A 22 4.93 4.05 6.85
N GLN A 23 3.96 4.84 7.29
CA GLN A 23 3.17 4.49 8.48
C GLN A 23 1.69 4.73 8.23
N PHE A 24 0.89 3.67 8.31
CA PHE A 24 -0.54 3.76 8.09
C PHE A 24 -1.30 3.16 9.27
N PRO A 25 -1.99 4.03 10.03
CA PRO A 25 -2.77 3.61 11.20
C PRO A 25 -4.02 2.82 10.81
N ARG A 26 -4.03 1.54 11.14
CA ARG A 26 -5.17 0.68 10.83
C ARG A 26 -6.48 1.33 11.25
N PRO A 27 -7.55 1.03 10.51
CA PRO A 27 -7.49 0.12 9.36
C PRO A 27 -6.73 0.73 8.18
N VAL A 28 -5.83 -0.04 7.60
CA VAL A 28 -5.04 0.43 6.47
C VAL A 28 -5.87 0.45 5.18
N LYS A 29 -5.63 1.46 4.36
CA LYS A 29 -6.36 1.61 3.10
C LYS A 29 -5.42 1.44 1.91
N LEU A 30 -5.82 0.60 0.97
CA LEU A 30 -5.02 0.33 -0.23
C LEU A 30 -4.68 1.64 -0.94
N GLU A 31 -5.68 2.50 -1.10
CA GLU A 31 -5.49 3.78 -1.77
C GLU A 31 -4.44 4.62 -1.04
N ASP A 32 -4.46 4.57 0.29
CA ASP A 32 -3.53 5.32 1.12
C ASP A 32 -2.09 4.89 0.82
N LEU A 33 -1.85 3.59 0.83
CA LEU A 33 -0.52 3.06 0.57
C LEU A 33 0.02 3.58 -0.76
N ARG A 34 -0.80 3.49 -1.80
CA ARG A 34 -0.40 3.94 -3.13
C ARG A 34 -0.18 5.46 -3.14
N SER A 35 -1.19 6.20 -2.70
CA SER A 35 -1.12 7.66 -2.66
C SER A 35 0.24 8.11 -2.14
N LYS A 36 0.57 7.71 -0.92
CA LYS A 36 1.84 8.09 -0.31
C LYS A 36 3.00 7.72 -1.22
N ALA A 37 3.19 6.43 -1.47
CA ALA A 37 4.26 5.95 -2.33
C ALA A 37 4.37 6.80 -3.58
N LYS A 38 3.25 7.32 -4.05
CA LYS A 38 3.22 8.16 -5.25
C LYS A 38 3.77 9.55 -4.94
N ILE A 39 3.49 10.04 -3.74
CA ILE A 39 3.96 11.36 -3.34
C ILE A 39 5.44 11.33 -2.96
N ALA A 40 5.86 10.24 -2.32
CA ALA A 40 7.25 10.09 -1.92
C ALA A 40 8.18 10.07 -3.13
N PHE A 41 7.83 9.26 -4.13
CA PHE A 41 8.64 9.16 -5.34
C PHE A 41 8.20 10.20 -6.37
N GLY A 42 6.89 10.44 -6.45
CA GLY A 42 6.37 11.40 -7.40
C GLY A 42 6.01 10.77 -8.73
N GLN A 43 5.80 9.46 -8.72
CA GLN A 43 5.45 8.74 -9.94
C GLN A 43 4.48 7.61 -9.65
N SER A 44 3.66 7.26 -10.64
CA SER A 44 2.67 6.20 -10.48
C SER A 44 3.35 4.83 -10.53
N MET A 45 3.29 4.10 -9.41
CA MET A 45 3.89 2.79 -9.33
C MET A 45 2.97 1.81 -8.60
N ASP A 46 2.99 0.55 -9.02
CA ASP A 46 2.16 -0.47 -8.39
C ASP A 46 2.77 -0.94 -7.07
N LEU A 47 1.95 -1.60 -6.26
CA LEU A 47 2.40 -2.09 -4.96
C LEU A 47 2.37 -3.62 -4.92
N HIS A 48 3.56 -4.23 -4.98
CA HIS A 48 3.67 -5.68 -4.96
C HIS A 48 4.32 -6.14 -3.66
N TYR A 49 3.55 -6.79 -2.80
CA TYR A 49 4.05 -7.29 -1.52
C TYR A 49 4.20 -8.81 -1.55
N THR A 50 5.33 -9.29 -1.04
CA THR A 50 5.59 -10.73 -1.00
C THR A 50 5.28 -11.31 0.37
N ASN A 51 4.40 -12.30 0.40
CA ASN A 51 4.01 -12.94 1.65
C ASN A 51 5.16 -13.77 2.22
N ASN A 52 5.61 -14.75 1.45
CA ASN A 52 6.71 -15.61 1.88
C ASN A 52 7.75 -15.76 0.77
N GLU A 53 7.36 -16.42 -0.32
CA GLU A 53 8.25 -16.62 -1.45
C GLU A 53 7.62 -16.11 -2.74
N LEU A 54 6.30 -16.03 -2.76
CA LEU A 54 5.57 -15.56 -3.93
C LEU A 54 5.35 -14.05 -3.86
N VAL A 55 4.75 -13.50 -4.91
CA VAL A 55 4.47 -12.06 -4.96
C VAL A 55 3.00 -11.79 -5.23
N ILE A 56 2.39 -10.98 -4.38
CA ILE A 56 0.97 -10.65 -4.53
C ILE A 56 0.79 -9.16 -4.82
N PRO A 57 0.44 -8.84 -6.08
CA PRO A 57 0.22 -7.47 -6.52
C PRO A 57 -1.04 -6.86 -5.91
N LEU A 58 -0.86 -6.03 -4.89
CA LEU A 58 -1.98 -5.38 -4.23
C LEU A 58 -2.78 -4.52 -5.20
N THR A 59 -3.86 -5.09 -5.74
CA THR A 59 -4.71 -4.39 -6.69
C THR A 59 -6.04 -4.01 -6.05
N THR A 60 -6.59 -4.92 -5.26
CA THR A 60 -7.87 -4.69 -4.59
C THR A 60 -7.72 -4.75 -3.08
N GLN A 61 -8.66 -4.14 -2.37
CA GLN A 61 -8.64 -4.13 -0.91
C GLN A 61 -8.40 -5.53 -0.36
N ASP A 62 -9.17 -6.50 -0.87
CA ASP A 62 -9.04 -7.88 -0.43
C ASP A 62 -7.58 -8.25 -0.21
N ASP A 63 -6.73 -7.83 -1.13
CA ASP A 63 -5.30 -8.12 -1.05
C ASP A 63 -4.68 -7.44 0.16
N LEU A 64 -4.94 -6.14 0.30
CA LEU A 64 -4.40 -5.36 1.41
C LEU A 64 -4.89 -5.92 2.75
N ASP A 65 -6.20 -5.99 2.91
CA ASP A 65 -6.80 -6.51 4.14
C ASP A 65 -6.18 -7.85 4.52
N LYS A 66 -5.89 -8.67 3.52
CA LYS A 66 -5.28 -9.98 3.74
C LYS A 66 -3.81 -9.85 4.06
N ALA A 67 -3.18 -8.79 3.57
CA ALA A 67 -1.76 -8.54 3.81
C ALA A 67 -1.53 -7.92 5.19
N VAL A 68 -2.50 -7.13 5.63
CA VAL A 68 -2.41 -6.46 6.93
C VAL A 68 -2.79 -7.42 8.06
N GLU A 69 -3.76 -8.29 7.78
CA GLU A 69 -4.22 -9.26 8.77
C GLU A 69 -3.20 -10.38 8.95
N LEU A 70 -2.60 -10.81 7.84
CA LEU A 70 -1.61 -11.88 7.88
C LEU A 70 -0.31 -11.39 8.51
N LEU A 71 -0.02 -10.11 8.35
CA LEU A 71 1.19 -9.52 8.91
C LEU A 71 1.16 -9.56 10.43
N ASP A 72 0.11 -8.99 11.02
CA ASP A 72 -0.03 -8.96 12.46
C ASP A 72 0.13 -10.37 13.05
N ARG A 73 -0.71 -11.29 12.60
CA ARG A 73 -0.67 -12.67 13.08
C ARG A 73 0.73 -13.26 12.90
N SER A 74 1.33 -12.98 11.73
CA SER A 74 2.67 -13.50 11.43
C SER A 74 3.69 -12.95 12.41
N ILE A 75 4.41 -13.84 13.08
CA ILE A 75 5.42 -13.44 14.04
C ILE A 75 6.76 -13.17 13.36
N HIS A 76 7.23 -14.15 12.59
CA HIS A 76 8.49 -14.01 11.88
C HIS A 76 8.55 -12.70 11.10
N MET A 77 7.50 -12.45 10.31
CA MET A 77 7.44 -11.22 9.52
C MET A 77 7.40 -9.99 10.42
N LYS A 78 8.27 -9.03 10.14
CA LYS A 78 8.34 -7.80 10.93
C LYS A 78 7.43 -6.73 10.35
N SER A 79 7.49 -6.56 9.03
CA SER A 79 6.66 -5.57 8.35
C SER A 79 6.17 -6.10 7.01
N LEU A 80 5.30 -5.33 6.36
CA LEU A 80 4.74 -5.73 5.07
C LEU A 80 5.67 -5.32 3.93
N LYS A 81 6.50 -6.26 3.48
CA LYS A 81 7.43 -6.00 2.39
C LYS A 81 6.70 -5.63 1.11
N ILE A 82 7.00 -4.45 0.58
CA ILE A 82 6.36 -3.98 -0.64
C ILE A 82 7.39 -3.76 -1.75
N LEU A 83 6.94 -3.90 -2.99
CA LEU A 83 7.83 -3.72 -4.14
C LEU A 83 7.19 -2.78 -5.17
N LEU A 84 7.68 -1.55 -5.21
CA LEU A 84 7.17 -0.55 -6.15
C LEU A 84 7.66 -0.83 -7.57
N VAL A 85 6.74 -0.87 -8.51
CA VAL A 85 7.07 -1.12 -9.91
C VAL A 85 6.43 -0.10 -10.83
N ILE A 86 7.25 0.59 -11.61
CA ILE A 86 6.76 1.60 -12.54
C ILE A 86 5.54 1.10 -13.30
N ASN A 87 4.64 2.03 -13.63
CA ASN A 87 3.42 1.67 -14.36
C ASN A 87 3.25 2.57 -15.58
N GLY A 88 3.12 3.87 -15.34
CA GLY A 88 2.94 4.81 -16.42
C GLY A 88 1.89 5.86 -16.13
N SER A 89 0.62 5.45 -16.19
CA SER A 89 -0.48 6.37 -15.93
C SER A 89 -1.66 5.63 -15.31
N THR A 90 -2.57 6.38 -14.69
CA THR A 90 -3.74 5.80 -14.05
C THR A 90 -4.84 5.50 -15.08
N GLN A 91 -5.77 4.63 -14.70
CA GLN A 91 -6.87 4.28 -15.59
C GLN A 91 -8.20 4.79 -15.05
N ALA A 92 -8.47 4.49 -13.78
CA ALA A 92 -9.71 4.92 -13.15
C ALA A 92 -9.42 5.83 -11.95
N THR A 93 -8.57 6.83 -12.17
CA THR A 93 -8.22 7.77 -11.11
C THR A 93 -9.46 8.29 -10.38
N ASN A 94 -10.61 8.17 -11.04
CA ASN A 94 -11.87 8.62 -10.46
C ASN A 94 -12.55 7.50 -9.68
N LEU A 95 -12.26 7.43 -8.38
CA LEU A 95 -12.83 6.42 -7.52
C LEU A 95 -14.33 6.28 -7.74
N GLU A 96 -14.84 5.06 -7.63
CA GLU A 96 -16.26 4.81 -7.83
C GLU A 96 -16.73 3.65 -6.97
N PRO A 97 -17.99 3.71 -6.52
CA PRO A 97 -18.59 2.67 -5.67
C PRO A 97 -18.83 1.37 -6.44
N SER A 98 -19.47 0.41 -5.79
CA SER A 98 -19.75 -0.88 -6.40
C SER A 98 -20.72 -1.70 -5.54
N GLY A 99 -21.65 -2.38 -6.19
CA GLY A 99 -22.62 -3.18 -5.47
C GLY A 99 -22.55 -4.65 -5.85
N PRO A 100 -21.40 -5.29 -5.56
CA PRO A 100 -21.19 -6.71 -5.86
C PRO A 100 -22.03 -7.62 -4.99
N SER A 101 -23.20 -8.01 -5.51
CA SER A 101 -24.10 -8.89 -4.77
C SER A 101 -25.25 -9.35 -5.66
N SER A 102 -25.48 -10.66 -5.70
CA SER A 102 -26.55 -11.23 -6.51
C SER A 102 -27.86 -11.29 -5.72
N GLY A 103 -28.71 -10.28 -5.90
CA GLY A 103 -29.98 -10.24 -5.20
C GLY A 103 -29.81 -9.93 -3.72
N GLY A 1 -13.63 9.48 14.67
CA GLY A 1 -14.24 8.52 15.58
C GLY A 1 -13.22 7.58 16.18
N SER A 2 -12.45 6.90 15.33
CA SER A 2 -11.44 5.95 15.79
C SER A 2 -10.29 5.85 14.80
N SER A 3 -9.07 6.03 15.28
CA SER A 3 -7.89 5.96 14.43
C SER A 3 -6.65 5.58 15.24
N GLY A 4 -6.18 4.35 15.05
CA GLY A 4 -5.01 3.89 15.77
C GLY A 4 -5.27 2.61 16.53
N SER A 5 -5.85 1.62 15.86
CA SER A 5 -6.17 0.34 16.49
C SER A 5 -5.01 -0.64 16.30
N SER A 6 -4.39 -1.03 17.41
CA SER A 6 -3.26 -1.96 17.38
C SER A 6 -2.04 -1.31 16.73
N GLY A 7 -1.76 -0.08 17.12
CA GLY A 7 -0.63 0.64 16.58
C GLY A 7 -0.72 0.83 15.08
N ASP A 8 0.28 1.49 14.50
CA ASP A 8 0.31 1.73 13.07
C ASP A 8 0.91 0.55 12.32
N VAL A 9 0.75 0.55 11.00
CA VAL A 9 1.28 -0.53 10.17
C VAL A 9 2.47 -0.05 9.35
N ARG A 10 3.66 -0.55 9.68
CA ARG A 10 4.88 -0.17 8.98
C ARG A 10 4.95 -0.86 7.62
N VAL A 11 5.14 -0.07 6.57
CA VAL A 11 5.23 -0.60 5.21
C VAL A 11 6.51 -0.14 4.52
N LYS A 12 7.44 -1.06 4.34
CA LYS A 12 8.71 -0.74 3.68
C LYS A 12 8.59 -0.91 2.17
N PHE A 13 9.01 0.13 1.44
CA PHE A 13 8.95 0.10 -0.02
C PHE A 13 10.31 -0.30 -0.61
N GLU A 14 10.30 -0.72 -1.86
CA GLU A 14 11.53 -1.13 -2.54
C GLU A 14 11.43 -0.90 -4.04
N HIS A 15 12.35 -0.10 -4.58
CA HIS A 15 12.36 0.20 -6.01
C HIS A 15 13.77 0.49 -6.49
N ARG A 16 14.14 -0.14 -7.60
CA ARG A 16 15.48 0.04 -8.17
C ARG A 16 16.53 0.10 -7.07
N GLY A 17 16.25 -0.56 -5.95
CA GLY A 17 17.19 -0.56 -4.85
C GLY A 17 16.76 0.35 -3.71
N GLU A 18 16.17 1.50 -4.07
CA GLU A 18 15.71 2.47 -3.08
C GLU A 18 14.63 1.86 -2.19
N LYS A 19 14.46 2.42 -1.00
CA LYS A 19 13.46 1.94 -0.06
C LYS A 19 12.83 3.11 0.71
N ARG A 20 11.55 2.96 1.05
CA ARG A 20 10.84 3.99 1.79
C ARG A 20 9.82 3.38 2.74
N ILE A 21 10.00 3.62 4.04
CA ILE A 21 9.09 3.09 5.04
C ILE A 21 7.95 4.07 5.32
N LEU A 22 6.73 3.53 5.41
CA LEU A 22 5.55 4.35 5.67
C LEU A 22 4.82 3.87 6.92
N GLN A 23 3.87 4.66 7.39
CA GLN A 23 3.09 4.31 8.57
C GLN A 23 1.60 4.58 8.34
N PHE A 24 0.80 3.53 8.37
CA PHE A 24 -0.64 3.66 8.17
C PHE A 24 -1.41 3.05 9.34
N PRO A 25 -2.08 3.91 10.11
CA PRO A 25 -2.87 3.48 11.28
C PRO A 25 -4.12 2.71 10.87
N ARG A 26 -4.15 1.42 11.21
CA ARG A 26 -5.29 0.58 10.89
C ARG A 26 -6.60 1.23 11.34
N PRO A 27 -7.67 1.00 10.56
CA PRO A 27 -7.60 0.17 9.35
C PRO A 27 -6.82 0.84 8.23
N VAL A 28 -6.01 0.06 7.52
CA VAL A 28 -5.21 0.58 6.43
C VAL A 28 -5.97 0.55 5.11
N LYS A 29 -5.79 1.59 4.31
CA LYS A 29 -6.48 1.70 3.02
C LYS A 29 -5.49 1.52 1.88
N LEU A 30 -5.80 0.62 0.95
CA LEU A 30 -4.94 0.37 -0.20
C LEU A 30 -4.59 1.67 -0.91
N GLU A 31 -5.59 2.51 -1.12
CA GLU A 31 -5.40 3.80 -1.79
C GLU A 31 -4.33 4.62 -1.07
N ASP A 32 -4.38 4.62 0.25
CA ASP A 32 -3.42 5.36 1.05
C ASP A 32 -1.99 4.92 0.74
N LEU A 33 -1.77 3.61 0.75
CA LEU A 33 -0.44 3.06 0.48
C LEU A 33 0.10 3.59 -0.85
N ARG A 34 -0.73 3.52 -1.89
CA ARG A 34 -0.33 3.98 -3.21
C ARG A 34 -0.11 5.50 -3.20
N SER A 35 -1.12 6.24 -2.77
CA SER A 35 -1.04 7.70 -2.72
C SER A 35 0.31 8.14 -2.18
N LYS A 36 0.63 7.71 -0.96
CA LYS A 36 1.89 8.07 -0.33
C LYS A 36 3.07 7.73 -1.23
N ALA A 37 3.25 6.44 -1.50
CA ALA A 37 4.33 5.98 -2.36
C ALA A 37 4.45 6.84 -3.61
N LYS A 38 3.31 7.31 -4.11
CA LYS A 38 3.29 8.15 -5.31
C LYS A 38 3.83 9.55 -4.99
N ILE A 39 3.55 10.03 -3.78
CA ILE A 39 4.01 11.35 -3.37
C ILE A 39 5.49 11.33 -3.00
N ALA A 40 5.91 10.24 -2.36
CA ALA A 40 7.30 10.08 -1.94
C ALA A 40 8.22 9.96 -3.15
N PHE A 41 7.83 9.10 -4.10
CA PHE A 41 8.61 8.89 -5.30
C PHE A 41 8.24 9.89 -6.39
N GLY A 42 6.95 10.21 -6.49
CA GLY A 42 6.49 11.15 -7.48
C GLY A 42 6.22 10.51 -8.83
N GLN A 43 5.62 9.32 -8.80
CA GLN A 43 5.31 8.59 -10.02
C GLN A 43 4.36 7.43 -9.73
N SER A 44 3.47 7.15 -10.68
CA SER A 44 2.50 6.07 -10.53
C SER A 44 3.19 4.71 -10.59
N MET A 45 3.16 3.98 -9.48
CA MET A 45 3.78 2.67 -9.40
C MET A 45 2.89 1.69 -8.66
N ASP A 46 2.91 0.43 -9.09
CA ASP A 46 2.10 -0.61 -8.45
C ASP A 46 2.73 -1.05 -7.12
N LEU A 47 1.94 -1.73 -6.30
CA LEU A 47 2.39 -2.20 -5.01
C LEU A 47 2.34 -3.73 -4.93
N HIS A 48 3.51 -4.36 -5.02
CA HIS A 48 3.59 -5.82 -4.96
C HIS A 48 4.26 -6.27 -3.67
N TYR A 49 3.48 -6.88 -2.79
CA TYR A 49 4.00 -7.36 -1.51
C TYR A 49 4.16 -8.87 -1.52
N THR A 50 5.33 -9.33 -1.07
CA THR A 50 5.62 -10.75 -1.03
C THR A 50 5.40 -11.32 0.36
N ASN A 51 4.52 -12.32 0.47
CA ASN A 51 4.22 -12.96 1.74
C ASN A 51 5.40 -13.77 2.24
N ASN A 52 5.84 -14.72 1.42
CA ASN A 52 6.97 -15.57 1.77
C ASN A 52 7.96 -15.68 0.62
N GLU A 53 7.50 -16.25 -0.49
CA GLU A 53 8.35 -16.42 -1.66
C GLU A 53 7.65 -15.89 -2.92
N LEU A 54 6.33 -15.97 -2.93
CA LEU A 54 5.54 -15.51 -4.06
C LEU A 54 5.33 -14.00 -3.99
N VAL A 55 4.60 -13.47 -4.97
CA VAL A 55 4.33 -12.03 -5.03
C VAL A 55 2.84 -11.77 -5.24
N ILE A 56 2.27 -10.89 -4.42
CA ILE A 56 0.87 -10.53 -4.52
C ILE A 56 0.68 -9.06 -4.84
N PRO A 57 0.30 -8.76 -6.09
CA PRO A 57 0.08 -7.38 -6.54
C PRO A 57 -1.16 -6.76 -5.91
N LEU A 58 -0.94 -5.92 -4.91
CA LEU A 58 -2.04 -5.25 -4.22
C LEU A 58 -2.82 -4.35 -5.17
N THR A 59 -3.94 -4.86 -5.67
CA THR A 59 -4.77 -4.11 -6.59
C THR A 59 -6.10 -3.73 -5.95
N THR A 60 -6.69 -4.66 -5.22
CA THR A 60 -7.96 -4.43 -4.55
C THR A 60 -7.80 -4.43 -3.04
N GLN A 61 -8.75 -3.84 -2.34
CA GLN A 61 -8.72 -3.77 -0.88
C GLN A 61 -8.63 -5.17 -0.29
N ASP A 62 -9.48 -6.07 -0.77
CA ASP A 62 -9.50 -7.44 -0.28
C ASP A 62 -8.08 -7.96 -0.05
N ASP A 63 -7.19 -7.66 -0.98
CA ASP A 63 -5.80 -8.09 -0.87
C ASP A 63 -5.11 -7.43 0.32
N LEU A 64 -5.21 -6.11 0.39
CA LEU A 64 -4.59 -5.36 1.49
C LEU A 64 -5.05 -5.90 2.84
N ASP A 65 -6.36 -5.95 3.04
CA ASP A 65 -6.92 -6.44 4.29
C ASP A 65 -6.36 -7.81 4.64
N LYS A 66 -6.22 -8.66 3.63
CA LYS A 66 -5.68 -10.00 3.82
C LYS A 66 -4.16 -9.97 3.97
N ALA A 67 -3.56 -8.88 3.53
CA ALA A 67 -2.11 -8.71 3.62
C ALA A 67 -1.71 -8.10 4.96
N VAL A 68 -2.60 -7.29 5.53
CA VAL A 68 -2.34 -6.64 6.80
C VAL A 68 -2.62 -7.59 7.97
N GLU A 69 -3.57 -8.49 7.79
CA GLU A 69 -3.93 -9.44 8.83
C GLU A 69 -2.84 -10.51 8.97
N LEU A 70 -2.30 -10.94 7.84
CA LEU A 70 -1.25 -11.96 7.84
C LEU A 70 0.04 -11.42 8.45
N LEU A 71 0.32 -10.15 8.19
CA LEU A 71 1.52 -9.51 8.71
C LEU A 71 1.52 -9.53 10.24
N ASP A 72 0.43 -9.07 10.83
CA ASP A 72 0.31 -9.04 12.29
C ASP A 72 0.51 -10.43 12.88
N ARG A 73 -0.38 -11.36 12.52
CA ARG A 73 -0.30 -12.72 13.01
C ARG A 73 1.10 -13.30 12.80
N SER A 74 1.71 -12.97 11.68
CA SER A 74 3.05 -13.45 11.35
C SER A 74 4.09 -12.86 12.31
N ILE A 75 4.33 -13.56 13.42
CA ILE A 75 5.29 -13.09 14.40
C ILE A 75 6.65 -12.82 13.75
N HIS A 76 7.10 -13.75 12.92
CA HIS A 76 8.38 -13.61 12.24
C HIS A 76 8.37 -12.39 11.32
N MET A 77 7.31 -12.26 10.53
CA MET A 77 7.18 -11.15 9.60
C MET A 77 7.32 -9.81 10.33
N LYS A 78 8.44 -9.14 10.11
CA LYS A 78 8.70 -7.85 10.75
C LYS A 78 7.74 -6.78 10.22
N SER A 79 7.64 -6.68 8.91
CA SER A 79 6.77 -5.69 8.29
C SER A 79 6.24 -6.20 6.94
N LEU A 80 5.37 -5.42 6.32
CA LEU A 80 4.80 -5.79 5.03
C LEU A 80 5.71 -5.37 3.88
N LYS A 81 6.53 -6.30 3.41
CA LYS A 81 7.45 -6.03 2.32
C LYS A 81 6.69 -5.63 1.06
N ILE A 82 7.04 -4.48 0.48
CA ILE A 82 6.39 -4.00 -0.73
C ILE A 82 7.40 -3.81 -1.85
N LEU A 83 6.94 -3.94 -3.09
CA LEU A 83 7.80 -3.77 -4.25
C LEU A 83 7.16 -2.85 -5.28
N LEU A 84 7.65 -1.62 -5.33
CA LEU A 84 7.13 -0.63 -6.27
C LEU A 84 7.60 -0.92 -7.69
N VAL A 85 6.66 -1.05 -8.62
CA VAL A 85 6.98 -1.32 -10.01
C VAL A 85 6.42 -0.24 -10.92
N ILE A 86 7.32 0.42 -11.66
CA ILE A 86 6.92 1.49 -12.58
C ILE A 86 5.82 1.00 -13.51
N ASN A 87 4.92 1.91 -13.88
CA ASN A 87 3.82 1.59 -14.78
C ASN A 87 3.78 2.54 -15.96
N GLY A 88 3.38 2.03 -17.12
CA GLY A 88 3.31 2.85 -18.32
C GLY A 88 2.46 4.09 -18.12
N SER A 89 1.14 3.91 -18.18
CA SER A 89 0.21 5.01 -18.01
C SER A 89 0.53 5.82 -16.75
N THR A 90 0.01 7.04 -16.68
CA THR A 90 0.24 7.90 -15.54
C THR A 90 -1.06 8.28 -14.86
N GLN A 91 -2.04 8.68 -15.67
CA GLN A 91 -3.35 9.07 -15.14
C GLN A 91 -4.43 8.93 -16.20
N ALA A 92 -5.46 8.15 -15.89
CA ALA A 92 -6.56 7.92 -16.82
C ALA A 92 -7.84 8.60 -16.33
N THR A 93 -7.98 9.88 -16.68
CA THR A 93 -9.16 10.65 -16.27
C THR A 93 -10.44 10.01 -16.81
N ASN A 94 -10.42 9.66 -18.09
CA ASN A 94 -11.59 9.04 -18.73
C ASN A 94 -11.20 8.38 -20.05
N LEU A 95 -12.02 7.45 -20.50
CA LEU A 95 -11.77 6.75 -21.76
C LEU A 95 -12.64 7.30 -22.88
N GLU A 96 -13.90 7.59 -22.56
CA GLU A 96 -14.84 8.12 -23.53
C GLU A 96 -14.58 7.54 -24.92
N PRO A 97 -14.57 6.20 -25.01
CA PRO A 97 -14.32 5.49 -26.26
C PRO A 97 -15.48 5.65 -27.25
N SER A 98 -15.27 6.46 -28.28
CA SER A 98 -16.30 6.69 -29.29
C SER A 98 -15.70 7.31 -30.55
N GLY A 99 -16.37 7.13 -31.67
CA GLY A 99 -15.90 7.68 -32.92
C GLY A 99 -16.99 8.39 -33.70
N PRO A 100 -17.22 9.67 -33.39
CA PRO A 100 -18.24 10.48 -34.06
C PRO A 100 -17.87 10.81 -35.50
N SER A 101 -16.63 10.49 -35.87
CA SER A 101 -16.16 10.75 -37.23
C SER A 101 -17.12 10.18 -38.27
N SER A 102 -18.01 11.03 -38.77
CA SER A 102 -18.98 10.60 -39.77
C SER A 102 -18.29 10.04 -41.00
N GLY A 103 -18.48 8.75 -41.26
CA GLY A 103 -17.87 8.12 -42.41
C GLY A 103 -16.38 8.41 -42.51
N GLY A 1 0.61 11.58 16.91
CA GLY A 1 0.01 10.27 17.14
C GLY A 1 -1.39 10.37 17.71
N SER A 2 -1.74 9.42 18.58
CA SER A 2 -3.07 9.39 19.18
C SER A 2 -2.96 9.23 20.70
N SER A 3 -3.66 10.08 21.44
CA SER A 3 -3.64 10.03 22.90
C SER A 3 -4.34 8.77 23.40
N GLY A 4 -3.54 7.75 23.74
CA GLY A 4 -4.10 6.51 24.23
C GLY A 4 -3.62 5.31 23.44
N SER A 5 -4.55 4.67 22.74
CA SER A 5 -4.21 3.50 21.93
C SER A 5 -3.74 3.91 20.53
N SER A 6 -2.57 3.41 20.15
CA SER A 6 -2.00 3.72 18.84
C SER A 6 -1.35 2.49 18.22
N GLY A 7 -1.58 2.30 16.92
CA GLY A 7 -1.01 1.17 16.23
C GLY A 7 -1.02 1.34 14.73
N ASP A 8 0.08 1.87 14.19
CA ASP A 8 0.20 2.10 12.75
C ASP A 8 0.79 0.88 12.06
N VAL A 9 0.55 0.76 10.76
CA VAL A 9 1.07 -0.36 9.98
C VAL A 9 2.36 0.03 9.25
N ARG A 10 3.49 -0.44 9.77
CA ARG A 10 4.78 -0.14 9.16
C ARG A 10 4.90 -0.79 7.79
N VAL A 11 4.96 0.03 6.74
CA VAL A 11 5.07 -0.46 5.38
C VAL A 11 6.36 0.02 4.72
N LYS A 12 7.21 -0.92 4.32
CA LYS A 12 8.47 -0.59 3.68
C LYS A 12 8.38 -0.75 2.16
N PHE A 13 8.86 0.25 1.43
CA PHE A 13 8.83 0.21 -0.02
C PHE A 13 10.21 -0.07 -0.59
N GLU A 14 10.23 -0.64 -1.80
CA GLU A 14 11.50 -0.96 -2.46
C GLU A 14 11.37 -0.83 -3.98
N HIS A 15 12.16 0.07 -4.55
CA HIS A 15 12.14 0.30 -5.99
C HIS A 15 13.53 0.66 -6.51
N ARG A 16 13.99 -0.08 -7.51
CA ARG A 16 15.31 0.16 -8.08
C ARG A 16 16.34 0.45 -7.00
N GLY A 17 16.30 -0.33 -5.93
CA GLY A 17 17.23 -0.15 -4.83
C GLY A 17 16.72 0.84 -3.80
N GLU A 18 15.96 1.83 -4.25
CA GLU A 18 15.40 2.83 -3.36
C GLU A 18 14.46 2.20 -2.33
N LYS A 19 14.42 2.78 -1.14
CA LYS A 19 13.57 2.26 -0.07
C LYS A 19 12.92 3.41 0.70
N ARG A 20 11.67 3.21 1.11
CA ARG A 20 10.94 4.22 1.86
C ARG A 20 9.86 3.58 2.73
N ILE A 21 9.95 3.83 4.03
CA ILE A 21 8.98 3.29 4.99
C ILE A 21 7.94 4.33 5.37
N LEU A 22 6.71 3.88 5.57
CA LEU A 22 5.62 4.77 5.96
C LEU A 22 4.86 4.22 7.16
N GLN A 23 3.86 4.97 7.61
CA GLN A 23 3.05 4.56 8.75
C GLN A 23 1.58 4.84 8.50
N PHE A 24 0.80 3.79 8.32
CA PHE A 24 -0.64 3.92 8.08
C PHE A 24 -1.44 3.37 9.24
N PRO A 25 -2.16 4.25 9.94
CA PRO A 25 -2.99 3.87 11.09
C PRO A 25 -4.22 3.05 10.69
N ARG A 26 -4.26 1.81 11.12
CA ARG A 26 -5.37 0.91 10.80
C ARG A 26 -6.71 1.57 11.16
N PRO A 27 -7.74 1.28 10.36
CA PRO A 27 -7.62 0.41 9.19
C PRO A 27 -6.79 1.04 8.07
N VAL A 28 -5.99 0.23 7.40
CA VAL A 28 -5.14 0.70 6.32
C VAL A 28 -5.91 0.72 5.00
N LYS A 29 -5.80 1.83 4.27
CA LYS A 29 -6.48 1.99 2.99
C LYS A 29 -5.51 1.79 1.83
N LEU A 30 -5.82 0.84 0.97
CA LEU A 30 -4.99 0.55 -0.20
C LEU A 30 -4.56 1.85 -0.89
N GLU A 31 -5.52 2.71 -1.19
CA GLU A 31 -5.24 3.97 -1.85
C GLU A 31 -4.17 4.75 -1.10
N ASP A 32 -4.22 4.70 0.23
CA ASP A 32 -3.26 5.40 1.07
C ASP A 32 -1.84 4.92 0.78
N LEU A 33 -1.67 3.60 0.76
CA LEU A 33 -0.36 3.01 0.49
C LEU A 33 0.22 3.52 -0.83
N ARG A 34 -0.60 3.47 -1.88
CA ARG A 34 -0.18 3.93 -3.19
C ARG A 34 0.09 5.43 -3.19
N SER A 35 -0.81 6.18 -2.58
CA SER A 35 -0.67 7.63 -2.51
C SER A 35 0.70 8.02 -1.96
N LYS A 36 1.05 7.47 -0.81
CA LYS A 36 2.33 7.76 -0.17
C LYS A 36 3.48 7.48 -1.14
N ALA A 37 3.64 6.22 -1.52
CA ALA A 37 4.69 5.82 -2.44
C ALA A 37 4.74 6.75 -3.65
N LYS A 38 3.58 7.19 -4.10
CA LYS A 38 3.49 8.08 -5.25
C LYS A 38 4.02 9.47 -4.90
N ILE A 39 3.80 9.89 -3.66
CA ILE A 39 4.25 11.20 -3.19
C ILE A 39 5.75 11.19 -2.90
N ALA A 40 6.22 10.07 -2.33
CA ALA A 40 7.63 9.93 -2.00
C ALA A 40 8.49 9.90 -3.26
N PHE A 41 8.12 9.06 -4.21
CA PHE A 41 8.85 8.93 -5.46
C PHE A 41 8.37 9.95 -6.49
N GLY A 42 7.07 10.21 -6.51
CA GLY A 42 6.51 11.16 -7.43
C GLY A 42 6.09 10.52 -8.74
N GLN A 43 5.50 9.33 -8.65
CA GLN A 43 5.04 8.61 -9.84
C GLN A 43 4.14 7.44 -9.45
N SER A 44 3.13 7.19 -10.27
CA SER A 44 2.19 6.10 -10.02
C SER A 44 2.83 4.75 -10.30
N MET A 45 2.95 3.92 -9.26
CA MET A 45 3.54 2.61 -9.39
C MET A 45 2.73 1.56 -8.63
N ASP A 46 2.77 0.32 -9.11
CA ASP A 46 2.03 -0.77 -8.48
C ASP A 46 2.66 -1.15 -7.14
N LEU A 47 1.90 -1.88 -6.33
CA LEU A 47 2.37 -2.30 -5.01
C LEU A 47 2.34 -3.81 -4.89
N HIS A 48 3.51 -4.44 -5.05
CA HIS A 48 3.61 -5.89 -4.95
C HIS A 48 4.30 -6.30 -3.65
N TYR A 49 3.52 -6.90 -2.75
CA TYR A 49 4.04 -7.33 -1.46
C TYR A 49 4.22 -8.85 -1.43
N THR A 50 5.35 -9.29 -0.88
CA THR A 50 5.64 -10.72 -0.79
C THR A 50 5.47 -11.22 0.64
N ASN A 51 4.92 -12.43 0.77
CA ASN A 51 4.69 -13.03 2.07
C ASN A 51 5.89 -13.88 2.50
N ASN A 52 6.17 -14.92 1.73
CA ASN A 52 7.28 -15.81 2.02
C ASN A 52 8.13 -16.06 0.77
N GLU A 53 7.56 -16.74 -0.21
CA GLU A 53 8.25 -17.04 -1.45
C GLU A 53 7.36 -16.75 -2.66
N LEU A 54 6.45 -15.80 -2.50
CA LEU A 54 5.54 -15.43 -3.58
C LEU A 54 5.31 -13.93 -3.60
N VAL A 55 4.69 -13.44 -4.67
CA VAL A 55 4.40 -12.02 -4.82
C VAL A 55 2.91 -11.78 -5.05
N ILE A 56 2.34 -10.88 -4.25
CA ILE A 56 0.91 -10.56 -4.38
C ILE A 56 0.71 -9.09 -4.73
N PRO A 57 0.35 -8.84 -6.00
CA PRO A 57 0.12 -7.49 -6.50
C PRO A 57 -1.14 -6.85 -5.89
N LEU A 58 -0.95 -6.01 -4.89
CA LEU A 58 -2.06 -5.34 -4.23
C LEU A 58 -2.85 -4.48 -5.22
N THR A 59 -4.01 -5.00 -5.65
CA THR A 59 -4.85 -4.29 -6.60
C THR A 59 -6.17 -3.87 -5.95
N THR A 60 -6.77 -4.79 -5.20
CA THR A 60 -8.04 -4.51 -4.53
C THR A 60 -7.86 -4.49 -3.01
N GLN A 61 -8.77 -3.82 -2.33
CA GLN A 61 -8.72 -3.72 -0.88
C GLN A 61 -8.65 -5.10 -0.23
N ASP A 62 -9.53 -6.00 -0.68
CA ASP A 62 -9.58 -7.35 -0.15
C ASP A 62 -8.16 -7.91 0.05
N ASP A 63 -7.31 -7.67 -0.94
CA ASP A 63 -5.92 -8.14 -0.88
C ASP A 63 -5.18 -7.51 0.29
N LEU A 64 -5.19 -6.18 0.34
CA LEU A 64 -4.52 -5.45 1.41
C LEU A 64 -4.92 -5.99 2.78
N ASP A 65 -6.22 -6.08 3.01
CA ASP A 65 -6.74 -6.58 4.28
C ASP A 65 -6.14 -7.94 4.61
N LYS A 66 -6.00 -8.79 3.59
CA LYS A 66 -5.44 -10.12 3.77
C LYS A 66 -3.94 -10.05 4.03
N ALA A 67 -3.31 -8.99 3.53
CA ALA A 67 -1.88 -8.80 3.70
C ALA A 67 -1.56 -8.19 5.07
N VAL A 68 -2.45 -7.33 5.55
CA VAL A 68 -2.28 -6.68 6.84
C VAL A 68 -2.59 -7.65 7.98
N GLU A 69 -3.63 -8.46 7.80
CA GLU A 69 -4.02 -9.42 8.83
C GLU A 69 -2.98 -10.52 8.96
N LEU A 70 -2.48 -11.01 7.83
CA LEU A 70 -1.47 -12.07 7.83
C LEU A 70 -0.16 -11.57 8.43
N LEU A 71 0.15 -10.30 8.19
CA LEU A 71 1.38 -9.71 8.70
C LEU A 71 1.39 -9.73 10.23
N ASP A 72 0.35 -9.19 10.84
CA ASP A 72 0.25 -9.15 12.29
C ASP A 72 0.43 -10.55 12.89
N ARG A 73 -0.46 -11.47 12.49
CA ARG A 73 -0.40 -12.84 12.99
C ARG A 73 0.97 -13.46 12.71
N SER A 74 1.53 -13.16 11.54
CA SER A 74 2.83 -13.69 11.16
C SER A 74 3.92 -13.19 12.09
N ILE A 75 4.72 -14.11 12.61
CA ILE A 75 5.81 -13.76 13.50
C ILE A 75 7.10 -13.46 12.75
N HIS A 76 7.45 -14.36 11.83
CA HIS A 76 8.66 -14.19 11.03
C HIS A 76 8.65 -12.83 10.32
N MET A 77 7.51 -12.47 9.76
CA MET A 77 7.38 -11.20 9.04
C MET A 77 7.06 -10.07 10.03
N LYS A 78 8.00 -9.15 10.18
CA LYS A 78 7.82 -8.02 11.08
C LYS A 78 6.97 -6.94 10.43
N SER A 79 7.30 -6.62 9.18
CA SER A 79 6.58 -5.59 8.44
C SER A 79 6.06 -6.14 7.11
N LEU A 80 5.34 -5.31 6.36
CA LEU A 80 4.80 -5.71 5.08
C LEU A 80 5.71 -5.25 3.93
N LYS A 81 6.55 -6.16 3.45
CA LYS A 81 7.46 -5.84 2.36
C LYS A 81 6.69 -5.52 1.08
N ILE A 82 6.98 -4.36 0.50
CA ILE A 82 6.32 -3.93 -0.72
C ILE A 82 7.34 -3.68 -1.83
N LEU A 83 6.95 -4.01 -3.06
CA LEU A 83 7.82 -3.82 -4.21
C LEU A 83 7.14 -2.95 -5.27
N LEU A 84 7.58 -1.70 -5.37
CA LEU A 84 7.01 -0.77 -6.35
C LEU A 84 7.51 -1.08 -7.75
N VAL A 85 6.58 -1.15 -8.71
CA VAL A 85 6.93 -1.44 -10.09
C VAL A 85 6.35 -0.39 -11.03
N ILE A 86 7.23 0.25 -11.80
CA ILE A 86 6.81 1.29 -12.73
C ILE A 86 5.73 0.76 -13.68
N ASN A 87 4.72 1.57 -13.92
CA ASN A 87 3.61 1.18 -14.80
C ASN A 87 3.53 2.12 -16.01
N GLY A 88 4.69 2.46 -16.56
CA GLY A 88 4.73 3.34 -17.71
C GLY A 88 4.71 4.81 -17.32
N SER A 89 5.12 5.67 -18.24
CA SER A 89 5.15 7.11 -17.99
C SER A 89 3.77 7.62 -17.59
N THR A 90 3.64 8.04 -16.33
CA THR A 90 2.37 8.54 -15.82
C THR A 90 2.58 9.46 -14.63
N GLN A 91 1.73 10.46 -14.49
CA GLN A 91 1.83 11.41 -13.38
C GLN A 91 0.44 11.93 -12.99
N ALA A 92 0.35 12.47 -11.77
CA ALA A 92 -0.91 13.01 -11.27
C ALA A 92 -0.68 13.87 -10.04
N THR A 93 -1.30 15.04 -10.02
CA THR A 93 -1.17 15.97 -8.91
C THR A 93 -2.48 16.08 -8.13
N ASN A 94 -2.57 15.39 -7.01
CA ASN A 94 -3.76 15.42 -6.18
C ASN A 94 -3.45 14.98 -4.75
N LEU A 95 -4.33 15.31 -3.81
CA LEU A 95 -4.15 14.95 -2.41
C LEU A 95 -5.35 14.15 -1.90
N GLU A 96 -6.54 14.59 -2.27
CA GLU A 96 -7.77 13.92 -1.85
C GLU A 96 -8.99 14.54 -2.52
N PRO A 97 -10.03 13.72 -2.73
CA PRO A 97 -11.27 14.17 -3.37
C PRO A 97 -12.08 15.10 -2.47
N SER A 98 -12.10 16.38 -2.82
CA SER A 98 -12.83 17.37 -2.03
C SER A 98 -13.25 18.55 -2.90
N GLY A 99 -14.05 19.45 -2.33
CA GLY A 99 -14.50 20.62 -3.06
C GLY A 99 -15.66 21.32 -2.39
N PRO A 100 -15.35 22.18 -1.41
CA PRO A 100 -16.37 22.93 -0.67
C PRO A 100 -17.06 23.99 -1.53
N SER A 101 -18.11 24.59 -0.99
CA SER A 101 -18.86 25.61 -1.70
C SER A 101 -19.73 26.42 -0.74
N SER A 102 -20.00 27.67 -1.11
CA SER A 102 -20.81 28.55 -0.28
C SER A 102 -22.00 29.09 -1.07
N GLY A 103 -23.21 28.72 -0.65
CA GLY A 103 -24.41 29.18 -1.33
C GLY A 103 -25.50 28.12 -1.35
N GLY A 1 -8.34 19.56 15.54
CA GLY A 1 -8.16 18.13 15.32
C GLY A 1 -7.13 17.52 16.25
N SER A 2 -5.92 17.34 15.75
CA SER A 2 -4.85 16.76 16.55
C SER A 2 -5.38 15.70 17.50
N SER A 3 -6.29 14.86 16.99
CA SER A 3 -6.89 13.81 17.80
C SER A 3 -5.83 12.81 18.27
N GLY A 4 -5.09 12.24 17.32
CA GLY A 4 -4.05 11.30 17.66
C GLY A 4 -4.55 9.86 17.63
N SER A 5 -3.64 8.93 17.33
CA SER A 5 -4.00 7.51 17.25
C SER A 5 -2.82 6.64 17.67
N SER A 6 -3.07 5.34 17.77
CA SER A 6 -2.03 4.39 18.16
C SER A 6 -2.12 3.12 17.34
N GLY A 7 -0.99 2.43 17.20
CA GLY A 7 -0.97 1.19 16.44
C GLY A 7 -1.00 1.44 14.94
N ASP A 8 0.18 1.63 14.35
CA ASP A 8 0.28 1.87 12.92
C ASP A 8 0.86 0.66 12.19
N VAL A 9 0.72 0.64 10.87
CA VAL A 9 1.23 -0.47 10.07
C VAL A 9 2.47 -0.04 9.29
N ARG A 10 3.63 -0.45 9.79
CA ARG A 10 4.90 -0.12 9.14
C ARG A 10 5.00 -0.79 7.77
N VAL A 11 5.11 0.01 6.72
CA VAL A 11 5.22 -0.52 5.36
C VAL A 11 6.48 0.00 4.67
N LYS A 12 7.37 -0.92 4.32
CA LYS A 12 8.62 -0.56 3.66
C LYS A 12 8.51 -0.76 2.15
N PHE A 13 8.93 0.24 1.39
CA PHE A 13 8.88 0.17 -0.05
C PHE A 13 10.25 -0.14 -0.64
N GLU A 14 10.27 -0.60 -1.88
CA GLU A 14 11.52 -0.96 -2.56
C GLU A 14 11.40 -0.78 -4.07
N HIS A 15 12.19 0.12 -4.62
CA HIS A 15 12.18 0.38 -6.06
C HIS A 15 13.57 0.76 -6.56
N ARG A 16 14.00 0.11 -7.63
CA ARG A 16 15.31 0.38 -8.22
C ARG A 16 16.39 0.47 -7.12
N GLY A 17 16.21 -0.32 -6.08
CA GLY A 17 17.16 -0.33 -4.98
C GLY A 17 16.76 0.62 -3.86
N GLU A 18 16.11 1.72 -4.22
CA GLU A 18 15.67 2.71 -3.24
C GLU A 18 14.68 2.09 -2.27
N LYS A 19 14.57 2.70 -1.08
CA LYS A 19 13.66 2.22 -0.06
C LYS A 19 13.01 3.38 0.68
N ARG A 20 11.75 3.19 1.09
CA ARG A 20 11.02 4.23 1.80
C ARG A 20 9.94 3.61 2.70
N ILE A 21 10.08 3.82 4.01
CA ILE A 21 9.12 3.28 4.97
C ILE A 21 8.06 4.33 5.32
N LEU A 22 6.84 3.86 5.55
CA LEU A 22 5.74 4.74 5.90
C LEU A 22 4.99 4.23 7.13
N GLN A 23 3.96 4.96 7.53
CA GLN A 23 3.17 4.58 8.69
C GLN A 23 1.68 4.79 8.44
N PHE A 24 0.93 3.70 8.35
CA PHE A 24 -0.51 3.78 8.09
C PHE A 24 -1.29 3.22 9.29
N PRO A 25 -2.01 4.11 9.98
CA PRO A 25 -2.82 3.73 11.15
C PRO A 25 -4.04 2.90 10.76
N ARG A 26 -4.06 1.65 11.21
CA ARG A 26 -5.18 0.75 10.91
C ARG A 26 -6.50 1.39 11.30
N PRO A 27 -7.56 1.09 10.51
CA PRO A 27 -7.45 0.22 9.34
C PRO A 27 -6.65 0.87 8.21
N VAL A 28 -5.94 0.04 7.45
CA VAL A 28 -5.14 0.52 6.33
C VAL A 28 -5.95 0.55 5.05
N LYS A 29 -5.74 1.58 4.24
CA LYS A 29 -6.45 1.73 2.98
C LYS A 29 -5.50 1.55 1.79
N LEU A 30 -5.85 0.64 0.90
CA LEU A 30 -5.02 0.37 -0.28
C LEU A 30 -4.64 1.66 -0.98
N GLU A 31 -5.62 2.57 -1.12
CA GLU A 31 -5.38 3.84 -1.78
C GLU A 31 -4.30 4.64 -1.05
N ASP A 32 -4.32 4.59 0.27
CA ASP A 32 -3.33 5.30 1.08
C ASP A 32 -1.93 4.86 0.73
N LEU A 33 -1.68 3.55 0.82
CA LEU A 33 -0.37 3.00 0.51
C LEU A 33 0.17 3.55 -0.80
N ARG A 34 -0.68 3.55 -1.83
CA ARG A 34 -0.29 4.05 -3.14
C ARG A 34 -0.01 5.54 -3.08
N SER A 35 -0.96 6.31 -2.56
CA SER A 35 -0.81 7.76 -2.46
C SER A 35 0.58 8.12 -1.95
N LYS A 36 0.92 7.64 -0.76
CA LYS A 36 2.23 7.91 -0.16
C LYS A 36 3.35 7.57 -1.14
N ALA A 37 3.45 6.30 -1.50
CA ALA A 37 4.48 5.84 -2.42
C ALA A 37 4.54 6.73 -3.65
N LYS A 38 3.39 7.27 -4.06
CA LYS A 38 3.32 8.13 -5.22
C LYS A 38 3.92 9.51 -4.91
N ILE A 39 3.72 9.97 -3.69
CA ILE A 39 4.24 11.26 -3.27
C ILE A 39 5.73 11.19 -2.96
N ALA A 40 6.16 10.05 -2.42
CA ALA A 40 7.56 9.84 -2.08
C ALA A 40 8.43 9.83 -3.33
N PHE A 41 8.04 9.02 -4.32
CA PHE A 41 8.78 8.92 -5.57
C PHE A 41 8.30 9.96 -6.58
N GLY A 42 6.99 10.18 -6.60
CA GLY A 42 6.42 11.15 -7.52
C GLY A 42 6.03 10.52 -8.84
N GLN A 43 5.54 9.29 -8.78
CA GLN A 43 5.13 8.58 -9.99
C GLN A 43 4.19 7.43 -9.64
N SER A 44 3.27 7.12 -10.55
CA SER A 44 2.31 6.04 -10.34
C SER A 44 2.98 4.68 -10.49
N MET A 45 3.01 3.92 -9.41
CA MET A 45 3.62 2.60 -9.43
C MET A 45 2.78 1.59 -8.66
N ASP A 46 2.78 0.34 -9.11
CA ASP A 46 2.01 -0.71 -8.46
C ASP A 46 2.64 -1.11 -7.14
N LEU A 47 1.87 -1.80 -6.30
CA LEU A 47 2.35 -2.24 -5.00
C LEU A 47 2.31 -3.77 -4.89
N HIS A 48 3.47 -4.39 -5.02
CA HIS A 48 3.57 -5.84 -4.94
C HIS A 48 4.26 -6.27 -3.64
N TYR A 49 3.48 -6.87 -2.75
CA TYR A 49 4.01 -7.32 -1.47
C TYR A 49 4.16 -8.84 -1.45
N THR A 50 5.36 -9.30 -1.07
CA THR A 50 5.63 -10.73 -1.01
C THR A 50 5.45 -11.27 0.41
N ASN A 51 4.63 -12.30 0.53
CA ASN A 51 4.36 -12.91 1.84
C ASN A 51 5.58 -13.67 2.35
N ASN A 52 6.03 -14.65 1.57
CA ASN A 52 7.19 -15.44 1.94
C ASN A 52 8.15 -15.60 0.76
N GLU A 53 7.64 -16.18 -0.32
CA GLU A 53 8.45 -16.39 -1.53
C GLU A 53 7.72 -15.89 -2.77
N LEU A 54 6.40 -15.97 -2.74
CA LEU A 54 5.58 -15.51 -3.87
C LEU A 54 5.37 -14.00 -3.82
N VAL A 55 4.67 -13.48 -4.81
CA VAL A 55 4.39 -12.05 -4.89
C VAL A 55 2.90 -11.79 -5.11
N ILE A 56 2.33 -10.93 -4.27
CA ILE A 56 0.91 -10.60 -4.38
C ILE A 56 0.72 -9.12 -4.75
N PRO A 57 0.34 -8.88 -6.01
CA PRO A 57 0.12 -7.51 -6.52
C PRO A 57 -1.13 -6.87 -5.91
N LEU A 58 -0.91 -6.00 -4.92
CA LEU A 58 -2.01 -5.32 -4.25
C LEU A 58 -2.75 -4.41 -5.23
N THR A 59 -3.89 -4.88 -5.71
CA THR A 59 -4.71 -4.11 -6.65
C THR A 59 -6.05 -3.74 -6.04
N THR A 60 -6.65 -4.68 -5.32
CA THR A 60 -7.95 -4.45 -4.69
C THR A 60 -7.81 -4.43 -3.17
N GLN A 61 -8.72 -3.71 -2.52
CA GLN A 61 -8.71 -3.61 -1.05
C GLN A 61 -8.68 -4.99 -0.41
N ASP A 62 -9.53 -5.88 -0.89
CA ASP A 62 -9.60 -7.24 -0.36
C ASP A 62 -8.20 -7.80 -0.14
N ASP A 63 -7.32 -7.60 -1.10
CA ASP A 63 -5.95 -8.09 -1.01
C ASP A 63 -5.22 -7.44 0.16
N LEU A 64 -5.29 -6.12 0.25
CA LEU A 64 -4.65 -5.38 1.32
C LEU A 64 -5.08 -5.92 2.69
N ASP A 65 -6.39 -5.92 2.93
CA ASP A 65 -6.93 -6.41 4.19
C ASP A 65 -6.39 -7.80 4.52
N LYS A 66 -6.25 -8.63 3.49
CA LYS A 66 -5.73 -9.98 3.67
C LYS A 66 -4.22 -9.98 3.85
N ALA A 67 -3.58 -8.89 3.43
CA ALA A 67 -2.13 -8.75 3.56
C ALA A 67 -1.76 -8.14 4.91
N VAL A 68 -2.68 -7.38 5.48
CA VAL A 68 -2.44 -6.74 6.76
C VAL A 68 -2.77 -7.68 7.92
N GLU A 69 -3.72 -8.59 7.69
CA GLU A 69 -4.12 -9.54 8.72
C GLU A 69 -3.08 -10.64 8.86
N LEU A 70 -2.52 -11.07 7.73
CA LEU A 70 -1.50 -12.13 7.74
C LEU A 70 -0.19 -11.62 8.31
N LEU A 71 0.07 -10.33 8.12
CA LEU A 71 1.30 -9.73 8.63
C LEU A 71 1.32 -9.71 10.15
N ASP A 72 0.24 -9.21 10.75
CA ASP A 72 0.13 -9.15 12.20
C ASP A 72 0.34 -10.52 12.82
N ARG A 73 -0.50 -11.48 12.44
CA ARG A 73 -0.42 -12.84 12.95
C ARG A 73 0.99 -13.40 12.77
N SER A 74 1.59 -13.10 11.61
CA SER A 74 2.93 -13.59 11.31
C SER A 74 3.93 -13.10 12.36
N ILE A 75 4.54 -14.05 13.06
CA ILE A 75 5.53 -13.73 14.08
C ILE A 75 6.89 -13.47 13.47
N HIS A 76 7.29 -14.33 12.54
CA HIS A 76 8.59 -14.18 11.87
C HIS A 76 8.65 -12.87 11.09
N MET A 77 7.56 -12.52 10.44
CA MET A 77 7.48 -11.28 9.66
C MET A 77 7.34 -10.07 10.57
N LYS A 78 8.15 -9.05 10.33
CA LYS A 78 8.10 -7.83 11.12
C LYS A 78 7.24 -6.77 10.44
N SER A 79 7.54 -6.48 9.19
CA SER A 79 6.80 -5.48 8.43
C SER A 79 6.33 -6.05 7.10
N LEU A 80 5.43 -5.33 6.43
CA LEU A 80 4.89 -5.76 5.15
C LEU A 80 5.81 -5.34 4.00
N LYS A 81 6.57 -6.29 3.47
CA LYS A 81 7.48 -6.02 2.37
C LYS A 81 6.72 -5.66 1.10
N ILE A 82 7.00 -4.47 0.56
CA ILE A 82 6.34 -4.02 -0.66
C ILE A 82 7.35 -3.77 -1.77
N LEU A 83 6.95 -4.03 -3.01
CA LEU A 83 7.82 -3.83 -4.16
C LEU A 83 7.15 -2.93 -5.20
N LEU A 84 7.61 -1.69 -5.27
CA LEU A 84 7.06 -0.73 -6.23
C LEU A 84 7.53 -1.03 -7.65
N VAL A 85 6.59 -1.15 -8.57
CA VAL A 85 6.92 -1.44 -9.96
C VAL A 85 6.31 -0.40 -10.89
N ILE A 86 7.16 0.26 -11.67
CA ILE A 86 6.71 1.29 -12.60
C ILE A 86 5.60 0.74 -13.51
N ASN A 87 4.44 1.40 -13.46
CA ASN A 87 3.29 0.99 -14.27
C ASN A 87 3.40 1.57 -15.68
N GLY A 88 3.40 2.89 -15.77
CA GLY A 88 3.50 3.55 -17.07
C GLY A 88 2.54 4.72 -17.19
N SER A 89 1.53 4.57 -18.05
CA SER A 89 0.55 5.63 -18.27
C SER A 89 -0.63 5.46 -17.32
N THR A 90 -1.29 6.58 -17.01
CA THR A 90 -2.44 6.57 -16.12
C THR A 90 -3.72 6.93 -16.87
N GLN A 91 -4.42 5.93 -17.35
CA GLN A 91 -5.67 6.15 -18.08
C GLN A 91 -6.44 4.85 -18.24
N ALA A 92 -7.72 4.96 -18.58
CA ALA A 92 -8.58 3.79 -18.76
C ALA A 92 -7.85 2.70 -19.52
N THR A 93 -8.09 1.45 -19.11
CA THR A 93 -7.44 0.30 -19.75
C THR A 93 -7.99 0.09 -21.17
N ASN A 94 -7.29 0.65 -22.15
CA ASN A 94 -7.70 0.53 -23.54
C ASN A 94 -6.64 1.12 -24.47
N LEU A 95 -6.13 0.31 -25.39
CA LEU A 95 -5.12 0.75 -26.34
C LEU A 95 -5.26 0.02 -27.67
N GLU A 96 -4.70 0.60 -28.72
CA GLU A 96 -4.76 0.00 -30.05
C GLU A 96 -3.42 -0.60 -30.44
N PRO A 97 -3.45 -1.78 -31.08
CA PRO A 97 -2.24 -2.47 -31.52
C PRO A 97 -1.54 -1.76 -32.68
N SER A 98 -0.42 -1.11 -32.37
CA SER A 98 0.33 -0.39 -33.38
C SER A 98 1.81 -0.27 -32.99
N GLY A 99 2.68 -0.86 -33.79
CA GLY A 99 4.10 -0.82 -33.51
C GLY A 99 4.61 0.60 -33.33
N PRO A 100 5.79 0.74 -32.70
CA PRO A 100 6.41 2.04 -32.45
C PRO A 100 6.91 2.71 -33.73
N SER A 101 7.38 1.88 -34.67
CA SER A 101 7.88 2.39 -35.94
C SER A 101 6.98 1.97 -37.09
N SER A 102 7.19 2.58 -38.26
CA SER A 102 6.38 2.28 -39.43
C SER A 102 7.28 1.87 -40.60
N GLY A 103 6.92 0.76 -41.25
CA GLY A 103 7.70 0.28 -42.37
C GLY A 103 6.90 0.24 -43.66
N GLY A 1 -12.21 9.91 24.83
CA GLY A 1 -10.92 9.37 25.18
C GLY A 1 -10.97 7.90 25.54
N SER A 2 -10.94 7.05 24.52
CA SER A 2 -10.99 5.60 24.72
C SER A 2 -9.76 4.92 24.15
N SER A 3 -9.59 3.64 24.45
CA SER A 3 -8.46 2.88 23.96
C SER A 3 -8.91 1.59 23.29
N GLY A 4 -8.01 0.99 22.51
CA GLY A 4 -8.35 -0.24 21.82
C GLY A 4 -7.16 -0.81 21.06
N SER A 5 -7.22 -0.73 19.74
CA SER A 5 -6.14 -1.24 18.89
C SER A 5 -5.19 -0.12 18.47
N SER A 6 -4.20 0.14 19.32
CA SER A 6 -3.22 1.18 19.04
C SER A 6 -1.98 0.61 18.37
N GLY A 7 -1.67 1.11 17.18
CA GLY A 7 -0.50 0.63 16.46
C GLY A 7 -0.65 0.80 14.95
N ASP A 8 0.33 1.47 14.35
CA ASP A 8 0.31 1.71 12.90
C ASP A 8 0.84 0.49 12.15
N VAL A 9 0.76 0.54 10.83
CA VAL A 9 1.23 -0.55 9.98
C VAL A 9 2.42 -0.12 9.15
N ARG A 10 3.63 -0.39 9.65
CA ARG A 10 4.85 -0.04 8.94
C ARG A 10 4.92 -0.74 7.59
N VAL A 11 5.11 0.04 6.53
CA VAL A 11 5.19 -0.51 5.18
C VAL A 11 6.46 -0.04 4.48
N LYS A 12 7.42 -0.95 4.36
CA LYS A 12 8.70 -0.64 3.71
C LYS A 12 8.59 -0.82 2.21
N PHE A 13 8.89 0.24 1.46
CA PHE A 13 8.83 0.20 0.00
C PHE A 13 10.21 -0.16 -0.59
N GLU A 14 10.20 -0.60 -1.83
CA GLU A 14 11.45 -0.97 -2.51
C GLU A 14 11.34 -0.69 -4.01
N HIS A 15 12.40 -0.12 -4.58
CA HIS A 15 12.43 0.20 -5.99
C HIS A 15 13.88 0.33 -6.49
N ARG A 16 14.33 -0.66 -7.25
CA ARG A 16 15.69 -0.66 -7.79
C ARG A 16 16.67 -0.10 -6.75
N GLY A 17 16.66 -0.69 -5.56
CA GLY A 17 17.55 -0.25 -4.51
C GLY A 17 16.90 0.76 -3.59
N GLU A 18 16.11 1.66 -4.15
CA GLU A 18 15.43 2.68 -3.36
C GLU A 18 14.47 2.05 -2.36
N LYS A 19 14.36 2.68 -1.19
CA LYS A 19 13.48 2.18 -0.14
C LYS A 19 12.82 3.33 0.61
N ARG A 20 11.59 3.11 1.07
CA ARG A 20 10.85 4.13 1.80
C ARG A 20 9.83 3.49 2.74
N ILE A 21 10.02 3.71 4.04
CA ILE A 21 9.11 3.16 5.04
C ILE A 21 7.98 4.12 5.36
N LEU A 22 6.75 3.62 5.35
CA LEU A 22 5.58 4.43 5.63
C LEU A 22 4.86 3.93 6.87
N GLN A 23 3.90 4.72 7.35
CA GLN A 23 3.13 4.37 8.54
C GLN A 23 1.65 4.67 8.35
N PHE A 24 0.84 3.62 8.26
CA PHE A 24 -0.60 3.77 8.07
C PHE A 24 -1.37 3.16 9.24
N PRO A 25 -2.02 4.03 10.03
CA PRO A 25 -2.81 3.60 11.19
C PRO A 25 -4.07 2.86 10.78
N ARG A 26 -4.10 1.55 11.05
CA ARG A 26 -5.25 0.73 10.72
C ARG A 26 -6.54 1.40 11.15
N PRO A 27 -7.63 1.16 10.39
CA PRO A 27 -7.58 0.30 9.21
C PRO A 27 -6.80 0.92 8.06
N VAL A 28 -6.02 0.10 7.36
CA VAL A 28 -5.22 0.58 6.25
C VAL A 28 -6.03 0.62 4.97
N LYS A 29 -5.82 1.66 4.17
CA LYS A 29 -6.54 1.82 2.91
C LYS A 29 -5.60 1.69 1.72
N LEU A 30 -5.80 0.63 0.93
CA LEU A 30 -4.97 0.39 -0.24
C LEU A 30 -4.63 1.69 -0.95
N GLU A 31 -5.64 2.52 -1.18
CA GLU A 31 -5.46 3.80 -1.85
C GLU A 31 -4.41 4.64 -1.14
N ASP A 32 -4.47 4.66 0.18
CA ASP A 32 -3.51 5.42 0.98
C ASP A 32 -2.08 5.00 0.66
N LEU A 33 -1.82 3.69 0.73
CA LEU A 33 -0.49 3.16 0.44
C LEU A 33 0.04 3.69 -0.88
N ARG A 34 -0.80 3.64 -1.91
CA ARG A 34 -0.41 4.12 -3.23
C ARG A 34 -0.14 5.63 -3.21
N SER A 35 -1.13 6.39 -2.75
CA SER A 35 -1.01 7.84 -2.69
C SER A 35 0.36 8.25 -2.18
N LYS A 36 0.70 7.82 -0.97
CA LYS A 36 1.99 8.13 -0.38
C LYS A 36 3.13 7.73 -1.30
N ALA A 37 3.26 6.44 -1.56
CA ALA A 37 4.30 5.92 -2.43
C ALA A 37 4.42 6.76 -3.70
N LYS A 38 3.30 7.33 -4.12
CA LYS A 38 3.28 8.16 -5.33
C LYS A 38 3.82 9.55 -5.04
N ILE A 39 3.54 10.06 -3.85
CA ILE A 39 4.00 11.38 -3.44
C ILE A 39 5.48 11.36 -3.09
N ALA A 40 5.96 10.22 -2.61
CA ALA A 40 7.36 10.06 -2.24
C ALA A 40 8.24 9.98 -3.49
N PHE A 41 7.85 9.13 -4.43
CA PHE A 41 8.60 8.96 -5.67
C PHE A 41 8.13 9.93 -6.73
N GLY A 42 6.81 10.04 -6.88
CA GLY A 42 6.25 10.93 -7.88
C GLY A 42 5.55 10.20 -8.99
N GLN A 43 5.52 8.87 -8.90
CA GLN A 43 4.88 8.05 -9.92
C GLN A 43 3.85 7.11 -9.28
N SER A 44 2.89 6.66 -10.08
CA SER A 44 1.85 5.77 -9.60
C SER A 44 2.32 4.32 -9.62
N MET A 45 3.59 4.12 -9.30
CA MET A 45 4.17 2.78 -9.27
C MET A 45 3.25 1.81 -8.55
N ASP A 46 3.19 0.57 -9.06
CA ASP A 46 2.35 -0.46 -8.45
C ASP A 46 2.91 -0.91 -7.12
N LEU A 47 2.08 -1.58 -6.33
CA LEU A 47 2.49 -2.07 -5.01
C LEU A 47 2.41 -3.59 -4.96
N HIS A 48 3.57 -4.25 -5.04
CA HIS A 48 3.63 -5.70 -5.00
C HIS A 48 4.31 -6.17 -3.72
N TYR A 49 3.53 -6.78 -2.83
CA TYR A 49 4.04 -7.27 -1.56
C TYR A 49 4.21 -8.79 -1.60
N THR A 50 5.31 -9.27 -1.02
CA THR A 50 5.58 -10.70 -0.98
C THR A 50 5.41 -11.26 0.42
N ASN A 51 4.74 -12.41 0.52
CA ASN A 51 4.51 -13.04 1.82
C ASN A 51 5.68 -13.94 2.20
N ASN A 52 5.77 -15.11 1.56
CA ASN A 52 6.84 -16.05 1.82
C ASN A 52 7.82 -16.11 0.67
N GLU A 53 7.42 -16.76 -0.42
CA GLU A 53 8.27 -16.89 -1.60
C GLU A 53 7.49 -16.54 -2.86
N LEU A 54 6.32 -15.94 -2.69
CA LEU A 54 5.48 -15.56 -3.82
C LEU A 54 5.31 -14.04 -3.87
N VAL A 55 4.51 -13.58 -4.85
CA VAL A 55 4.25 -12.16 -5.00
C VAL A 55 2.78 -11.88 -5.24
N ILE A 56 2.24 -10.90 -4.53
CA ILE A 56 0.84 -10.54 -4.67
C ILE A 56 0.67 -9.04 -4.92
N PRO A 57 0.27 -8.70 -6.15
CA PRO A 57 0.06 -7.30 -6.55
C PRO A 57 -1.16 -6.67 -5.88
N LEU A 58 -0.90 -5.80 -4.91
CA LEU A 58 -1.97 -5.13 -4.19
C LEU A 58 -2.78 -4.24 -5.12
N THR A 59 -3.89 -4.78 -5.63
CA THR A 59 -4.76 -4.02 -6.53
C THR A 59 -6.05 -3.62 -5.85
N THR A 60 -6.67 -4.58 -5.15
CA THR A 60 -7.92 -4.31 -4.45
C THR A 60 -7.71 -4.34 -2.93
N GLN A 61 -8.63 -3.71 -2.21
CA GLN A 61 -8.54 -3.67 -0.74
C GLN A 61 -8.52 -5.08 -0.16
N ASP A 62 -9.37 -5.95 -0.69
CA ASP A 62 -9.44 -7.33 -0.22
C ASP A 62 -8.06 -7.91 -0.02
N ASP A 63 -7.16 -7.63 -0.96
CA ASP A 63 -5.78 -8.13 -0.88
C ASP A 63 -5.03 -7.48 0.28
N LEU A 64 -5.13 -6.16 0.37
CA LEU A 64 -4.46 -5.42 1.43
C LEU A 64 -4.88 -5.94 2.81
N ASP A 65 -6.19 -6.06 3.01
CA ASP A 65 -6.72 -6.55 4.28
C ASP A 65 -6.14 -7.92 4.62
N LYS A 66 -6.01 -8.78 3.61
CA LYS A 66 -5.46 -10.12 3.81
C LYS A 66 -3.95 -10.06 3.99
N ALA A 67 -3.34 -8.97 3.53
CA ALA A 67 -1.90 -8.80 3.64
C ALA A 67 -1.52 -8.21 4.99
N VAL A 68 -2.40 -7.37 5.54
CA VAL A 68 -2.16 -6.74 6.82
C VAL A 68 -2.49 -7.68 7.97
N GLU A 69 -3.61 -8.38 7.85
CA GLU A 69 -4.04 -9.31 8.88
C GLU A 69 -3.04 -10.46 9.03
N LEU A 70 -2.41 -10.84 7.92
CA LEU A 70 -1.43 -11.91 7.92
C LEU A 70 -0.10 -11.46 8.52
N LEU A 71 0.21 -10.17 8.33
CA LEU A 71 1.44 -9.61 8.85
C LEU A 71 1.45 -9.60 10.37
N ASP A 72 0.40 -9.03 10.96
CA ASP A 72 0.27 -8.96 12.41
C ASP A 72 0.41 -10.35 13.03
N ARG A 73 -0.42 -11.28 12.55
CA ARG A 73 -0.41 -12.64 13.06
C ARG A 73 0.94 -13.31 12.79
N SER A 74 1.53 -12.98 11.64
CA SER A 74 2.82 -13.55 11.26
C SER A 74 3.94 -13.03 12.16
N ILE A 75 4.33 -13.84 13.14
CA ILE A 75 5.40 -13.47 14.07
C ILE A 75 6.74 -13.37 13.35
N HIS A 76 7.10 -14.43 12.64
CA HIS A 76 8.36 -14.47 11.91
C HIS A 76 8.59 -13.16 11.14
N MET A 77 7.58 -12.76 10.37
CA MET A 77 7.66 -11.54 9.60
C MET A 77 7.74 -10.31 10.50
N LYS A 78 8.26 -9.21 9.96
CA LYS A 78 8.39 -7.97 10.73
C LYS A 78 7.43 -6.91 10.21
N SER A 79 7.53 -6.62 8.91
CA SER A 79 6.67 -5.62 8.29
C SER A 79 6.15 -6.11 6.94
N LEU A 80 5.31 -5.30 6.31
CA LEU A 80 4.74 -5.65 5.01
C LEU A 80 5.66 -5.21 3.88
N LYS A 81 6.51 -6.13 3.41
CA LYS A 81 7.43 -5.83 2.33
C LYS A 81 6.68 -5.51 1.05
N ILE A 82 6.96 -4.33 0.49
CA ILE A 82 6.30 -3.90 -0.74
C ILE A 82 7.33 -3.58 -1.82
N LEU A 83 6.99 -3.92 -3.07
CA LEU A 83 7.88 -3.67 -4.19
C LEU A 83 7.25 -2.71 -5.19
N LEU A 84 7.74 -1.48 -5.22
CA LEU A 84 7.23 -0.46 -6.12
C LEU A 84 7.71 -0.71 -7.55
N VAL A 85 6.76 -0.96 -8.45
CA VAL A 85 7.08 -1.22 -9.85
C VAL A 85 6.51 -0.14 -10.75
N ILE A 86 7.36 0.43 -11.59
CA ILE A 86 6.93 1.49 -12.51
C ILE A 86 5.72 1.05 -13.33
N ASN A 87 4.79 1.97 -13.55
CA ASN A 87 3.59 1.68 -14.31
C ASN A 87 3.54 2.53 -15.58
N GLY A 88 3.83 3.82 -15.44
CA GLY A 88 3.81 4.72 -16.57
C GLY A 88 2.60 5.63 -16.56
N SER A 89 1.83 5.61 -17.65
CA SER A 89 0.64 6.44 -17.76
C SER A 89 -0.62 5.65 -17.43
N THR A 90 -1.75 6.35 -17.33
CA THR A 90 -3.02 5.71 -17.01
C THR A 90 -4.17 6.72 -17.08
N GLN A 91 -5.24 6.34 -17.78
CA GLN A 91 -6.39 7.21 -17.92
C GLN A 91 -7.14 7.33 -16.59
N ALA A 92 -7.67 8.52 -16.33
CA ALA A 92 -8.42 8.78 -15.11
C ALA A 92 -9.80 9.34 -15.40
N THR A 93 -10.81 8.48 -15.36
CA THR A 93 -12.19 8.89 -15.62
C THR A 93 -13.02 8.88 -14.35
N ASN A 94 -14.03 9.74 -14.30
CA ASN A 94 -14.90 9.83 -13.14
C ASN A 94 -15.98 8.76 -13.17
N LEU A 95 -16.61 8.59 -14.34
CA LEU A 95 -17.65 7.59 -14.51
C LEU A 95 -17.97 7.39 -15.99
N GLU A 96 -18.29 6.15 -16.35
CA GLU A 96 -18.62 5.82 -17.74
C GLU A 96 -20.12 5.95 -17.99
N PRO A 97 -20.48 6.56 -19.13
CA PRO A 97 -21.88 6.76 -19.51
C PRO A 97 -22.58 5.45 -19.87
N SER A 98 -23.72 5.21 -19.24
CA SER A 98 -24.49 4.00 -19.49
C SER A 98 -25.99 4.24 -19.29
N GLY A 99 -26.80 3.32 -19.79
CA GLY A 99 -28.24 3.47 -19.66
C GLY A 99 -28.70 4.89 -19.85
N PRO A 100 -28.65 5.38 -21.10
CA PRO A 100 -29.07 6.73 -21.45
C PRO A 100 -30.57 6.93 -21.34
N SER A 101 -30.99 7.84 -20.47
CA SER A 101 -32.41 8.12 -20.27
C SER A 101 -33.18 6.83 -20.01
N SER A 102 -32.59 5.94 -19.22
CA SER A 102 -33.23 4.67 -18.89
C SER A 102 -32.90 4.26 -17.46
N GLY A 103 -33.95 3.99 -16.67
CA GLY A 103 -33.75 3.59 -15.29
C GLY A 103 -35.06 3.26 -14.60
N GLY A 1 -6.36 15.11 24.84
CA GLY A 1 -5.60 13.91 25.12
C GLY A 1 -6.43 12.64 24.97
N SER A 2 -6.33 12.00 23.81
CA SER A 2 -7.09 10.78 23.54
C SER A 2 -6.55 9.62 24.37
N SER A 3 -7.35 8.56 24.47
CA SER A 3 -6.96 7.37 25.24
C SER A 3 -7.45 6.10 24.56
N GLY A 4 -6.61 5.07 24.59
CA GLY A 4 -6.98 3.80 23.97
C GLY A 4 -5.92 3.29 23.02
N SER A 5 -5.56 2.01 23.16
CA SER A 5 -4.55 1.41 22.31
C SER A 5 -4.71 1.88 20.86
N SER A 6 -3.59 1.92 20.14
CA SER A 6 -3.60 2.35 18.75
C SER A 6 -2.23 2.15 18.11
N GLY A 7 -2.17 1.30 17.09
CA GLY A 7 -0.92 1.04 16.41
C GLY A 7 -1.03 1.20 14.91
N ASP A 8 0.09 1.55 14.27
CA ASP A 8 0.12 1.75 12.83
C ASP A 8 0.72 0.53 12.12
N VAL A 9 0.72 0.55 10.80
CA VAL A 9 1.28 -0.53 10.01
C VAL A 9 2.48 -0.07 9.19
N ARG A 10 3.68 -0.40 9.67
CA ARG A 10 4.91 -0.01 8.99
C ARG A 10 5.04 -0.74 7.65
N VAL A 11 4.99 0.03 6.56
CA VAL A 11 5.10 -0.54 5.23
C VAL A 11 6.41 -0.12 4.56
N LYS A 12 7.28 -1.09 4.31
CA LYS A 12 8.57 -0.82 3.67
C LYS A 12 8.46 -0.94 2.16
N PHE A 13 8.91 0.10 1.46
CA PHE A 13 8.86 0.11 0.00
C PHE A 13 10.21 -0.28 -0.59
N GLU A 14 10.19 -0.72 -1.85
CA GLU A 14 11.41 -1.14 -2.52
C GLU A 14 11.30 -0.90 -4.03
N HIS A 15 12.21 -0.09 -4.56
CA HIS A 15 12.22 0.22 -5.99
C HIS A 15 13.65 0.45 -6.49
N ARG A 16 14.12 -0.47 -7.34
CA ARG A 16 15.46 -0.37 -7.88
C ARG A 16 16.50 -0.18 -6.77
N GLY A 17 16.31 -0.91 -5.67
CA GLY A 17 17.23 -0.81 -4.56
C GLY A 17 16.77 0.19 -3.52
N GLU A 18 16.17 1.28 -3.97
CA GLU A 18 15.68 2.32 -3.07
C GLU A 18 14.62 1.77 -2.13
N LYS A 19 14.53 2.36 -0.94
CA LYS A 19 13.56 1.94 0.05
C LYS A 19 12.81 3.14 0.64
N ARG A 20 11.56 2.93 1.02
CA ARG A 20 10.75 3.99 1.59
C ARG A 20 9.75 3.42 2.62
N ILE A 21 9.91 3.83 3.87
CA ILE A 21 9.04 3.37 4.94
C ILE A 21 7.86 4.31 5.13
N LEU A 22 6.69 3.74 5.40
CA LEU A 22 5.48 4.53 5.60
C LEU A 22 4.73 4.07 6.85
N GLN A 23 3.77 4.88 7.28
CA GLN A 23 2.97 4.54 8.47
C GLN A 23 1.49 4.77 8.21
N PHE A 24 0.71 3.69 8.24
CA PHE A 24 -0.72 3.77 8.01
C PHE A 24 -1.50 3.18 9.18
N PRO A 25 -2.20 4.05 9.92
CA PRO A 25 -2.99 3.64 11.08
C PRO A 25 -4.22 2.84 10.68
N ARG A 26 -4.21 1.55 10.99
CA ARG A 26 -5.33 0.67 10.67
C ARG A 26 -6.65 1.28 11.11
N PRO A 27 -7.73 1.01 10.35
CA PRO A 27 -7.65 0.18 9.16
C PRO A 27 -6.89 0.87 8.02
N VAL A 28 -5.95 0.13 7.41
CA VAL A 28 -5.16 0.67 6.31
C VAL A 28 -5.97 0.72 5.03
N LYS A 29 -5.73 1.76 4.23
CA LYS A 29 -6.44 1.93 2.96
C LYS A 29 -5.51 1.66 1.78
N LEU A 30 -5.89 0.71 0.94
CA LEU A 30 -5.09 0.35 -0.23
C LEU A 30 -4.73 1.60 -1.03
N GLU A 31 -5.70 2.48 -1.22
CA GLU A 31 -5.48 3.71 -1.97
C GLU A 31 -4.45 4.59 -1.27
N ASP A 32 -4.53 4.65 0.05
CA ASP A 32 -3.60 5.46 0.84
C ASP A 32 -2.15 5.04 0.57
N LEU A 33 -1.89 3.75 0.63
CA LEU A 33 -0.55 3.22 0.40
C LEU A 33 0.00 3.71 -0.94
N ARG A 34 -0.81 3.58 -1.99
CA ARG A 34 -0.41 4.01 -3.32
C ARG A 34 -0.15 5.52 -3.35
N SER A 35 -1.16 6.29 -2.93
CA SER A 35 -1.05 7.74 -2.91
C SER A 35 0.29 8.18 -2.35
N LYS A 36 0.59 7.74 -1.12
CA LYS A 36 1.84 8.09 -0.47
C LYS A 36 3.03 7.74 -1.35
N ALA A 37 3.21 6.45 -1.61
CA ALA A 37 4.31 5.99 -2.45
C ALA A 37 4.48 6.88 -3.67
N LYS A 38 3.37 7.36 -4.21
CA LYS A 38 3.39 8.23 -5.38
C LYS A 38 3.97 9.60 -5.03
N ILE A 39 3.64 10.09 -3.85
CA ILE A 39 4.14 11.39 -3.39
C ILE A 39 5.60 11.31 -2.99
N ALA A 40 5.98 10.21 -2.35
CA ALA A 40 7.35 10.01 -1.91
C ALA A 40 8.31 10.01 -3.10
N PHE A 41 8.01 9.19 -4.10
CA PHE A 41 8.85 9.09 -5.29
C PHE A 41 8.43 10.13 -6.33
N GLY A 42 7.13 10.38 -6.42
CA GLY A 42 6.61 11.34 -7.38
C GLY A 42 6.22 10.70 -8.69
N GLN A 43 5.87 9.42 -8.64
CA GLN A 43 5.48 8.69 -9.85
C GLN A 43 4.51 7.56 -9.50
N SER A 44 3.60 7.26 -10.43
CA SER A 44 2.61 6.21 -10.22
C SER A 44 3.25 4.84 -10.39
N MET A 45 3.18 4.03 -9.34
CA MET A 45 3.74 2.69 -9.36
C MET A 45 2.85 1.71 -8.59
N ASP A 46 2.87 0.46 -9.01
CA ASP A 46 2.08 -0.58 -8.36
C ASP A 46 2.70 -1.02 -7.05
N LEU A 47 1.92 -1.69 -6.21
CA LEU A 47 2.41 -2.17 -4.92
C LEU A 47 2.35 -3.69 -4.85
N HIS A 48 3.51 -4.32 -5.00
CA HIS A 48 3.59 -5.78 -4.94
C HIS A 48 4.25 -6.24 -3.64
N TYR A 49 3.45 -6.85 -2.77
CA TYR A 49 3.94 -7.34 -1.48
C TYR A 49 4.12 -8.84 -1.50
N THR A 50 5.27 -9.31 -1.01
CA THR A 50 5.56 -10.74 -0.97
C THR A 50 5.39 -11.30 0.44
N ASN A 51 4.78 -12.47 0.53
CA ASN A 51 4.54 -13.11 1.83
C ASN A 51 5.75 -13.97 2.22
N ASN A 52 5.93 -15.10 1.54
CA ASN A 52 7.03 -15.99 1.84
C ASN A 52 7.92 -16.17 0.61
N GLU A 53 7.38 -16.83 -0.41
CA GLU A 53 8.13 -17.08 -1.64
C GLU A 53 7.27 -16.77 -2.86
N LEU A 54 6.38 -15.78 -2.73
CA LEU A 54 5.49 -15.39 -3.82
C LEU A 54 5.27 -13.88 -3.81
N VAL A 55 4.67 -13.38 -4.88
CA VAL A 55 4.38 -11.95 -5.00
C VAL A 55 2.89 -11.70 -5.20
N ILE A 56 2.35 -10.74 -4.47
CA ILE A 56 0.94 -10.40 -4.58
C ILE A 56 0.74 -8.92 -4.89
N PRO A 57 0.34 -8.62 -6.13
CA PRO A 57 0.12 -7.25 -6.58
C PRO A 57 -1.11 -6.62 -5.93
N LEU A 58 -0.89 -5.89 -4.85
CA LEU A 58 -1.98 -5.23 -4.12
C LEU A 58 -2.77 -4.32 -5.05
N THR A 59 -3.91 -4.82 -5.54
CA THR A 59 -4.75 -4.04 -6.43
C THR A 59 -6.11 -3.77 -5.80
N THR A 60 -6.61 -4.74 -5.05
CA THR A 60 -7.90 -4.61 -4.37
C THR A 60 -7.75 -4.60 -2.86
N GLN A 61 -8.73 -4.05 -2.17
CA GLN A 61 -8.71 -3.97 -0.72
C GLN A 61 -8.52 -5.36 -0.11
N ASP A 62 -9.33 -6.32 -0.56
CA ASP A 62 -9.25 -7.69 -0.07
C ASP A 62 -7.81 -8.11 0.14
N ASP A 63 -6.96 -7.76 -0.82
CA ASP A 63 -5.54 -8.11 -0.75
C ASP A 63 -4.86 -7.41 0.42
N LEU A 64 -5.03 -6.10 0.50
CA LEU A 64 -4.44 -5.31 1.57
C LEU A 64 -4.91 -5.81 2.93
N ASP A 65 -6.22 -5.86 3.12
CA ASP A 65 -6.80 -6.33 4.37
C ASP A 65 -6.24 -7.71 4.75
N LYS A 66 -6.05 -8.56 3.75
CA LYS A 66 -5.52 -9.90 3.97
C LYS A 66 -4.02 -9.86 4.21
N ALA A 67 -3.37 -8.80 3.72
CA ALA A 67 -1.93 -8.65 3.88
C ALA A 67 -1.60 -8.06 5.24
N VAL A 68 -2.43 -7.14 5.71
CA VAL A 68 -2.21 -6.50 7.01
C VAL A 68 -2.54 -7.46 8.15
N GLU A 69 -3.57 -8.28 7.95
CA GLU A 69 -3.98 -9.24 8.97
C GLU A 69 -2.97 -10.38 9.08
N LEU A 70 -2.49 -10.85 7.93
CA LEU A 70 -1.51 -11.94 7.90
C LEU A 70 -0.18 -11.49 8.46
N LEU A 71 0.15 -10.21 8.26
CA LEU A 71 1.41 -9.66 8.75
C LEU A 71 1.47 -9.71 10.26
N ASP A 72 0.46 -9.12 10.91
CA ASP A 72 0.39 -9.09 12.37
C ASP A 72 0.58 -10.50 12.94
N ARG A 73 -0.30 -11.42 12.55
CA ARG A 73 -0.24 -12.79 13.03
C ARG A 73 1.15 -13.38 12.80
N SER A 74 1.70 -13.12 11.61
CA SER A 74 3.02 -13.64 11.26
C SER A 74 4.05 -13.28 12.32
N ILE A 75 4.86 -14.27 12.70
CA ILE A 75 5.88 -14.06 13.72
C ILE A 75 7.19 -13.61 13.09
N HIS A 76 7.68 -14.37 12.11
CA HIS A 76 8.92 -14.04 11.43
C HIS A 76 8.82 -12.67 10.75
N MET A 77 7.77 -12.48 9.97
CA MET A 77 7.56 -11.21 9.28
C MET A 77 7.30 -10.08 10.26
N LYS A 78 8.08 -9.02 10.17
CA LYS A 78 7.93 -7.88 11.05
C LYS A 78 7.04 -6.81 10.42
N SER A 79 7.33 -6.47 9.16
CA SER A 79 6.56 -5.47 8.44
C SER A 79 6.06 -6.02 7.11
N LEU A 80 5.24 -5.23 6.41
CA LEU A 80 4.69 -5.64 5.13
C LEU A 80 5.59 -5.17 3.98
N LYS A 81 6.46 -6.06 3.52
CA LYS A 81 7.38 -5.73 2.42
C LYS A 81 6.59 -5.40 1.16
N ILE A 82 6.96 -4.30 0.52
CA ILE A 82 6.29 -3.86 -0.70
C ILE A 82 7.31 -3.58 -1.81
N LEU A 83 6.96 -3.96 -3.04
CA LEU A 83 7.85 -3.74 -4.18
C LEU A 83 7.18 -2.83 -5.21
N LEU A 84 7.62 -1.58 -5.26
CA LEU A 84 7.08 -0.61 -6.20
C LEU A 84 7.58 -0.88 -7.61
N VAL A 85 6.66 -0.91 -8.58
CA VAL A 85 7.02 -1.14 -9.97
C VAL A 85 6.45 -0.06 -10.88
N ILE A 86 7.25 0.38 -11.84
CA ILE A 86 6.82 1.40 -12.78
C ILE A 86 5.69 0.90 -13.68
N ASN A 87 4.66 1.73 -13.85
CA ASN A 87 3.52 1.36 -14.67
C ASN A 87 3.42 2.29 -15.89
N GLY A 88 3.34 3.60 -15.62
CA GLY A 88 3.23 4.57 -16.69
C GLY A 88 2.91 5.96 -16.17
N SER A 89 2.05 6.67 -16.91
CA SER A 89 1.66 8.02 -16.52
C SER A 89 0.19 8.07 -16.13
N THR A 90 -0.11 8.86 -15.11
CA THR A 90 -1.49 9.00 -14.64
C THR A 90 -1.87 10.47 -14.49
N GLN A 91 -3.07 10.82 -14.98
CA GLN A 91 -3.55 12.18 -14.90
C GLN A 91 -4.49 12.37 -13.72
N ALA A 92 -4.14 11.77 -12.59
CA ALA A 92 -4.95 11.87 -11.38
C ALA A 92 -4.07 12.02 -10.15
N THR A 93 -4.37 13.04 -9.34
CA THR A 93 -3.60 13.30 -8.13
C THR A 93 -4.52 13.71 -6.98
N ASN A 94 -4.20 13.24 -5.78
CA ASN A 94 -5.00 13.56 -4.60
C ASN A 94 -4.32 13.07 -3.33
N LEU A 95 -4.75 13.58 -2.19
CA LEU A 95 -4.18 13.20 -0.90
C LEU A 95 -4.98 13.79 0.25
N GLU A 96 -5.26 12.96 1.25
CA GLU A 96 -6.02 13.40 2.42
C GLU A 96 -5.16 14.25 3.34
N PRO A 97 -5.77 15.30 3.92
CA PRO A 97 -5.08 16.21 4.83
C PRO A 97 -4.74 15.55 6.16
N SER A 98 -4.24 16.35 7.11
CA SER A 98 -3.88 15.84 8.42
C SER A 98 -4.28 16.82 9.52
N GLY A 99 -5.05 16.34 10.49
CA GLY A 99 -5.49 17.18 11.58
C GLY A 99 -6.29 16.42 12.62
N PRO A 100 -6.05 16.73 13.90
CA PRO A 100 -6.75 16.09 15.02
C PRO A 100 -8.23 16.47 15.08
N SER A 101 -9.08 15.48 15.35
CA SER A 101 -10.51 15.72 15.45
C SER A 101 -10.89 16.22 16.84
N SER A 102 -10.63 15.40 17.85
CA SER A 102 -10.95 15.75 19.22
C SER A 102 -10.38 17.12 19.58
N GLY A 103 -11.23 17.97 20.16
CA GLY A 103 -10.79 19.30 20.54
C GLY A 103 -11.66 20.39 19.95
N GLY A 1 -11.92 6.56 15.40
CA GLY A 1 -11.26 5.32 15.06
C GLY A 1 -10.04 5.06 15.93
N SER A 2 -10.21 5.18 17.24
CA SER A 2 -9.12 4.97 18.18
C SER A 2 -9.38 3.73 19.04
N SER A 3 -10.48 3.77 19.78
CA SER A 3 -10.84 2.67 20.67
C SER A 3 -9.79 2.46 21.74
N GLY A 4 -9.30 3.55 22.30
CA GLY A 4 -8.28 3.47 23.34
C GLY A 4 -6.87 3.42 22.78
N SER A 5 -6.33 2.21 22.70
CA SER A 5 -4.98 2.01 22.18
C SER A 5 -4.90 2.37 20.70
N SER A 6 -3.70 2.33 20.15
CA SER A 6 -3.49 2.66 18.75
C SER A 6 -2.36 1.83 18.16
N GLY A 7 -2.29 1.79 16.83
CA GLY A 7 -1.24 1.03 16.16
C GLY A 7 -1.26 1.22 14.66
N ASP A 8 -0.10 1.49 14.08
CA ASP A 8 0.02 1.70 12.64
C ASP A 8 0.67 0.49 11.97
N VAL A 9 0.57 0.44 10.65
CA VAL A 9 1.15 -0.66 9.89
C VAL A 9 2.42 -0.22 9.16
N ARG A 10 3.56 -0.65 9.67
CA ARG A 10 4.84 -0.29 9.08
C ARG A 10 4.99 -0.92 7.70
N VAL A 11 4.95 -0.09 6.67
CA VAL A 11 5.08 -0.57 5.29
C VAL A 11 6.38 -0.06 4.66
N LYS A 12 7.18 -0.99 4.15
CA LYS A 12 8.44 -0.64 3.51
C LYS A 12 8.34 -0.77 2.00
N PHE A 13 8.82 0.24 1.28
CA PHE A 13 8.79 0.24 -0.18
C PHE A 13 10.17 -0.05 -0.76
N GLU A 14 10.20 -0.60 -1.96
CA GLU A 14 11.45 -0.92 -2.62
C GLU A 14 11.35 -0.68 -4.13
N HIS A 15 12.33 0.03 -4.67
CA HIS A 15 12.35 0.34 -6.10
C HIS A 15 13.79 0.58 -6.57
N ARG A 16 14.34 -0.39 -7.28
CA ARG A 16 15.70 -0.28 -7.80
C ARG A 16 16.65 0.23 -6.72
N GLY A 17 16.48 -0.27 -5.51
CA GLY A 17 17.34 0.14 -4.41
C GLY A 17 16.66 1.17 -3.51
N GLU A 18 15.81 2.00 -4.11
CA GLU A 18 15.10 3.03 -3.36
C GLU A 18 14.20 2.41 -2.30
N LYS A 19 14.44 2.77 -1.04
CA LYS A 19 13.65 2.25 0.07
C LYS A 19 12.98 3.39 0.85
N ARG A 20 11.74 3.18 1.25
CA ARG A 20 10.99 4.18 2.00
C ARG A 20 9.90 3.54 2.85
N ILE A 21 9.99 3.73 4.16
CA ILE A 21 9.02 3.16 5.08
C ILE A 21 7.96 4.20 5.47
N LEU A 22 6.73 3.74 5.67
CA LEU A 22 5.63 4.61 6.04
C LEU A 22 4.85 4.04 7.22
N GLN A 23 3.82 4.78 7.66
CA GLN A 23 3.01 4.34 8.78
C GLN A 23 1.53 4.62 8.51
N PHE A 24 0.75 3.56 8.32
CA PHE A 24 -0.67 3.69 8.05
C PHE A 24 -1.50 3.14 9.23
N PRO A 25 -2.18 4.06 9.93
CA PRO A 25 -3.02 3.70 11.09
C PRO A 25 -4.27 2.93 10.67
N ARG A 26 -4.37 1.69 11.13
CA ARG A 26 -5.52 0.85 10.81
C ARG A 26 -6.82 1.52 11.23
N PRO A 27 -7.90 1.27 10.47
CA PRO A 27 -7.83 0.39 9.30
C PRO A 27 -7.05 1.02 8.15
N VAL A 28 -6.10 0.26 7.60
CA VAL A 28 -5.27 0.74 6.51
C VAL A 28 -6.03 0.66 5.18
N LYS A 29 -5.84 1.68 4.35
CA LYS A 29 -6.50 1.73 3.05
C LYS A 29 -5.51 1.48 1.93
N LEU A 30 -5.92 0.67 0.95
CA LEU A 30 -5.06 0.35 -0.19
C LEU A 30 -4.61 1.62 -0.91
N GLU A 31 -5.58 2.48 -1.23
CA GLU A 31 -5.29 3.73 -1.92
C GLU A 31 -4.23 4.54 -1.16
N ASP A 32 -4.32 4.51 0.17
CA ASP A 32 -3.39 5.24 1.01
C ASP A 32 -1.95 4.80 0.73
N LEU A 33 -1.72 3.49 0.79
CA LEU A 33 -0.40 2.93 0.54
C LEU A 33 0.19 3.47 -0.76
N ARG A 34 -0.61 3.44 -1.81
CA ARG A 34 -0.17 3.93 -3.12
C ARG A 34 0.08 5.43 -3.08
N SER A 35 -0.84 6.17 -2.50
CA SER A 35 -0.72 7.62 -2.39
C SER A 35 0.66 8.01 -1.89
N LYS A 36 1.02 7.51 -0.72
CA LYS A 36 2.32 7.80 -0.12
C LYS A 36 3.45 7.47 -1.10
N ALA A 37 3.60 6.21 -1.44
CA ALA A 37 4.63 5.77 -2.37
C ALA A 37 4.71 6.69 -3.57
N LYS A 38 3.57 7.24 -3.97
CA LYS A 38 3.50 8.15 -5.11
C LYS A 38 4.03 9.53 -4.73
N ILE A 39 3.78 9.94 -3.50
CA ILE A 39 4.22 11.23 -3.00
C ILE A 39 5.71 11.23 -2.72
N ALA A 40 6.20 10.12 -2.17
CA ALA A 40 7.62 10.00 -1.84
C ALA A 40 8.47 9.96 -3.10
N PHE A 41 8.07 9.14 -4.07
CA PHE A 41 8.80 9.02 -5.32
C PHE A 41 8.33 10.07 -6.33
N GLY A 42 7.02 10.31 -6.35
CA GLY A 42 6.46 11.29 -7.28
C GLY A 42 6.06 10.67 -8.60
N GLN A 43 5.77 9.38 -8.58
CA GLN A 43 5.36 8.67 -9.79
C GLN A 43 4.41 7.51 -9.46
N SER A 44 3.47 7.26 -10.35
CA SER A 44 2.50 6.18 -10.16
C SER A 44 3.16 4.81 -10.36
N MET A 45 3.12 3.98 -9.33
CA MET A 45 3.71 2.66 -9.40
C MET A 45 2.85 1.64 -8.65
N ASP A 46 2.93 0.38 -9.07
CA ASP A 46 2.15 -0.68 -8.44
C ASP A 46 2.76 -1.09 -7.10
N LEU A 47 1.99 -1.78 -6.28
CA LEU A 47 2.45 -2.22 -4.97
C LEU A 47 2.39 -3.75 -4.86
N HIS A 48 3.52 -4.40 -5.04
CA HIS A 48 3.59 -5.86 -4.95
C HIS A 48 4.26 -6.30 -3.65
N TYR A 49 3.47 -6.88 -2.76
CA TYR A 49 3.98 -7.35 -1.48
C TYR A 49 4.11 -8.86 -1.46
N THR A 50 5.22 -9.34 -0.91
CA THR A 50 5.48 -10.77 -0.83
C THR A 50 5.25 -11.29 0.58
N ASN A 51 4.71 -12.50 0.69
CA ASN A 51 4.43 -13.11 1.99
C ASN A 51 5.58 -14.03 2.40
N ASN A 52 5.75 -15.12 1.66
CA ASN A 52 6.80 -16.09 1.94
C ASN A 52 7.64 -16.37 0.69
N GLU A 53 7.02 -17.06 -0.27
CA GLU A 53 7.72 -17.40 -1.51
C GLU A 53 6.85 -17.04 -2.72
N LEU A 54 6.00 -16.04 -2.57
CA LEU A 54 5.12 -15.60 -3.65
C LEU A 54 4.91 -14.10 -3.61
N VAL A 55 4.42 -13.54 -4.72
CA VAL A 55 4.18 -12.11 -4.82
C VAL A 55 2.70 -11.82 -5.04
N ILE A 56 2.16 -10.88 -4.29
CA ILE A 56 0.76 -10.50 -4.41
C ILE A 56 0.61 -9.03 -4.77
N PRO A 57 0.25 -8.77 -6.04
CA PRO A 57 0.07 -7.39 -6.54
C PRO A 57 -1.16 -6.72 -5.95
N LEU A 58 -0.95 -5.92 -4.90
CA LEU A 58 -2.04 -5.21 -4.25
C LEU A 58 -2.80 -4.35 -5.24
N THR A 59 -3.93 -4.87 -5.72
CA THR A 59 -4.76 -4.14 -6.67
C THR A 59 -6.08 -3.71 -6.04
N THR A 60 -6.68 -4.60 -5.27
CA THR A 60 -7.95 -4.31 -4.60
C THR A 60 -7.79 -4.34 -3.08
N GLN A 61 -8.73 -3.71 -2.39
CA GLN A 61 -8.69 -3.67 -0.93
C GLN A 61 -8.67 -5.09 -0.35
N ASP A 62 -9.54 -5.94 -0.86
CA ASP A 62 -9.62 -7.32 -0.39
C ASP A 62 -8.23 -7.89 -0.15
N ASP A 63 -7.33 -7.65 -1.10
CA ASP A 63 -5.95 -8.14 -1.00
C ASP A 63 -5.25 -7.53 0.20
N LEU A 64 -5.27 -6.20 0.29
CA LEU A 64 -4.63 -5.49 1.38
C LEU A 64 -5.10 -6.03 2.72
N ASP A 65 -6.41 -6.06 2.93
CA ASP A 65 -6.98 -6.56 4.17
C ASP A 65 -6.43 -7.94 4.51
N LYS A 66 -6.23 -8.76 3.49
CA LYS A 66 -5.70 -10.11 3.67
C LYS A 66 -4.20 -10.08 3.91
N ALA A 67 -3.55 -9.03 3.40
CA ALA A 67 -2.10 -8.87 3.56
C ALA A 67 -1.77 -8.24 4.91
N VAL A 68 -2.69 -7.44 5.43
CA VAL A 68 -2.48 -6.78 6.71
C VAL A 68 -2.75 -7.73 7.88
N GLU A 69 -3.79 -8.56 7.72
CA GLU A 69 -4.15 -9.52 8.76
C GLU A 69 -3.05 -10.55 8.95
N LEU A 70 -2.45 -10.98 7.86
CA LEU A 70 -1.39 -11.98 7.90
C LEU A 70 -0.11 -11.39 8.47
N LEU A 71 0.06 -10.07 8.32
CA LEU A 71 1.23 -9.38 8.83
C LEU A 71 1.25 -9.39 10.34
N ASP A 72 0.12 -9.06 10.95
CA ASP A 72 0.00 -9.03 12.40
C ASP A 72 0.33 -10.40 13.00
N ARG A 73 -0.32 -11.44 12.48
CA ARG A 73 -0.10 -12.79 12.96
C ARG A 73 1.34 -13.24 12.68
N SER A 74 1.84 -12.88 11.51
CA SER A 74 3.19 -13.25 11.11
C SER A 74 4.23 -12.56 12.01
N ILE A 75 4.96 -13.36 12.76
CA ILE A 75 5.99 -12.84 13.67
C ILE A 75 7.28 -12.53 12.91
N HIS A 76 7.90 -13.58 12.36
CA HIS A 76 9.14 -13.41 11.61
C HIS A 76 9.06 -12.21 10.67
N MET A 77 7.89 -12.01 10.08
CA MET A 77 7.69 -10.88 9.16
C MET A 77 7.73 -9.56 9.91
N LYS A 78 8.89 -8.91 9.91
CA LYS A 78 9.07 -7.63 10.58
C LYS A 78 8.02 -6.62 10.12
N SER A 79 7.81 -6.56 8.81
CA SER A 79 6.84 -5.64 8.23
C SER A 79 6.34 -6.15 6.88
N LEU A 80 5.42 -5.39 6.27
CA LEU A 80 4.86 -5.77 4.98
C LEU A 80 5.75 -5.29 3.85
N LYS A 81 6.61 -6.19 3.34
CA LYS A 81 7.51 -5.87 2.26
C LYS A 81 6.73 -5.53 0.99
N ILE A 82 7.08 -4.41 0.36
CA ILE A 82 6.42 -3.99 -0.86
C ILE A 82 7.43 -3.77 -1.99
N LEU A 83 7.01 -4.09 -3.22
CA LEU A 83 7.88 -3.93 -4.38
C LEU A 83 7.23 -3.02 -5.42
N LEU A 84 7.73 -1.80 -5.53
CA LEU A 84 7.20 -0.84 -6.49
C LEU A 84 7.65 -1.18 -7.91
N VAL A 85 6.70 -1.19 -8.84
CA VAL A 85 7.00 -1.49 -10.23
C VAL A 85 6.42 -0.45 -11.17
N ILE A 86 7.28 0.22 -11.93
CA ILE A 86 6.84 1.25 -12.86
C ILE A 86 5.69 0.75 -13.72
N ASN A 87 4.50 1.28 -13.46
CA ASN A 87 3.31 0.89 -14.21
C ASN A 87 3.23 1.65 -15.54
N GLY A 88 3.21 2.97 -15.45
CA GLY A 88 3.14 3.79 -16.65
C GLY A 88 2.60 5.18 -16.37
N SER A 89 2.60 6.03 -17.39
CA SER A 89 2.10 7.39 -17.25
C SER A 89 0.58 7.41 -17.12
N THR A 90 0.10 7.54 -15.90
CA THR A 90 -1.34 7.57 -15.65
C THR A 90 -1.66 8.43 -14.43
N GLN A 91 -2.93 8.83 -14.33
CA GLN A 91 -3.37 9.66 -13.20
C GLN A 91 -4.47 8.96 -12.41
N ALA A 92 -4.28 8.89 -11.10
CA ALA A 92 -5.25 8.25 -10.23
C ALA A 92 -6.31 9.24 -9.76
N THR A 93 -7.57 8.94 -10.09
CA THR A 93 -8.68 9.81 -9.72
C THR A 93 -9.48 9.21 -8.56
N ASN A 94 -9.51 9.92 -7.44
CA ASN A 94 -10.24 9.47 -6.27
C ASN A 94 -10.56 10.63 -5.33
N LEU A 95 -11.80 10.69 -4.87
CA LEU A 95 -12.24 11.75 -3.97
C LEU A 95 -12.30 11.25 -2.53
N GLU A 96 -12.51 12.17 -1.60
CA GLU A 96 -12.59 11.82 -0.19
C GLU A 96 -13.90 12.33 0.42
N PRO A 97 -14.93 11.48 0.41
CA PRO A 97 -16.25 11.81 0.95
C PRO A 97 -16.23 11.92 2.47
N SER A 98 -17.24 12.60 3.02
CA SER A 98 -17.33 12.78 4.46
C SER A 98 -18.75 13.19 4.86
N GLY A 99 -19.23 12.63 5.97
CA GLY A 99 -20.58 12.95 6.43
C GLY A 99 -20.93 12.22 7.72
N PRO A 100 -20.51 12.79 8.86
CA PRO A 100 -20.77 12.21 10.18
C PRO A 100 -22.24 12.29 10.56
N SER A 101 -22.59 11.67 11.69
CA SER A 101 -23.96 11.68 12.17
C SER A 101 -24.08 12.42 13.48
N SER A 102 -25.31 12.56 13.99
CA SER A 102 -25.56 13.25 15.24
C SER A 102 -27.03 13.14 15.64
N GLY A 103 -27.27 13.01 16.94
CA GLY A 103 -28.63 12.89 17.44
C GLY A 103 -28.73 12.01 18.67
N GLY A 1 -0.36 3.32 29.22
CA GLY A 1 -1.34 3.34 30.29
C GLY A 1 -2.77 3.39 29.79
N SER A 2 -3.66 3.97 30.58
CA SER A 2 -5.06 4.08 30.19
C SER A 2 -5.21 4.38 28.71
N SER A 3 -4.66 5.52 28.29
CA SER A 3 -4.72 5.93 26.89
C SER A 3 -3.82 5.06 26.02
N GLY A 4 -4.11 5.02 24.73
CA GLY A 4 -3.32 4.23 23.81
C GLY A 4 -3.47 4.69 22.37
N SER A 5 -4.27 3.96 21.59
CA SER A 5 -4.49 4.29 20.20
C SER A 5 -3.16 4.36 19.44
N SER A 6 -2.29 3.39 19.70
CA SER A 6 -0.99 3.34 19.05
C SER A 6 -0.78 2.00 18.35
N GLY A 7 -0.96 2.00 17.03
CA GLY A 7 -0.79 0.77 16.27
C GLY A 7 -0.93 1.00 14.78
N ASP A 8 0.19 1.25 14.10
CA ASP A 8 0.18 1.48 12.67
C ASP A 8 0.68 0.26 11.91
N VAL A 9 0.56 0.29 10.59
CA VAL A 9 1.00 -0.82 9.75
C VAL A 9 2.25 -0.45 8.96
N ARG A 10 3.41 -0.72 9.55
CA ARG A 10 4.69 -0.42 8.90
C ARG A 10 4.75 -1.03 7.50
N VAL A 11 5.14 -0.21 6.53
CA VAL A 11 5.24 -0.68 5.15
C VAL A 11 6.56 -0.25 4.52
N LYS A 12 7.44 -1.21 4.29
CA LYS A 12 8.74 -0.94 3.69
C LYS A 12 8.69 -1.08 2.18
N PHE A 13 8.88 0.02 1.47
CA PHE A 13 8.85 0.02 0.01
C PHE A 13 10.23 -0.35 -0.55
N GLU A 14 10.23 -0.88 -1.77
CA GLU A 14 11.47 -1.27 -2.42
C GLU A 14 11.36 -1.11 -3.94
N HIS A 15 12.20 -0.24 -4.50
CA HIS A 15 12.19 0.01 -5.93
C HIS A 15 13.62 0.02 -6.49
N ARG A 16 14.08 -1.15 -6.93
CA ARG A 16 15.42 -1.28 -7.49
C ARG A 16 16.43 -0.53 -6.62
N GLY A 17 16.42 -0.81 -5.33
CA GLY A 17 17.34 -0.16 -4.42
C GLY A 17 16.66 0.89 -3.56
N GLU A 18 15.77 1.67 -4.18
CA GLU A 18 15.06 2.73 -3.47
C GLU A 18 14.20 2.14 -2.35
N LYS A 19 14.53 2.50 -1.11
CA LYS A 19 13.78 2.01 0.04
C LYS A 19 13.08 3.17 0.77
N ARG A 20 11.82 2.95 1.11
CA ARG A 20 11.04 3.98 1.82
C ARG A 20 10.00 3.34 2.73
N ILE A 21 10.13 3.58 4.02
CA ILE A 21 9.19 3.02 5.00
C ILE A 21 8.04 3.98 5.25
N LEU A 22 6.83 3.43 5.35
CA LEU A 22 5.64 4.23 5.59
C LEU A 22 4.88 3.72 6.82
N GLN A 23 3.95 4.53 7.31
CA GLN A 23 3.15 4.17 8.47
C GLN A 23 1.69 4.56 8.27
N PHE A 24 0.82 3.56 8.24
CA PHE A 24 -0.61 3.79 8.05
C PHE A 24 -1.41 3.24 9.24
N PRO A 25 -2.03 4.14 10.01
CA PRO A 25 -2.84 3.77 11.17
C PRO A 25 -4.13 3.07 10.78
N ARG A 26 -4.23 1.78 11.10
CA ARG A 26 -5.42 0.99 10.78
C ARG A 26 -6.68 1.74 11.18
N PRO A 27 -7.76 1.53 10.42
CA PRO A 27 -7.74 0.63 9.25
C PRO A 27 -6.92 1.19 8.10
N VAL A 28 -6.15 0.32 7.45
CA VAL A 28 -5.32 0.73 6.32
C VAL A 28 -6.08 0.65 5.01
N LYS A 29 -5.85 1.62 4.14
CA LYS A 29 -6.52 1.66 2.84
C LYS A 29 -5.52 1.44 1.70
N LEU A 30 -5.91 0.63 0.73
CA LEU A 30 -5.04 0.33 -0.41
C LEU A 30 -4.66 1.61 -1.13
N GLU A 31 -5.63 2.50 -1.33
CA GLU A 31 -5.39 3.76 -2.01
C GLU A 31 -4.40 4.62 -1.24
N ASP A 32 -4.49 4.58 0.08
CA ASP A 32 -3.60 5.34 0.94
C ASP A 32 -2.15 4.96 0.70
N LEU A 33 -1.88 3.66 0.69
CA LEU A 33 -0.53 3.15 0.47
C LEU A 33 0.05 3.69 -0.83
N ARG A 34 -0.71 3.56 -1.91
CA ARG A 34 -0.28 4.04 -3.22
C ARG A 34 -0.04 5.55 -3.20
N SER A 35 -1.05 6.30 -2.75
CA SER A 35 -0.95 7.75 -2.68
C SER A 35 0.41 8.17 -2.14
N LYS A 36 0.76 7.69 -0.96
CA LYS A 36 2.02 8.02 -0.33
C LYS A 36 3.19 7.69 -1.25
N ALA A 37 3.36 6.40 -1.55
CA ALA A 37 4.43 5.95 -2.43
C ALA A 37 4.56 6.86 -3.64
N LYS A 38 3.43 7.40 -4.09
CA LYS A 38 3.42 8.29 -5.25
C LYS A 38 3.95 9.67 -4.89
N ILE A 39 3.68 10.10 -3.65
CA ILE A 39 4.13 11.40 -3.18
C ILE A 39 5.62 11.36 -2.81
N ALA A 40 6.03 10.28 -2.17
CA ALA A 40 7.42 10.12 -1.77
C ALA A 40 8.34 9.99 -2.98
N PHE A 41 7.91 9.20 -3.96
CA PHE A 41 8.69 8.98 -5.17
C PHE A 41 8.27 9.97 -6.27
N GLY A 42 7.06 10.51 -6.14
CA GLY A 42 6.57 11.45 -7.12
C GLY A 42 6.21 10.79 -8.43
N GLN A 43 6.15 9.46 -8.43
CA GLN A 43 5.82 8.71 -9.63
C GLN A 43 4.86 7.57 -9.31
N SER A 44 3.82 7.43 -10.12
CA SER A 44 2.83 6.38 -9.92
C SER A 44 3.45 5.00 -10.14
N MET A 45 3.24 4.11 -9.17
CA MET A 45 3.78 2.76 -9.25
C MET A 45 2.89 1.77 -8.50
N ASP A 46 2.80 0.55 -9.02
CA ASP A 46 1.99 -0.48 -8.40
C ASP A 46 2.62 -0.97 -7.08
N LEU A 47 1.82 -1.64 -6.27
CA LEU A 47 2.30 -2.16 -4.99
C LEU A 47 2.22 -3.68 -4.95
N HIS A 48 3.38 -4.32 -4.99
CA HIS A 48 3.44 -5.79 -4.96
C HIS A 48 4.11 -6.27 -3.68
N TYR A 49 3.33 -6.88 -2.80
CA TYR A 49 3.86 -7.39 -1.54
C TYR A 49 4.04 -8.91 -1.59
N THR A 50 5.16 -9.38 -1.05
CA THR A 50 5.46 -10.80 -1.05
C THR A 50 5.27 -11.40 0.35
N ASN A 51 4.40 -12.41 0.44
CA ASN A 51 4.13 -13.06 1.72
C ASN A 51 5.32 -13.90 2.18
N ASN A 52 5.67 -14.90 1.38
CA ASN A 52 6.79 -15.78 1.69
C ASN A 52 7.78 -15.83 0.53
N GLU A 53 7.42 -16.57 -0.51
CA GLU A 53 8.27 -16.71 -1.68
C GLU A 53 7.55 -16.24 -2.94
N LEU A 54 6.23 -16.10 -2.84
CA LEU A 54 5.42 -15.66 -3.98
C LEU A 54 5.22 -14.15 -3.95
N VAL A 55 4.47 -13.63 -4.92
CA VAL A 55 4.21 -12.21 -5.00
C VAL A 55 2.74 -11.93 -5.28
N ILE A 56 2.15 -11.02 -4.51
CA ILE A 56 0.74 -10.68 -4.68
C ILE A 56 0.58 -9.18 -4.95
N PRO A 57 0.19 -8.86 -6.19
CA PRO A 57 -0.02 -7.46 -6.59
C PRO A 57 -1.24 -6.83 -5.94
N LEU A 58 -0.99 -5.96 -4.97
CA LEU A 58 -2.07 -5.28 -4.25
C LEU A 58 -2.89 -4.42 -5.20
N THR A 59 -3.96 -5.02 -5.75
CA THR A 59 -4.84 -4.30 -6.68
C THR A 59 -6.17 -3.96 -6.01
N THR A 60 -6.70 -4.90 -5.23
CA THR A 60 -7.96 -4.69 -4.54
C THR A 60 -7.78 -4.72 -3.03
N GLN A 61 -8.68 -4.05 -2.31
CA GLN A 61 -8.61 -4.00 -0.86
C GLN A 61 -8.49 -5.41 -0.27
N ASP A 62 -9.32 -6.32 -0.76
CA ASP A 62 -9.32 -7.71 -0.28
C ASP A 62 -7.88 -8.19 -0.07
N ASP A 63 -7.00 -7.85 -1.00
CA ASP A 63 -5.61 -8.25 -0.91
C ASP A 63 -4.92 -7.57 0.27
N LEU A 64 -5.08 -6.25 0.36
CA LEU A 64 -4.47 -5.48 1.44
C LEU A 64 -4.90 -6.01 2.80
N ASP A 65 -6.20 -6.12 3.00
CA ASP A 65 -6.75 -6.62 4.26
C ASP A 65 -6.16 -7.99 4.60
N LYS A 66 -5.99 -8.82 3.58
CA LYS A 66 -5.43 -10.16 3.77
C LYS A 66 -3.93 -10.10 3.98
N ALA A 67 -3.32 -9.00 3.56
CA ALA A 67 -1.89 -8.81 3.71
C ALA A 67 -1.55 -8.19 5.05
N VAL A 68 -2.44 -7.34 5.54
CA VAL A 68 -2.24 -6.67 6.83
C VAL A 68 -2.58 -7.59 7.99
N GLU A 69 -3.58 -8.46 7.77
CA GLU A 69 -4.00 -9.41 8.81
C GLU A 69 -2.95 -10.50 9.01
N LEU A 70 -2.32 -10.91 7.91
CA LEU A 70 -1.30 -11.95 7.97
C LEU A 70 0.00 -11.41 8.57
N LEU A 71 0.26 -10.14 8.35
CA LEU A 71 1.47 -9.50 8.87
C LEU A 71 1.46 -9.51 10.40
N ASP A 72 0.36 -9.08 10.98
CA ASP A 72 0.23 -9.04 12.44
C ASP A 72 0.44 -10.42 13.04
N ARG A 73 -0.40 -11.38 12.66
CA ARG A 73 -0.30 -12.73 13.16
C ARG A 73 1.10 -13.29 12.94
N SER A 74 1.76 -12.83 11.88
CA SER A 74 3.11 -13.29 11.55
C SER A 74 4.15 -12.52 12.36
N ILE A 75 4.83 -13.23 13.26
CA ILE A 75 5.85 -12.61 14.10
C ILE A 75 7.11 -12.32 13.29
N HIS A 76 7.84 -13.38 12.92
CA HIS A 76 9.07 -13.24 12.15
C HIS A 76 8.96 -12.07 11.17
N MET A 77 7.81 -11.97 10.51
CA MET A 77 7.58 -10.90 9.54
C MET A 77 7.71 -9.53 10.20
N LYS A 78 8.79 -8.83 9.87
CA LYS A 78 9.03 -7.50 10.43
C LYS A 78 7.94 -6.53 10.01
N SER A 79 7.55 -6.60 8.74
CA SER A 79 6.51 -5.71 8.21
C SER A 79 6.03 -6.20 6.85
N LEU A 80 5.10 -5.47 6.26
CA LEU A 80 4.55 -5.82 4.95
C LEU A 80 5.44 -5.32 3.83
N LYS A 81 6.34 -6.19 3.36
CA LYS A 81 7.25 -5.84 2.28
C LYS A 81 6.49 -5.50 1.00
N ILE A 82 6.81 -4.37 0.40
CA ILE A 82 6.16 -3.93 -0.83
C ILE A 82 7.17 -3.65 -1.92
N LEU A 83 6.80 -3.95 -3.16
CA LEU A 83 7.68 -3.72 -4.30
C LEU A 83 7.02 -2.80 -5.32
N LEU A 84 7.52 -1.57 -5.40
CA LEU A 84 7.00 -0.58 -6.33
C LEU A 84 7.44 -0.88 -7.75
N VAL A 85 6.49 -0.89 -8.68
CA VAL A 85 6.79 -1.17 -10.09
C VAL A 85 6.24 -0.06 -10.98
N ILE A 86 7.13 0.59 -11.72
CA ILE A 86 6.73 1.66 -12.62
C ILE A 86 5.58 1.23 -13.52
N ASN A 87 4.57 2.08 -13.61
CA ASN A 87 3.39 1.78 -14.44
C ASN A 87 3.46 2.56 -15.75
N GLY A 88 3.47 3.88 -15.65
CA GLY A 88 3.52 4.71 -16.84
C GLY A 88 2.67 5.97 -16.71
N SER A 89 2.01 6.35 -17.80
CA SER A 89 1.17 7.54 -17.80
C SER A 89 -0.17 7.26 -17.13
N THR A 90 -0.61 8.20 -16.30
CA THR A 90 -1.88 8.05 -15.59
C THR A 90 -2.76 9.28 -15.79
N GLN A 91 -4.04 9.06 -16.01
CA GLN A 91 -5.00 10.14 -16.20
C GLN A 91 -6.32 9.85 -15.50
N ALA A 92 -6.88 10.88 -14.86
CA ALA A 92 -8.14 10.73 -14.14
C ALA A 92 -9.18 11.72 -14.66
N THR A 93 -10.27 11.20 -15.20
CA THR A 93 -11.34 12.05 -15.73
C THR A 93 -12.58 11.99 -14.85
N ASN A 94 -13.36 13.06 -14.85
CA ASN A 94 -14.58 13.12 -14.06
C ASN A 94 -15.73 12.43 -14.76
N LEU A 95 -15.46 11.24 -15.30
CA LEU A 95 -16.48 10.46 -16.01
C LEU A 95 -16.27 8.97 -15.78
N GLU A 96 -17.33 8.29 -15.36
CA GLU A 96 -17.27 6.85 -15.12
C GLU A 96 -17.58 6.07 -16.38
N PRO A 97 -16.90 4.93 -16.57
CA PRO A 97 -17.09 4.06 -17.73
C PRO A 97 -18.44 3.36 -17.72
N SER A 98 -19.36 3.83 -18.55
CA SER A 98 -20.70 3.26 -18.63
C SER A 98 -20.77 2.20 -19.73
N GLY A 99 -21.13 0.99 -19.36
CA GLY A 99 -21.23 -0.09 -20.34
C GLY A 99 -21.94 0.35 -21.60
N PRO A 100 -21.29 0.14 -22.76
CA PRO A 100 -21.84 0.50 -24.07
C PRO A 100 -23.02 -0.38 -24.45
N SER A 101 -23.72 0.01 -25.52
CA SER A 101 -24.86 -0.75 -26.01
C SER A 101 -24.79 -0.94 -27.51
N SER A 102 -24.53 0.15 -28.23
CA SER A 102 -24.44 0.10 -29.69
C SER A 102 -23.03 -0.30 -30.13
N GLY A 103 -22.96 -1.37 -30.93
CA GLY A 103 -21.67 -1.84 -31.41
C GLY A 103 -21.59 -1.85 -32.92
N GLY A 1 -1.34 8.96 22.25
CA GLY A 1 -1.30 8.14 23.45
C GLY A 1 -0.61 6.82 23.23
N SER A 2 -0.87 5.86 24.10
CA SER A 2 -0.26 4.54 23.99
C SER A 2 -1.23 3.53 23.40
N SER A 3 -0.87 2.98 22.24
CA SER A 3 -1.72 2.01 21.55
C SER A 3 -1.32 0.60 21.94
N GLY A 4 -1.06 0.38 23.22
CA GLY A 4 -0.68 -0.94 23.69
C GLY A 4 0.68 -1.37 23.16
N SER A 5 0.68 -2.38 22.30
CA SER A 5 1.92 -2.89 21.73
C SER A 5 2.11 -2.38 20.31
N SER A 6 1.11 -2.62 19.46
CA SER A 6 1.17 -2.20 18.07
C SER A 6 0.10 -1.14 17.78
N GLY A 7 0.23 -0.48 16.64
CA GLY A 7 -0.73 0.55 16.26
C GLY A 7 -0.81 0.75 14.77
N ASP A 8 0.18 1.42 14.21
CA ASP A 8 0.22 1.68 12.77
C ASP A 8 0.71 0.45 12.01
N VAL A 9 0.70 0.54 10.68
CA VAL A 9 1.15 -0.56 9.84
C VAL A 9 2.38 -0.18 9.03
N ARG A 10 3.56 -0.42 9.61
CA ARG A 10 4.82 -0.10 8.94
C ARG A 10 4.90 -0.77 7.58
N VAL A 11 5.17 0.03 6.54
CA VAL A 11 5.28 -0.50 5.19
C VAL A 11 6.61 -0.12 4.56
N LYS A 12 7.42 -1.13 4.24
CA LYS A 12 8.73 -0.90 3.64
C LYS A 12 8.64 -1.01 2.13
N PHE A 13 8.85 0.11 1.44
CA PHE A 13 8.81 0.14 -0.02
C PHE A 13 10.16 -0.27 -0.61
N GLU A 14 10.13 -0.72 -1.87
CA GLU A 14 11.35 -1.14 -2.56
C GLU A 14 11.23 -0.94 -4.06
N HIS A 15 12.10 -0.10 -4.61
CA HIS A 15 12.09 0.18 -6.05
C HIS A 15 13.51 0.40 -6.57
N ARG A 16 14.01 -0.59 -7.29
CA ARG A 16 15.37 -0.50 -7.85
C ARG A 16 16.39 -0.28 -6.75
N GLY A 17 16.30 -1.07 -5.69
CA GLY A 17 17.23 -0.95 -4.59
C GLY A 17 16.73 0.01 -3.52
N GLU A 18 16.26 1.17 -3.95
CA GLU A 18 15.75 2.18 -3.02
C GLU A 18 14.55 1.65 -2.25
N LYS A 19 14.29 2.26 -1.09
CA LYS A 19 13.16 1.85 -0.25
C LYS A 19 12.58 3.05 0.50
N ARG A 20 11.35 2.91 0.97
CA ARG A 20 10.69 3.97 1.71
C ARG A 20 9.70 3.40 2.73
N ILE A 21 9.97 3.65 4.00
CA ILE A 21 9.12 3.17 5.08
C ILE A 21 7.94 4.11 5.30
N LEU A 22 6.75 3.53 5.45
CA LEU A 22 5.54 4.31 5.67
C LEU A 22 4.78 3.80 6.90
N GLN A 23 3.82 4.59 7.35
CA GLN A 23 3.01 4.21 8.52
C GLN A 23 1.54 4.54 8.28
N PHE A 24 0.71 3.50 8.26
CA PHE A 24 -0.72 3.67 8.05
C PHE A 24 -1.51 3.08 9.22
N PRO A 25 -2.16 3.95 10.00
CA PRO A 25 -2.96 3.55 11.15
C PRO A 25 -4.24 2.83 10.74
N ARG A 26 -4.34 1.55 11.08
CA ARG A 26 -5.51 0.75 10.74
C ARG A 26 -6.79 1.46 11.16
N PRO A 27 -7.86 1.26 10.38
CA PRO A 27 -7.83 0.41 9.19
C PRO A 27 -7.01 1.02 8.06
N VAL A 28 -6.11 0.22 7.49
CA VAL A 28 -5.25 0.68 6.40
C VAL A 28 -6.01 0.69 5.07
N LYS A 29 -5.84 1.76 4.31
CA LYS A 29 -6.50 1.89 3.02
C LYS A 29 -5.53 1.67 1.88
N LEU A 30 -5.94 0.89 0.89
CA LEU A 30 -5.09 0.61 -0.27
C LEU A 30 -4.71 1.89 -0.99
N GLU A 31 -5.68 2.79 -1.16
CA GLU A 31 -5.44 4.06 -1.83
C GLU A 31 -4.38 4.88 -1.09
N ASP A 32 -4.40 4.79 0.23
CA ASP A 32 -3.45 5.52 1.05
C ASP A 32 -2.02 5.08 0.77
N LEU A 33 -1.81 3.77 0.71
CA LEU A 33 -0.50 3.20 0.44
C LEU A 33 0.06 3.74 -0.87
N ARG A 34 -0.76 3.71 -1.92
CA ARG A 34 -0.35 4.19 -3.23
C ARG A 34 -0.09 5.69 -3.20
N SER A 35 -1.09 6.45 -2.75
CA SER A 35 -0.97 7.90 -2.69
C SER A 35 0.39 8.31 -2.11
N LYS A 36 0.69 7.83 -0.91
CA LYS A 36 1.95 8.13 -0.25
C LYS A 36 3.13 7.79 -1.15
N ALA A 37 3.29 6.51 -1.46
CA ALA A 37 4.37 6.05 -2.32
C ALA A 37 4.52 6.95 -3.54
N LYS A 38 3.39 7.40 -4.08
CA LYS A 38 3.40 8.27 -5.25
C LYS A 38 3.96 9.64 -4.91
N ILE A 39 3.66 10.12 -3.70
CA ILE A 39 4.14 11.42 -3.25
C ILE A 39 5.61 11.36 -2.88
N ALA A 40 6.03 10.26 -2.25
CA ALA A 40 7.41 10.09 -1.85
C ALA A 40 8.34 10.08 -3.06
N PHE A 41 7.99 9.29 -4.07
CA PHE A 41 8.79 9.19 -5.28
C PHE A 41 8.34 10.21 -6.32
N GLY A 42 7.02 10.42 -6.40
CA GLY A 42 6.49 11.38 -7.35
C GLY A 42 6.11 10.72 -8.67
N GLN A 43 5.79 9.43 -8.62
CA GLN A 43 5.41 8.70 -9.82
C GLN A 43 4.49 7.54 -9.49
N SER A 44 3.54 7.26 -10.37
CA SER A 44 2.58 6.18 -10.16
C SER A 44 3.26 4.82 -10.33
N MET A 45 3.17 3.99 -9.28
CA MET A 45 3.78 2.66 -9.31
C MET A 45 2.90 1.65 -8.57
N ASP A 46 2.91 0.42 -9.05
CA ASP A 46 2.11 -0.65 -8.42
C ASP A 46 2.71 -1.05 -7.08
N LEU A 47 1.92 -1.74 -6.28
CA LEU A 47 2.37 -2.19 -4.96
C LEU A 47 2.32 -3.71 -4.85
N HIS A 48 3.47 -4.35 -5.02
CA HIS A 48 3.57 -5.80 -4.94
C HIS A 48 4.22 -6.24 -3.64
N TYR A 49 3.44 -6.84 -2.76
CA TYR A 49 3.96 -7.30 -1.48
C TYR A 49 4.16 -8.82 -1.47
N THR A 50 5.29 -9.25 -0.94
CA THR A 50 5.61 -10.67 -0.88
C THR A 50 5.45 -11.21 0.54
N ASN A 51 4.88 -12.42 0.65
CA ASN A 51 4.66 -13.04 1.95
C ASN A 51 5.87 -13.89 2.34
N ASN A 52 6.03 -15.02 1.66
CA ASN A 52 7.14 -15.93 1.95
C ASN A 52 8.02 -16.10 0.71
N GLU A 53 7.49 -16.80 -0.29
CA GLU A 53 8.22 -17.04 -1.53
C GLU A 53 7.34 -16.74 -2.75
N LEU A 54 6.42 -15.79 -2.60
CA LEU A 54 5.54 -15.42 -3.68
C LEU A 54 5.33 -13.91 -3.71
N VAL A 55 4.64 -13.44 -4.75
CA VAL A 55 4.37 -12.01 -4.90
C VAL A 55 2.88 -11.75 -5.12
N ILE A 56 2.32 -10.87 -4.31
CA ILE A 56 0.89 -10.54 -4.42
C ILE A 56 0.71 -9.07 -4.78
N PRO A 57 0.33 -8.81 -6.04
CA PRO A 57 0.10 -7.46 -6.54
C PRO A 57 -1.15 -6.81 -5.94
N LEU A 58 -0.94 -6.00 -4.90
CA LEU A 58 -2.05 -5.32 -4.23
C LEU A 58 -2.82 -4.45 -5.21
N THR A 59 -3.93 -4.98 -5.73
CA THR A 59 -4.77 -4.25 -6.67
C THR A 59 -6.08 -3.83 -6.03
N THR A 60 -6.70 -4.75 -5.30
CA THR A 60 -7.97 -4.48 -4.64
C THR A 60 -7.80 -4.46 -3.12
N GLN A 61 -8.77 -3.85 -2.43
CA GLN A 61 -8.72 -3.77 -0.98
C GLN A 61 -8.67 -5.15 -0.35
N ASP A 62 -9.55 -6.03 -0.81
CA ASP A 62 -9.60 -7.40 -0.30
C ASP A 62 -8.20 -7.94 -0.03
N ASP A 63 -7.29 -7.69 -0.97
CA ASP A 63 -5.91 -8.15 -0.84
C ASP A 63 -5.23 -7.45 0.34
N LEU A 64 -5.25 -6.13 0.34
CA LEU A 64 -4.63 -5.36 1.40
C LEU A 64 -5.05 -5.87 2.77
N ASP A 65 -6.36 -5.99 2.97
CA ASP A 65 -6.90 -6.48 4.24
C ASP A 65 -6.29 -7.83 4.60
N LYS A 66 -6.18 -8.71 3.61
CA LYS A 66 -5.62 -10.04 3.82
C LYS A 66 -4.11 -9.97 3.99
N ALA A 67 -3.51 -8.89 3.49
CA ALA A 67 -2.07 -8.70 3.60
C ALA A 67 -1.68 -8.14 4.96
N VAL A 68 -2.54 -7.27 5.49
CA VAL A 68 -2.28 -6.64 6.79
C VAL A 68 -2.56 -7.62 7.92
N GLU A 69 -3.60 -8.43 7.77
CA GLU A 69 -3.98 -9.41 8.77
C GLU A 69 -2.93 -10.49 8.90
N LEU A 70 -2.45 -10.97 7.75
CA LEU A 70 -1.43 -12.02 7.73
C LEU A 70 -0.12 -11.53 8.33
N LEU A 71 0.19 -10.26 8.10
CA LEU A 71 1.41 -9.65 8.63
C LEU A 71 1.45 -9.72 10.15
N ASP A 72 0.42 -9.16 10.78
CA ASP A 72 0.32 -9.17 12.24
C ASP A 72 0.61 -10.56 12.80
N ARG A 73 -0.20 -11.53 12.40
CA ARG A 73 -0.04 -12.90 12.87
C ARG A 73 1.39 -13.38 12.64
N SER A 74 1.96 -13.00 11.50
CA SER A 74 3.32 -13.41 11.16
C SER A 74 4.32 -12.89 12.19
N ILE A 75 4.87 -13.80 12.98
CA ILE A 75 5.84 -13.45 14.02
C ILE A 75 7.19 -13.08 13.39
N HIS A 76 7.78 -14.03 12.68
CA HIS A 76 9.07 -13.81 12.03
C HIS A 76 9.06 -12.51 11.23
N MET A 77 8.06 -12.38 10.35
CA MET A 77 7.94 -11.19 9.52
C MET A 77 7.85 -9.94 10.37
N LYS A 78 8.61 -8.91 10.00
CA LYS A 78 8.61 -7.65 10.74
C LYS A 78 7.48 -6.74 10.26
N SER A 79 7.58 -6.32 9.00
CA SER A 79 6.57 -5.43 8.42
C SER A 79 6.11 -5.96 7.06
N LEU A 80 5.20 -5.22 6.43
CA LEU A 80 4.68 -5.61 5.12
C LEU A 80 5.61 -5.16 4.01
N LYS A 81 6.39 -6.08 3.47
CA LYS A 81 7.32 -5.77 2.38
C LYS A 81 6.57 -5.45 1.10
N ILE A 82 6.87 -4.29 0.52
CA ILE A 82 6.23 -3.86 -0.71
C ILE A 82 7.26 -3.58 -1.80
N LEU A 83 6.92 -3.93 -3.03
CA LEU A 83 7.82 -3.73 -4.17
C LEU A 83 7.17 -2.85 -5.22
N LEU A 84 7.61 -1.60 -5.32
CA LEU A 84 7.08 -0.66 -6.29
C LEU A 84 7.56 -0.98 -7.69
N VAL A 85 6.63 -1.04 -8.64
CA VAL A 85 6.97 -1.35 -10.03
C VAL A 85 6.36 -0.33 -10.97
N ILE A 86 7.22 0.39 -11.70
CA ILE A 86 6.76 1.41 -12.65
C ILE A 86 5.68 0.85 -13.57
N ASN A 87 4.68 1.67 -13.85
CA ASN A 87 3.58 1.26 -14.73
C ASN A 87 3.47 2.20 -15.92
N GLY A 88 3.25 3.48 -15.65
CA GLY A 88 3.13 4.46 -16.72
C GLY A 88 1.97 5.41 -16.50
N SER A 89 0.95 5.30 -17.33
CA SER A 89 -0.22 6.16 -17.23
C SER A 89 -1.27 5.55 -16.30
N THR A 90 -2.15 6.40 -15.77
CA THR A 90 -3.21 5.94 -14.88
C THR A 90 -4.24 7.04 -14.63
N GLN A 91 -5.50 6.63 -14.51
CA GLN A 91 -6.58 7.58 -14.27
C GLN A 91 -7.54 7.07 -13.21
N ALA A 92 -7.98 7.96 -12.33
CA ALA A 92 -8.91 7.59 -11.27
C ALA A 92 -10.02 8.63 -11.12
N THR A 93 -11.21 8.16 -10.76
CA THR A 93 -12.36 9.04 -10.59
C THR A 93 -13.14 8.69 -9.34
N ASN A 94 -13.62 9.71 -8.63
CA ASN A 94 -14.39 9.51 -7.40
C ASN A 94 -15.80 10.05 -7.55
N LEU A 95 -16.70 9.21 -8.03
CA LEU A 95 -18.10 9.60 -8.23
C LEU A 95 -18.97 8.39 -8.56
N GLU A 96 -20.25 8.49 -8.25
CA GLU A 96 -21.19 7.40 -8.52
C GLU A 96 -22.13 7.76 -9.66
N PRO A 97 -21.65 7.62 -10.90
CA PRO A 97 -22.44 7.93 -12.10
C PRO A 97 -23.57 6.93 -12.32
N SER A 98 -24.44 7.24 -13.29
CA SER A 98 -25.57 6.37 -13.59
C SER A 98 -26.05 6.59 -15.02
N GLY A 99 -26.97 5.74 -15.47
CA GLY A 99 -27.49 5.86 -16.82
C GLY A 99 -26.44 5.59 -17.88
N PRO A 100 -26.84 4.92 -18.96
CA PRO A 100 -25.95 4.59 -20.07
C PRO A 100 -25.52 5.82 -20.86
N SER A 101 -24.24 5.85 -21.23
CA SER A 101 -23.70 6.98 -21.99
C SER A 101 -22.70 6.50 -23.04
N SER A 102 -22.29 7.41 -23.92
CA SER A 102 -21.34 7.07 -24.98
C SER A 102 -19.98 7.69 -24.69
N GLY A 103 -19.97 9.00 -24.45
CA GLY A 103 -18.72 9.70 -24.17
C GLY A 103 -18.81 11.18 -24.45
N GLY A 1 -13.06 4.35 14.97
CA GLY A 1 -11.98 5.00 15.70
C GLY A 1 -11.22 4.03 16.57
N SER A 2 -9.89 4.14 16.56
CA SER A 2 -9.04 3.27 17.36
C SER A 2 -8.91 3.79 18.78
N SER A 3 -10.02 4.24 19.34
CA SER A 3 -10.02 4.76 20.71
C SER A 3 -9.11 3.94 21.62
N GLY A 4 -9.25 2.63 21.53
CA GLY A 4 -8.43 1.74 22.34
C GLY A 4 -6.95 2.11 22.30
N SER A 5 -6.26 1.67 21.25
CA SER A 5 -4.85 1.97 21.10
C SER A 5 -4.58 2.69 19.79
N SER A 6 -3.36 3.19 19.63
CA SER A 6 -2.97 3.91 18.42
C SER A 6 -1.78 3.24 17.76
N GLY A 7 -2.06 2.26 16.90
CA GLY A 7 -1.00 1.55 16.20
C GLY A 7 -1.05 1.76 14.70
N ASP A 8 0.11 1.78 14.07
CA ASP A 8 0.19 1.97 12.63
C ASP A 8 0.84 0.76 11.95
N VAL A 9 0.60 0.63 10.65
CA VAL A 9 1.16 -0.48 9.89
C VAL A 9 2.42 -0.06 9.13
N ARG A 10 3.58 -0.43 9.67
CA ARG A 10 4.85 -0.09 9.04
C ARG A 10 4.99 -0.76 7.68
N VAL A 11 4.96 0.04 6.62
CA VAL A 11 5.08 -0.48 5.27
C VAL A 11 6.37 0.00 4.61
N LYS A 12 7.21 -0.94 4.21
CA LYS A 12 8.48 -0.62 3.57
C LYS A 12 8.36 -0.73 2.05
N PHE A 13 8.84 0.30 1.34
CA PHE A 13 8.77 0.31 -0.12
C PHE A 13 10.15 -0.04 -0.71
N GLU A 14 10.13 -0.49 -1.96
CA GLU A 14 11.37 -0.86 -2.64
C GLU A 14 11.27 -0.56 -4.14
N HIS A 15 12.30 0.09 -4.67
CA HIS A 15 12.33 0.44 -6.09
C HIS A 15 13.76 0.65 -6.56
N ARG A 16 14.20 -0.18 -7.49
CA ARG A 16 15.56 -0.09 -8.02
C ARG A 16 16.57 0.16 -6.92
N GLY A 17 16.41 -0.56 -5.81
CA GLY A 17 17.32 -0.41 -4.68
C GLY A 17 16.80 0.59 -3.66
N GLU A 18 16.12 1.62 -4.13
CA GLU A 18 15.58 2.65 -3.25
C GLU A 18 14.56 2.04 -2.28
N LYS A 19 14.52 2.59 -1.06
CA LYS A 19 13.59 2.11 -0.05
C LYS A 19 12.93 3.27 0.68
N ARG A 20 11.69 3.07 1.13
CA ARG A 20 10.95 4.10 1.83
C ARG A 20 9.86 3.49 2.70
N ILE A 21 9.98 3.67 4.01
CA ILE A 21 9.00 3.13 4.95
C ILE A 21 7.97 4.19 5.34
N LEU A 22 6.69 3.84 5.22
CA LEU A 22 5.62 4.75 5.56
C LEU A 22 4.86 4.29 6.80
N GLN A 23 3.85 5.04 7.20
CA GLN A 23 3.05 4.69 8.37
C GLN A 23 1.57 4.95 8.10
N PHE A 24 0.78 3.88 8.12
CA PHE A 24 -0.66 3.98 7.89
C PHE A 24 -1.44 3.49 9.10
N PRO A 25 -2.10 4.43 9.79
CA PRO A 25 -2.90 4.12 10.98
C PRO A 25 -4.16 3.34 10.64
N ARG A 26 -4.25 2.12 11.17
CA ARG A 26 -5.41 1.26 10.92
C ARG A 26 -6.70 1.98 11.30
N PRO A 27 -7.79 1.69 10.56
CA PRO A 27 -7.75 0.74 9.44
C PRO A 27 -6.95 1.27 8.25
N VAL A 28 -6.04 0.44 7.74
CA VAL A 28 -5.22 0.83 6.61
C VAL A 28 -5.97 0.66 5.29
N LYS A 29 -5.83 1.63 4.40
CA LYS A 29 -6.50 1.59 3.10
C LYS A 29 -5.50 1.33 1.99
N LEU A 30 -5.92 0.56 0.99
CA LEU A 30 -5.06 0.23 -0.14
C LEU A 30 -4.70 1.48 -0.92
N GLU A 31 -5.67 2.38 -1.09
CA GLU A 31 -5.44 3.62 -1.82
C GLU A 31 -4.37 4.46 -1.14
N ASP A 32 -4.38 4.47 0.19
CA ASP A 32 -3.41 5.23 0.95
C ASP A 32 -1.99 4.79 0.63
N LEU A 33 -1.74 3.49 0.71
CA LEU A 33 -0.43 2.94 0.42
C LEU A 33 0.12 3.47 -0.89
N ARG A 34 -0.74 3.48 -1.92
CA ARG A 34 -0.34 3.97 -3.23
C ARG A 34 -0.04 5.46 -3.20
N SER A 35 -0.98 6.24 -2.66
CA SER A 35 -0.83 7.68 -2.57
C SER A 35 0.56 8.04 -2.04
N LYS A 36 0.88 7.54 -0.85
CA LYS A 36 2.17 7.80 -0.23
C LYS A 36 3.31 7.40 -1.16
N ALA A 37 3.39 6.11 -1.46
CA ALA A 37 4.44 5.59 -2.34
C ALA A 37 4.58 6.46 -3.59
N LYS A 38 3.48 7.09 -3.99
CA LYS A 38 3.49 7.95 -5.17
C LYS A 38 4.05 9.33 -4.84
N ILE A 39 3.81 9.78 -3.61
CA ILE A 39 4.29 11.08 -3.16
C ILE A 39 5.78 11.04 -2.86
N ALA A 40 6.25 9.89 -2.35
CA ALA A 40 7.67 9.73 -2.02
C ALA A 40 8.51 9.70 -3.28
N PHE A 41 8.06 8.96 -4.29
CA PHE A 41 8.79 8.85 -5.55
C PHE A 41 8.26 9.84 -6.58
N GLY A 42 6.94 9.97 -6.65
CA GLY A 42 6.32 10.89 -7.59
C GLY A 42 5.74 10.18 -8.79
N GLN A 43 5.27 8.96 -8.59
CA GLN A 43 4.69 8.17 -9.67
C GLN A 43 3.66 7.19 -9.13
N SER A 44 2.71 6.80 -9.98
CA SER A 44 1.66 5.86 -9.59
C SER A 44 2.16 4.43 -9.70
N MET A 45 3.42 4.21 -9.33
CA MET A 45 4.01 2.88 -9.39
C MET A 45 3.10 1.85 -8.71
N ASP A 46 3.24 0.59 -9.11
CA ASP A 46 2.43 -0.48 -8.54
C ASP A 46 2.96 -0.89 -7.17
N LEU A 47 2.13 -1.60 -6.41
CA LEU A 47 2.51 -2.04 -5.08
C LEU A 47 2.43 -3.56 -4.95
N HIS A 48 3.58 -4.22 -5.05
CA HIS A 48 3.64 -5.67 -4.95
C HIS A 48 4.28 -6.10 -3.64
N TYR A 49 3.48 -6.71 -2.76
CA TYR A 49 3.97 -7.18 -1.48
C TYR A 49 4.12 -8.69 -1.46
N THR A 50 5.27 -9.15 -0.97
CA THR A 50 5.55 -10.58 -0.90
C THR A 50 5.34 -11.11 0.52
N ASN A 51 4.79 -12.31 0.62
CA ASN A 51 4.55 -12.94 1.91
C ASN A 51 5.73 -13.81 2.33
N ASN A 52 5.88 -14.94 1.65
CA ASN A 52 6.97 -15.87 1.96
C ASN A 52 7.85 -16.10 0.73
N GLU A 53 7.30 -16.80 -0.26
CA GLU A 53 8.03 -17.09 -1.49
C GLU A 53 7.18 -16.78 -2.71
N LEU A 54 6.29 -15.81 -2.58
CA LEU A 54 5.41 -15.43 -3.67
C LEU A 54 5.22 -13.91 -3.72
N VAL A 55 4.57 -13.43 -4.77
CA VAL A 55 4.32 -12.00 -4.92
C VAL A 55 2.84 -11.72 -5.17
N ILE A 56 2.29 -10.78 -4.40
CA ILE A 56 0.88 -10.42 -4.54
C ILE A 56 0.73 -8.94 -4.87
N PRO A 57 0.37 -8.65 -6.13
CA PRO A 57 0.17 -7.28 -6.59
C PRO A 57 -1.07 -6.62 -5.99
N LEU A 58 -0.87 -5.85 -4.93
CA LEU A 58 -1.97 -5.17 -4.26
C LEU A 58 -2.77 -4.33 -5.25
N THR A 59 -3.91 -4.87 -5.69
CA THR A 59 -4.77 -4.18 -6.65
C THR A 59 -6.09 -3.78 -5.99
N THR A 60 -6.70 -4.71 -5.27
CA THR A 60 -7.96 -4.46 -4.60
C THR A 60 -7.79 -4.44 -3.09
N GLN A 61 -8.76 -3.87 -2.39
CA GLN A 61 -8.72 -3.80 -0.94
C GLN A 61 -8.63 -5.20 -0.33
N ASP A 62 -9.49 -6.11 -0.80
CA ASP A 62 -9.50 -7.47 -0.30
C ASP A 62 -8.09 -7.99 -0.08
N ASP A 63 -7.21 -7.70 -1.04
CA ASP A 63 -5.82 -8.14 -0.95
C ASP A 63 -5.13 -7.50 0.24
N LEU A 64 -5.20 -6.19 0.33
CA LEU A 64 -4.57 -5.45 1.43
C LEU A 64 -5.02 -6.01 2.78
N ASP A 65 -6.33 -6.04 3.00
CA ASP A 65 -6.88 -6.54 4.25
C ASP A 65 -6.33 -7.92 4.57
N LYS A 66 -6.13 -8.73 3.54
CA LYS A 66 -5.60 -10.08 3.70
C LYS A 66 -4.09 -10.06 3.90
N ALA A 67 -3.47 -8.96 3.47
CA ALA A 67 -2.02 -8.80 3.60
C ALA A 67 -1.65 -8.18 4.94
N VAL A 68 -2.60 -7.46 5.53
CA VAL A 68 -2.38 -6.81 6.82
C VAL A 68 -2.68 -7.77 7.97
N GLU A 69 -3.71 -8.58 7.79
CA GLU A 69 -4.11 -9.54 8.82
C GLU A 69 -3.06 -10.64 8.97
N LEU A 70 -2.43 -11.01 7.86
CA LEU A 70 -1.40 -12.05 7.87
C LEU A 70 -0.11 -11.52 8.48
N LEU A 71 0.24 -10.29 8.13
CA LEU A 71 1.47 -9.67 8.63
C LEU A 71 1.47 -9.64 10.16
N ASP A 72 0.37 -9.17 10.75
CA ASP A 72 0.24 -9.10 12.20
C ASP A 72 0.46 -10.47 12.83
N ARG A 73 -0.40 -11.41 12.49
CA ARG A 73 -0.31 -12.76 13.03
C ARG A 73 1.07 -13.35 12.79
N SER A 74 1.63 -13.07 11.61
CA SER A 74 2.94 -13.58 11.25
C SER A 74 3.98 -13.20 12.31
N ILE A 75 4.72 -14.19 12.78
CA ILE A 75 5.75 -13.96 13.79
C ILE A 75 7.08 -13.56 13.15
N HIS A 76 7.63 -14.46 12.34
CA HIS A 76 8.89 -14.20 11.66
C HIS A 76 8.87 -12.84 10.97
N MET A 77 7.84 -12.61 10.16
CA MET A 77 7.69 -11.36 9.44
C MET A 77 7.57 -10.18 10.41
N LYS A 78 8.28 -9.10 10.11
CA LYS A 78 8.25 -7.91 10.96
C LYS A 78 7.32 -6.85 10.37
N SER A 79 7.49 -6.57 9.08
CA SER A 79 6.67 -5.57 8.40
C SER A 79 6.14 -6.12 7.09
N LEU A 80 5.37 -5.29 6.38
CA LEU A 80 4.79 -5.69 5.10
C LEU A 80 5.70 -5.30 3.95
N LYS A 81 6.51 -6.25 3.49
CA LYS A 81 7.43 -6.00 2.39
C LYS A 81 6.68 -5.61 1.12
N ILE A 82 7.07 -4.49 0.54
CA ILE A 82 6.43 -4.00 -0.68
C ILE A 82 7.45 -3.79 -1.79
N LEU A 83 7.01 -3.95 -3.03
CA LEU A 83 7.89 -3.78 -4.19
C LEU A 83 7.27 -2.82 -5.21
N LEU A 84 7.80 -1.61 -5.25
CA LEU A 84 7.30 -0.60 -6.19
C LEU A 84 7.76 -0.90 -7.60
N VAL A 85 6.81 -0.97 -8.53
CA VAL A 85 7.12 -1.25 -9.93
C VAL A 85 6.49 -0.20 -10.85
N ILE A 86 7.34 0.54 -11.56
CA ILE A 86 6.87 1.57 -12.47
C ILE A 86 5.67 1.09 -13.28
N ASN A 87 4.80 2.02 -13.64
CA ASN A 87 3.61 1.69 -14.42
C ASN A 87 3.54 2.53 -15.70
N GLY A 88 2.57 2.22 -16.55
CA GLY A 88 2.42 2.94 -17.79
C GLY A 88 1.75 4.29 -17.60
N SER A 89 0.44 4.26 -17.32
CA SER A 89 -0.32 5.50 -17.12
C SER A 89 -1.48 5.26 -16.17
N THR A 90 -1.92 6.33 -15.49
CA THR A 90 -3.02 6.24 -14.55
C THR A 90 -4.28 6.85 -15.12
N GLN A 91 -5.42 6.20 -14.89
CA GLN A 91 -6.70 6.68 -15.39
C GLN A 91 -7.64 7.03 -14.23
N ALA A 92 -7.81 8.32 -13.97
CA ALA A 92 -8.67 8.78 -12.89
C ALA A 92 -9.84 9.59 -13.44
N THR A 93 -11.05 9.09 -13.22
CA THR A 93 -12.26 9.76 -13.69
C THR A 93 -13.12 10.23 -12.52
N ASN A 94 -12.48 10.75 -11.48
CA ASN A 94 -13.19 11.23 -10.30
C ASN A 94 -12.50 12.46 -9.72
N LEU A 95 -13.24 13.56 -9.63
CA LEU A 95 -12.71 14.80 -9.10
C LEU A 95 -11.88 14.54 -7.84
N GLU A 96 -10.58 14.79 -7.95
CA GLU A 96 -9.66 14.58 -6.82
C GLU A 96 -10.27 15.13 -5.53
N PRO A 97 -10.09 14.37 -4.44
CA PRO A 97 -10.60 14.77 -3.12
C PRO A 97 -9.87 15.96 -2.54
N SER A 98 -10.63 16.92 -2.02
CA SER A 98 -10.05 18.12 -1.44
C SER A 98 -10.11 18.08 0.09
N GLY A 99 -11.33 17.91 0.62
CA GLY A 99 -11.49 17.84 2.06
C GLY A 99 -12.88 17.36 2.46
N PRO A 100 -12.94 16.42 3.41
CA PRO A 100 -14.19 15.87 3.90
C PRO A 100 -15.00 16.88 4.71
N SER A 101 -14.32 17.89 5.24
CA SER A 101 -14.97 18.92 6.03
C SER A 101 -16.22 19.43 5.34
N SER A 102 -16.10 19.70 4.04
CA SER A 102 -17.23 20.20 3.26
C SER A 102 -17.52 19.29 2.07
N GLY A 103 -16.46 18.87 1.39
CA GLY A 103 -16.63 18.00 0.24
C GLY A 103 -15.30 17.49 -0.29
N GLY A 1 -13.96 11.87 12.09
CA GLY A 1 -13.89 10.79 13.06
C GLY A 1 -12.51 10.16 13.13
N SER A 2 -12.47 8.84 13.14
CA SER A 2 -11.21 8.11 13.20
C SER A 2 -10.41 8.50 14.44
N SER A 3 -11.11 8.63 15.56
CA SER A 3 -10.47 9.00 16.83
C SER A 3 -10.16 7.77 17.67
N GLY A 4 -8.91 7.66 18.08
CA GLY A 4 -8.50 6.52 18.89
C GLY A 4 -7.05 6.12 18.65
N SER A 5 -6.60 5.10 19.36
CA SER A 5 -5.23 4.62 19.22
C SER A 5 -5.20 3.20 18.66
N SER A 6 -4.54 3.03 17.52
CA SER A 6 -4.44 1.72 16.88
C SER A 6 -3.08 1.55 16.20
N GLY A 7 -2.30 0.59 16.70
CA GLY A 7 -1.00 0.34 16.13
C GLY A 7 -0.96 0.54 14.63
N ASP A 8 0.10 1.17 14.14
CA ASP A 8 0.25 1.43 12.71
C ASP A 8 0.78 0.20 11.99
N VAL A 9 0.75 0.23 10.66
CA VAL A 9 1.23 -0.89 9.86
C VAL A 9 2.52 -0.52 9.13
N ARG A 10 3.65 -0.74 9.79
CA ARG A 10 4.95 -0.43 9.21
C ARG A 10 5.09 -1.06 7.83
N VAL A 11 5.11 -0.22 6.80
CA VAL A 11 5.25 -0.71 5.43
C VAL A 11 6.53 -0.19 4.78
N LYS A 12 7.25 -1.08 4.11
CA LYS A 12 8.49 -0.71 3.45
C LYS A 12 8.34 -0.81 1.93
N PHE A 13 8.88 0.18 1.22
CA PHE A 13 8.82 0.20 -0.23
C PHE A 13 10.17 -0.12 -0.85
N GLU A 14 10.17 -0.57 -2.10
CA GLU A 14 11.39 -0.91 -2.80
C GLU A 14 11.23 -0.73 -4.31
N HIS A 15 12.18 -0.03 -4.92
CA HIS A 15 12.15 0.21 -6.35
C HIS A 15 13.53 0.54 -6.89
N ARG A 16 14.06 -0.34 -7.74
CA ARG A 16 15.38 -0.14 -8.31
C ARG A 16 16.39 0.26 -7.24
N GLY A 17 16.30 -0.36 -6.08
CA GLY A 17 17.21 -0.06 -4.99
C GLY A 17 16.60 0.92 -4.00
N GLU A 18 15.86 1.90 -4.50
CA GLU A 18 15.23 2.90 -3.65
C GLU A 18 14.23 2.26 -2.69
N LYS A 19 14.39 2.54 -1.41
CA LYS A 19 13.50 1.99 -0.39
C LYS A 19 13.01 3.08 0.56
N ARG A 20 11.75 2.99 0.96
CA ARG A 20 11.17 3.97 1.88
C ARG A 20 10.08 3.34 2.73
N ILE A 21 10.12 3.60 4.03
CA ILE A 21 9.13 3.05 4.96
C ILE A 21 8.11 4.11 5.35
N LEU A 22 6.88 3.69 5.58
CA LEU A 22 5.80 4.59 5.97
C LEU A 22 5.04 4.05 7.18
N GLN A 23 4.03 4.78 7.61
CA GLN A 23 3.21 4.37 8.74
C GLN A 23 1.74 4.64 8.49
N PHE A 24 0.95 3.57 8.34
CA PHE A 24 -0.47 3.69 8.09
C PHE A 24 -1.28 3.16 9.27
N PRO A 25 -1.96 4.07 9.98
CA PRO A 25 -2.78 3.72 11.14
C PRO A 25 -4.04 2.95 10.75
N ARG A 26 -4.14 1.71 11.22
CA ARG A 26 -5.29 0.87 10.91
C ARG A 26 -6.59 1.59 11.25
N PRO A 27 -7.63 1.31 10.47
CA PRO A 27 -7.56 0.39 9.32
C PRO A 27 -6.71 0.94 8.19
N VAL A 28 -5.99 0.05 7.51
CA VAL A 28 -5.13 0.45 6.40
C VAL A 28 -5.93 0.53 5.10
N LYS A 29 -5.68 1.57 4.32
CA LYS A 29 -6.37 1.75 3.05
C LYS A 29 -5.42 1.56 1.87
N LEU A 30 -5.81 0.74 0.92
CA LEU A 30 -4.99 0.48 -0.27
C LEU A 30 -4.60 1.77 -0.96
N GLU A 31 -5.55 2.70 -1.06
CA GLU A 31 -5.31 3.98 -1.70
C GLU A 31 -4.19 4.74 -0.98
N ASP A 32 -4.22 4.72 0.34
CA ASP A 32 -3.22 5.39 1.15
C ASP A 32 -1.82 4.90 0.81
N LEU A 33 -1.65 3.59 0.82
CA LEU A 33 -0.35 2.97 0.51
C LEU A 33 0.19 3.51 -0.81
N ARG A 34 -0.66 3.56 -1.82
CA ARG A 34 -0.26 4.05 -3.14
C ARG A 34 0.06 5.54 -3.08
N SER A 35 -0.89 6.33 -2.61
CA SER A 35 -0.71 7.78 -2.51
C SER A 35 0.68 8.11 -1.96
N LYS A 36 0.99 7.57 -0.80
CA LYS A 36 2.29 7.81 -0.17
C LYS A 36 3.43 7.52 -1.13
N ALA A 37 3.53 6.26 -1.55
CA ALA A 37 4.57 5.84 -2.48
C ALA A 37 4.63 6.75 -3.69
N LYS A 38 3.48 7.29 -4.07
CA LYS A 38 3.38 8.18 -5.22
C LYS A 38 3.89 9.58 -4.87
N ILE A 39 3.71 9.97 -3.61
CA ILE A 39 4.16 11.27 -3.15
C ILE A 39 5.63 11.25 -2.76
N ALA A 40 6.12 10.08 -2.36
CA ALA A 40 7.51 9.93 -1.97
C ALA A 40 8.42 9.98 -3.18
N PHE A 41 8.10 9.18 -4.20
CA PHE A 41 8.91 9.13 -5.42
C PHE A 41 8.39 10.15 -6.44
N GLY A 42 7.07 10.32 -6.48
CA GLY A 42 6.47 11.25 -7.41
C GLY A 42 6.11 10.61 -8.73
N GLN A 43 5.54 9.40 -8.66
CA GLN A 43 5.15 8.67 -9.86
C GLN A 43 4.25 7.49 -9.51
N SER A 44 3.29 7.19 -10.37
CA SER A 44 2.37 6.09 -10.16
C SER A 44 3.06 4.75 -10.38
N MET A 45 3.05 3.91 -9.35
CA MET A 45 3.68 2.60 -9.43
C MET A 45 2.86 1.56 -8.67
N ASP A 46 2.79 0.35 -9.22
CA ASP A 46 2.05 -0.73 -8.60
C ASP A 46 2.63 -1.09 -7.24
N LEU A 47 1.86 -1.81 -6.43
CA LEU A 47 2.32 -2.22 -5.10
C LEU A 47 2.29 -3.73 -4.95
N HIS A 48 3.47 -4.35 -5.09
CA HIS A 48 3.58 -5.80 -4.98
C HIS A 48 4.25 -6.19 -3.67
N TYR A 49 3.48 -6.78 -2.76
CA TYR A 49 3.99 -7.21 -1.47
C TYR A 49 4.20 -8.71 -1.42
N THR A 50 5.33 -9.14 -0.89
CA THR A 50 5.64 -10.56 -0.78
C THR A 50 5.49 -11.05 0.66
N ASN A 51 4.93 -12.24 0.81
CA ASN A 51 4.72 -12.83 2.13
C ASN A 51 5.92 -13.67 2.55
N ASN A 52 6.19 -14.73 1.78
CA ASN A 52 7.32 -15.61 2.06
C ASN A 52 8.13 -15.89 0.80
N GLU A 53 7.55 -16.66 -0.11
CA GLU A 53 8.21 -17.00 -1.35
C GLU A 53 7.30 -16.74 -2.55
N LEU A 54 6.41 -15.77 -2.40
CA LEU A 54 5.48 -15.41 -3.47
C LEU A 54 5.26 -13.91 -3.53
N VAL A 55 4.61 -13.44 -4.59
CA VAL A 55 4.34 -12.03 -4.76
C VAL A 55 2.85 -11.77 -4.99
N ILE A 56 2.29 -10.84 -4.23
CA ILE A 56 0.88 -10.50 -4.36
C ILE A 56 0.70 -9.04 -4.75
N PRO A 57 0.32 -8.80 -6.02
CA PRO A 57 0.11 -7.45 -6.54
C PRO A 57 -1.13 -6.80 -5.95
N LEU A 58 -0.92 -5.91 -4.99
CA LEU A 58 -2.04 -5.20 -4.35
C LEU A 58 -2.83 -4.39 -5.36
N THR A 59 -3.95 -4.94 -5.80
CA THR A 59 -4.81 -4.27 -6.77
C THR A 59 -6.09 -3.78 -6.12
N THR A 60 -6.71 -4.63 -5.30
CA THR A 60 -7.94 -4.27 -4.63
C THR A 60 -7.78 -4.36 -3.10
N GLN A 61 -8.72 -3.77 -2.38
CA GLN A 61 -8.68 -3.79 -0.92
C GLN A 61 -8.58 -5.21 -0.40
N ASP A 62 -9.38 -6.11 -0.97
CA ASP A 62 -9.40 -7.51 -0.56
C ASP A 62 -7.97 -8.01 -0.34
N ASP A 63 -7.09 -7.72 -1.30
CA ASP A 63 -5.70 -8.15 -1.20
C ASP A 63 -5.03 -7.55 0.03
N LEU A 64 -5.10 -6.23 0.16
CA LEU A 64 -4.49 -5.54 1.29
C LEU A 64 -4.98 -6.13 2.61
N ASP A 65 -6.29 -6.17 2.79
CA ASP A 65 -6.89 -6.72 4.01
C ASP A 65 -6.30 -8.09 4.33
N LYS A 66 -6.04 -8.87 3.30
CA LYS A 66 -5.46 -10.20 3.47
C LYS A 66 -3.96 -10.13 3.67
N ALA A 67 -3.38 -8.99 3.31
CA ALA A 67 -1.94 -8.80 3.47
C ALA A 67 -1.61 -8.16 4.82
N VAL A 68 -2.59 -7.49 5.40
CA VAL A 68 -2.41 -6.82 6.69
C VAL A 68 -2.74 -7.77 7.84
N GLU A 69 -3.69 -8.67 7.60
CA GLU A 69 -4.09 -9.63 8.62
C GLU A 69 -3.00 -10.69 8.84
N LEU A 70 -2.35 -11.09 7.75
CA LEU A 70 -1.29 -12.09 7.81
C LEU A 70 -0.06 -11.53 8.54
N LEU A 71 0.24 -10.26 8.29
CA LEU A 71 1.39 -9.62 8.93
C LEU A 71 1.28 -9.69 10.44
N ASP A 72 0.13 -9.27 10.97
CA ASP A 72 -0.10 -9.29 12.41
C ASP A 72 0.08 -10.69 12.97
N ARG A 73 -0.76 -11.62 12.52
CA ARG A 73 -0.69 -13.00 12.99
C ARG A 73 0.72 -13.56 12.82
N SER A 74 1.40 -13.14 11.76
CA SER A 74 2.75 -13.60 11.47
C SER A 74 3.76 -12.95 12.42
N ILE A 75 4.11 -13.66 13.48
CA ILE A 75 5.06 -13.16 14.46
C ILE A 75 6.42 -12.88 13.81
N HIS A 76 7.04 -13.92 13.26
CA HIS A 76 8.33 -13.79 12.61
C HIS A 76 8.38 -12.55 11.72
N MET A 77 7.30 -12.32 10.98
CA MET A 77 7.21 -11.17 10.10
C MET A 77 7.38 -9.86 10.88
N LYS A 78 8.25 -8.99 10.38
CA LYS A 78 8.51 -7.72 11.03
C LYS A 78 7.64 -6.62 10.41
N SER A 79 7.53 -6.63 9.09
CA SER A 79 6.73 -5.63 8.39
C SER A 79 6.21 -6.18 7.06
N LEU A 80 5.45 -5.36 6.34
CA LEU A 80 4.89 -5.77 5.06
C LEU A 80 5.69 -5.19 3.90
N LYS A 81 6.69 -5.94 3.44
CA LYS A 81 7.53 -5.50 2.33
C LYS A 81 6.69 -5.10 1.12
N ILE A 82 7.19 -4.17 0.33
CA ILE A 82 6.49 -3.72 -0.86
C ILE A 82 7.45 -3.41 -2.00
N LEU A 83 7.12 -3.87 -3.19
CA LEU A 83 7.97 -3.65 -4.36
C LEU A 83 7.23 -2.83 -5.41
N LEU A 84 7.61 -1.56 -5.53
CA LEU A 84 6.99 -0.66 -6.49
C LEU A 84 7.46 -0.96 -7.90
N VAL A 85 6.52 -1.04 -8.84
CA VAL A 85 6.85 -1.32 -10.23
C VAL A 85 6.23 -0.29 -11.17
N ILE A 86 7.06 0.46 -11.86
CA ILE A 86 6.60 1.49 -12.78
C ILE A 86 5.36 1.02 -13.54
N ASN A 87 4.41 1.93 -13.72
CA ASN A 87 3.16 1.61 -14.42
C ASN A 87 2.68 2.81 -15.24
N GLY A 88 2.22 2.54 -16.46
CA GLY A 88 1.74 3.60 -17.31
C GLY A 88 0.22 3.69 -17.33
N SER A 89 -0.42 2.60 -17.73
CA SER A 89 -1.87 2.55 -17.80
C SER A 89 -2.50 3.07 -16.51
N THR A 90 -3.11 4.26 -16.58
CA THR A 90 -3.74 4.86 -15.42
C THR A 90 -5.23 5.09 -15.65
N GLN A 91 -6.05 4.56 -14.76
CA GLN A 91 -7.50 4.71 -14.87
C GLN A 91 -7.97 6.00 -14.21
N ALA A 92 -8.12 7.05 -15.02
CA ALA A 92 -8.56 8.34 -14.52
C ALA A 92 -10.06 8.35 -14.27
N THR A 93 -10.81 7.84 -15.23
CA THR A 93 -12.27 7.79 -15.12
C THR A 93 -12.83 6.54 -15.79
N ASN A 94 -13.84 5.94 -15.16
CA ASN A 94 -14.47 4.74 -15.70
C ASN A 94 -15.55 5.09 -16.71
N LEU A 95 -16.54 5.85 -16.26
CA LEU A 95 -17.65 6.26 -17.13
C LEU A 95 -18.08 7.69 -16.81
N GLU A 96 -18.33 8.47 -17.85
CA GLU A 96 -18.75 9.86 -17.69
C GLU A 96 -20.09 9.94 -16.97
N PRO A 97 -20.24 10.94 -16.10
CA PRO A 97 -21.46 11.16 -15.32
C PRO A 97 -22.62 11.62 -16.20
N SER A 98 -23.64 10.77 -16.31
CA SER A 98 -24.81 11.08 -17.12
C SER A 98 -26.08 11.07 -16.27
N GLY A 99 -26.68 12.23 -16.10
CA GLY A 99 -27.90 12.34 -15.30
C GLY A 99 -28.58 13.68 -15.46
N PRO A 100 -29.92 13.64 -15.62
CA PRO A 100 -30.73 14.86 -15.80
C PRO A 100 -30.81 15.68 -14.51
N SER A 101 -31.58 16.76 -14.56
CA SER A 101 -31.75 17.64 -13.40
C SER A 101 -33.15 18.23 -13.36
N SER A 102 -33.49 18.85 -12.23
CA SER A 102 -34.81 19.46 -12.07
C SER A 102 -35.07 20.47 -13.17
N GLY A 103 -36.35 20.84 -13.33
CA GLY A 103 -36.72 21.80 -14.35
C GLY A 103 -36.25 21.37 -15.74
N GLY A 1 -13.49 15.34 20.94
CA GLY A 1 -12.06 15.23 20.74
C GLY A 1 -11.71 14.06 19.83
N SER A 2 -11.92 14.22 18.53
CA SER A 2 -11.63 13.17 17.57
C SER A 2 -10.36 12.40 17.98
N SER A 3 -10.45 11.08 17.94
CA SER A 3 -9.33 10.22 18.31
C SER A 3 -8.91 9.34 17.15
N GLY A 4 -7.69 8.81 17.20
CA GLY A 4 -7.20 7.95 16.14
C GLY A 4 -7.11 6.50 16.58
N SER A 5 -6.58 5.66 15.71
CA SER A 5 -6.44 4.23 15.99
C SER A 5 -5.04 3.92 16.53
N SER A 6 -4.96 2.92 17.39
CA SER A 6 -3.69 2.53 17.98
C SER A 6 -3.04 1.41 17.17
N GLY A 7 -1.72 1.46 17.05
CA GLY A 7 -1.00 0.45 16.30
C GLY A 7 -1.07 0.68 14.81
N ASP A 8 0.02 1.18 14.22
CA ASP A 8 0.08 1.45 12.79
C ASP A 8 0.69 0.27 12.04
N VAL A 9 0.72 0.37 10.72
CA VAL A 9 1.27 -0.69 9.89
C VAL A 9 2.48 -0.19 9.10
N ARG A 10 3.67 -0.53 9.57
CA ARG A 10 4.91 -0.11 8.92
C ARG A 10 5.04 -0.78 7.54
N VAL A 11 5.10 0.03 6.50
CA VAL A 11 5.23 -0.47 5.14
C VAL A 11 6.50 0.04 4.48
N LYS A 12 7.47 -0.87 4.28
CA LYS A 12 8.73 -0.50 3.66
C LYS A 12 8.70 -0.77 2.15
N PHE A 13 8.89 0.28 1.36
CA PHE A 13 8.88 0.15 -0.09
C PHE A 13 10.26 -0.22 -0.61
N GLU A 14 10.30 -0.75 -1.83
CA GLU A 14 11.56 -1.14 -2.45
C GLU A 14 11.48 -1.02 -3.97
N HIS A 15 12.22 -0.07 -4.52
CA HIS A 15 12.24 0.16 -5.96
C HIS A 15 13.68 0.35 -6.46
N ARG A 16 14.23 -0.68 -7.09
CA ARG A 16 15.59 -0.62 -7.61
C ARG A 16 16.56 -0.17 -6.53
N GLY A 17 16.57 -0.88 -5.41
CA GLY A 17 17.46 -0.53 -4.32
C GLY A 17 16.85 0.48 -3.37
N GLU A 18 16.20 1.50 -3.93
CA GLU A 18 15.58 2.54 -3.13
C GLU A 18 14.49 1.96 -2.23
N LYS A 19 14.31 2.57 -1.06
CA LYS A 19 13.31 2.11 -0.10
C LYS A 19 12.75 3.28 0.69
N ARG A 20 11.51 3.13 1.16
CA ARG A 20 10.85 4.18 1.93
C ARG A 20 9.81 3.58 2.87
N ILE A 21 10.03 3.73 4.17
CA ILE A 21 9.12 3.21 5.17
C ILE A 21 7.97 4.18 5.43
N LEU A 22 6.75 3.65 5.45
CA LEU A 22 5.56 4.47 5.69
C LEU A 22 4.83 4.02 6.94
N GLN A 23 3.83 4.79 7.35
CA GLN A 23 3.04 4.46 8.53
C GLN A 23 1.56 4.71 8.28
N PHE A 24 0.76 3.65 8.31
CA PHE A 24 -0.67 3.76 8.09
C PHE A 24 -1.44 3.17 9.26
N PRO A 25 -2.15 4.04 10.00
CA PRO A 25 -2.95 3.63 11.17
C PRO A 25 -4.18 2.84 10.77
N ARG A 26 -4.17 1.54 11.10
CA ARG A 26 -5.29 0.67 10.78
C ARG A 26 -6.61 1.28 11.23
N PRO A 27 -7.68 1.02 10.47
CA PRO A 27 -7.60 0.20 9.25
C PRO A 27 -6.83 0.89 8.13
N VAL A 28 -5.95 0.13 7.48
CA VAL A 28 -5.15 0.68 6.38
C VAL A 28 -5.93 0.64 5.07
N LYS A 29 -5.82 1.73 4.30
CA LYS A 29 -6.51 1.82 3.01
C LYS A 29 -5.54 1.59 1.85
N LEU A 30 -5.89 0.66 0.98
CA LEU A 30 -5.06 0.34 -0.17
C LEU A 30 -4.68 1.62 -0.93
N GLU A 31 -5.66 2.52 -1.09
CA GLU A 31 -5.42 3.77 -1.79
C GLU A 31 -4.36 4.61 -1.08
N ASP A 32 -4.42 4.61 0.25
CA ASP A 32 -3.47 5.37 1.05
C ASP A 32 -2.03 4.95 0.76
N LEU A 33 -1.80 3.64 0.77
CA LEU A 33 -0.48 3.09 0.49
C LEU A 33 0.06 3.60 -0.84
N ARG A 34 -0.78 3.56 -1.87
CA ARG A 34 -0.39 4.03 -3.19
C ARG A 34 -0.15 5.53 -3.20
N SER A 35 -1.16 6.28 -2.78
CA SER A 35 -1.07 7.73 -2.74
C SER A 35 0.28 8.18 -2.18
N LYS A 36 0.61 7.71 -0.98
CA LYS A 36 1.87 8.05 -0.34
C LYS A 36 3.05 7.71 -1.24
N ALA A 37 3.23 6.42 -1.52
CA ALA A 37 4.31 5.97 -2.38
C ALA A 37 4.45 6.85 -3.61
N LYS A 38 3.32 7.32 -4.12
CA LYS A 38 3.31 8.18 -5.30
C LYS A 38 3.88 9.56 -4.98
N ILE A 39 3.57 10.06 -3.78
CA ILE A 39 4.05 11.37 -3.34
C ILE A 39 5.52 11.30 -2.95
N ALA A 40 5.92 10.19 -2.35
CA ALA A 40 7.30 10.00 -1.92
C ALA A 40 8.25 9.96 -3.11
N PHE A 41 7.90 9.14 -4.11
CA PHE A 41 8.73 9.02 -5.30
C PHE A 41 8.31 10.04 -6.36
N GLY A 42 7.01 10.26 -6.47
CA GLY A 42 6.49 11.21 -7.45
C GLY A 42 6.20 10.56 -8.79
N GLN A 43 5.59 9.38 -8.75
CA GLN A 43 5.25 8.66 -9.96
C GLN A 43 4.32 7.49 -9.66
N SER A 44 3.39 7.21 -10.58
CA SER A 44 2.43 6.13 -10.40
C SER A 44 3.13 4.78 -10.51
N MET A 45 3.09 4.01 -9.42
CA MET A 45 3.71 2.69 -9.38
C MET A 45 2.84 1.70 -8.62
N ASP A 46 2.88 0.44 -9.06
CA ASP A 46 2.09 -0.61 -8.41
C ASP A 46 2.72 -1.03 -7.09
N LEU A 47 1.94 -1.69 -6.26
CA LEU A 47 2.43 -2.15 -4.96
C LEU A 47 2.38 -3.68 -4.87
N HIS A 48 3.53 -4.31 -5.10
CA HIS A 48 3.63 -5.76 -5.03
C HIS A 48 4.31 -6.20 -3.75
N TYR A 49 3.54 -6.83 -2.86
CA TYR A 49 4.07 -7.30 -1.58
C TYR A 49 4.23 -8.82 -1.59
N THR A 50 5.35 -9.29 -1.06
CA THR A 50 5.64 -10.71 -1.00
C THR A 50 5.42 -11.27 0.40
N ASN A 51 4.92 -12.50 0.48
CA ASN A 51 4.66 -13.14 1.77
C ASN A 51 5.82 -14.05 2.16
N ASN A 52 6.06 -15.07 1.33
CA ASN A 52 7.14 -16.03 1.60
C ASN A 52 7.96 -16.27 0.34
N GLU A 53 7.37 -16.97 -0.63
CA GLU A 53 8.05 -17.27 -1.88
C GLU A 53 7.16 -16.93 -3.08
N LEU A 54 6.28 -15.95 -2.89
CA LEU A 54 5.37 -15.52 -3.95
C LEU A 54 5.17 -14.01 -3.91
N VAL A 55 4.59 -13.47 -4.99
CA VAL A 55 4.33 -12.04 -5.07
C VAL A 55 2.85 -11.77 -5.29
N ILE A 56 2.30 -10.85 -4.50
CA ILE A 56 0.89 -10.49 -4.60
C ILE A 56 0.72 -9.01 -4.91
N PRO A 57 0.35 -8.71 -6.17
CA PRO A 57 0.14 -7.33 -6.62
C PRO A 57 -1.09 -6.69 -6.01
N LEU A 58 -0.88 -5.91 -4.96
CA LEU A 58 -1.99 -5.24 -4.27
C LEU A 58 -2.75 -4.34 -5.23
N THR A 59 -3.90 -4.83 -5.71
CA THR A 59 -4.73 -4.06 -6.64
C THR A 59 -6.01 -3.61 -5.97
N THR A 60 -6.61 -4.49 -5.18
CA THR A 60 -7.86 -4.19 -4.50
C THR A 60 -7.68 -4.28 -2.99
N GLN A 61 -8.58 -3.64 -2.24
CA GLN A 61 -8.52 -3.65 -0.79
C GLN A 61 -8.49 -5.08 -0.26
N ASP A 62 -9.40 -5.91 -0.75
CA ASP A 62 -9.46 -7.31 -0.31
C ASP A 62 -8.06 -7.87 -0.11
N ASP A 63 -7.17 -7.59 -1.04
CA ASP A 63 -5.79 -8.07 -0.96
C ASP A 63 -5.05 -7.44 0.22
N LEU A 64 -5.14 -6.11 0.31
CA LEU A 64 -4.48 -5.39 1.40
C LEU A 64 -4.95 -5.88 2.75
N ASP A 65 -6.26 -5.85 2.96
CA ASP A 65 -6.86 -6.31 4.22
C ASP A 65 -6.33 -7.69 4.59
N LYS A 66 -6.24 -8.57 3.60
CA LYS A 66 -5.75 -9.92 3.83
C LYS A 66 -4.23 -9.95 3.97
N ALA A 67 -3.59 -8.88 3.51
CA ALA A 67 -2.13 -8.78 3.60
C ALA A 67 -1.70 -8.19 4.94
N VAL A 68 -2.55 -7.34 5.50
CA VAL A 68 -2.26 -6.70 6.78
C VAL A 68 -2.57 -7.63 7.94
N GLU A 69 -3.60 -8.46 7.77
CA GLU A 69 -4.00 -9.41 8.81
C GLU A 69 -2.94 -10.49 8.99
N LEU A 70 -2.32 -10.90 7.89
CA LEU A 70 -1.30 -11.93 7.93
C LEU A 70 -0.01 -11.40 8.54
N LEU A 71 0.33 -10.16 8.19
CA LEU A 71 1.54 -9.52 8.71
C LEU A 71 1.52 -9.48 10.24
N ASP A 72 0.43 -8.98 10.80
CA ASP A 72 0.29 -8.89 12.25
C ASP A 72 0.48 -10.25 12.90
N ARG A 73 -0.39 -11.19 12.57
CA ARG A 73 -0.31 -12.53 13.13
C ARG A 73 1.09 -13.12 12.94
N SER A 74 1.67 -12.88 11.77
CA SER A 74 3.00 -13.39 11.47
C SER A 74 4.02 -12.92 12.51
N ILE A 75 4.67 -13.87 13.15
CA ILE A 75 5.66 -13.55 14.17
C ILE A 75 7.03 -13.25 13.54
N HIS A 76 7.47 -14.14 12.66
CA HIS A 76 8.75 -13.97 11.98
C HIS A 76 8.76 -12.68 11.17
N MET A 77 7.69 -12.42 10.44
CA MET A 77 7.58 -11.21 9.63
C MET A 77 7.54 -9.97 10.51
N LYS A 78 8.32 -8.96 10.11
CA LYS A 78 8.38 -7.71 10.87
C LYS A 78 7.45 -6.67 10.27
N SER A 79 7.60 -6.41 8.97
CA SER A 79 6.77 -5.44 8.28
C SER A 79 6.26 -5.99 6.95
N LEU A 80 5.41 -5.24 6.28
CA LEU A 80 4.85 -5.65 5.00
C LEU A 80 5.77 -5.25 3.85
N LYS A 81 6.59 -6.19 3.39
CA LYS A 81 7.51 -5.94 2.29
C LYS A 81 6.75 -5.60 1.01
N ILE A 82 6.98 -4.40 0.49
CA ILE A 82 6.32 -3.96 -0.74
C ILE A 82 7.34 -3.71 -1.85
N LEU A 83 6.91 -3.93 -3.08
CA LEU A 83 7.79 -3.73 -4.23
C LEU A 83 7.13 -2.80 -5.26
N LEU A 84 7.62 -1.58 -5.35
CA LEU A 84 7.09 -0.61 -6.30
C LEU A 84 7.54 -0.93 -7.73
N VAL A 85 6.57 -1.07 -8.63
CA VAL A 85 6.85 -1.37 -10.02
C VAL A 85 6.28 -0.30 -10.94
N ILE A 86 7.16 0.31 -11.75
CA ILE A 86 6.74 1.34 -12.68
C ILE A 86 5.61 0.85 -13.58
N ASN A 87 4.40 1.35 -13.34
CA ASN A 87 3.24 0.97 -14.13
C ASN A 87 3.10 1.86 -15.36
N GLY A 88 3.23 3.17 -15.16
CA GLY A 88 3.11 4.10 -16.25
C GLY A 88 2.24 5.29 -15.91
N SER A 89 0.94 5.05 -15.72
CA SER A 89 0.00 6.11 -15.39
C SER A 89 -1.38 5.54 -15.11
N THR A 90 -2.02 6.06 -14.06
CA THR A 90 -3.34 5.59 -13.68
C THR A 90 -4.42 6.28 -14.51
N GLN A 91 -5.35 5.48 -15.04
CA GLN A 91 -6.43 6.01 -15.85
C GLN A 91 -7.78 5.83 -15.16
N ALA A 92 -8.46 6.95 -14.91
CA ALA A 92 -9.76 6.90 -14.25
C ALA A 92 -10.89 6.99 -15.27
N THR A 93 -11.34 5.83 -15.75
CA THR A 93 -12.42 5.78 -16.73
C THR A 93 -13.72 5.29 -16.10
N ASN A 94 -14.78 6.06 -16.28
CA ASN A 94 -16.08 5.71 -15.73
C ASN A 94 -17.21 6.46 -16.45
N LEU A 95 -18.17 5.71 -16.96
CA LEU A 95 -19.30 6.29 -17.67
C LEU A 95 -20.47 5.32 -17.74
N GLU A 96 -21.66 5.81 -17.39
CA GLU A 96 -22.86 4.98 -17.40
C GLU A 96 -22.78 3.93 -18.52
N PRO A 97 -22.34 2.72 -18.15
CA PRO A 97 -22.21 1.60 -19.09
C PRO A 97 -23.56 1.08 -19.56
N SER A 98 -23.66 0.76 -20.85
CA SER A 98 -24.90 0.25 -21.43
C SER A 98 -24.65 -1.03 -22.21
N GLY A 99 -24.86 -2.17 -21.56
CA GLY A 99 -24.65 -3.44 -22.22
C GLY A 99 -23.31 -4.06 -21.87
N PRO A 100 -23.28 -5.39 -21.77
CA PRO A 100 -22.05 -6.13 -21.44
C PRO A 100 -21.03 -6.10 -22.57
N SER A 101 -19.95 -5.38 -22.35
CA SER A 101 -18.89 -5.26 -23.35
C SER A 101 -17.94 -6.45 -23.28
N SER A 102 -17.76 -7.12 -24.41
CA SER A 102 -16.88 -8.28 -24.48
C SER A 102 -15.94 -8.19 -25.68
N GLY A 103 -15.04 -9.15 -25.79
CA GLY A 103 -14.10 -9.16 -26.90
C GLY A 103 -12.87 -10.01 -26.62
N GLY A 1 -7.13 18.66 13.17
CA GLY A 1 -6.19 17.58 13.31
C GLY A 1 -6.85 16.29 13.78
N SER A 2 -6.06 15.43 14.42
CA SER A 2 -6.57 14.16 14.92
C SER A 2 -6.25 13.99 16.41
N SER A 3 -5.00 14.24 16.77
CA SER A 3 -4.56 14.12 18.15
C SER A 3 -4.94 12.76 18.72
N GLY A 4 -4.75 11.71 17.92
CA GLY A 4 -5.08 10.36 18.35
C GLY A 4 -4.36 9.30 17.56
N SER A 5 -3.96 8.23 18.23
CA SER A 5 -3.24 7.14 17.58
C SER A 5 -3.38 5.84 18.37
N SER A 6 -3.50 4.72 17.65
CA SER A 6 -3.64 3.42 18.29
C SER A 6 -2.61 2.43 17.75
N GLY A 7 -2.57 2.30 16.44
CA GLY A 7 -1.61 1.38 15.82
C GLY A 7 -1.47 1.61 14.33
N ASP A 8 -0.24 1.68 13.86
CA ASP A 8 0.03 1.90 12.44
C ASP A 8 0.67 0.66 11.81
N VAL A 9 0.55 0.54 10.49
CA VAL A 9 1.11 -0.59 9.78
C VAL A 9 2.38 -0.20 9.03
N ARG A 10 3.53 -0.54 9.61
CA ARG A 10 4.82 -0.21 9.00
C ARG A 10 4.96 -0.88 7.63
N VAL A 11 4.88 -0.07 6.58
CA VAL A 11 5.00 -0.59 5.21
C VAL A 11 6.28 -0.10 4.56
N LYS A 12 7.15 -1.03 4.18
CA LYS A 12 8.41 -0.70 3.53
C LYS A 12 8.32 -0.89 2.03
N PHE A 13 8.76 0.12 1.27
CA PHE A 13 8.73 0.06 -0.18
C PHE A 13 10.11 -0.24 -0.75
N GLU A 14 10.15 -0.68 -2.01
CA GLU A 14 11.41 -0.99 -2.65
C GLU A 14 11.31 -0.77 -4.17
N HIS A 15 12.07 0.21 -4.66
CA HIS A 15 12.06 0.54 -6.08
C HIS A 15 13.48 0.75 -6.59
N ARG A 16 13.90 -0.07 -7.54
CA ARG A 16 15.24 0.03 -8.11
C ARG A 16 16.29 0.18 -7.01
N GLY A 17 16.23 -0.71 -6.01
CA GLY A 17 17.17 -0.66 -4.92
C GLY A 17 16.73 0.27 -3.82
N GLU A 18 16.18 1.42 -4.18
CA GLU A 18 15.72 2.40 -3.22
C GLU A 18 14.58 1.83 -2.37
N LYS A 19 14.39 2.40 -1.18
CA LYS A 19 13.34 1.95 -0.28
C LYS A 19 12.80 3.11 0.55
N ARG A 20 11.55 3.00 0.98
CA ARG A 20 10.91 4.04 1.78
C ARG A 20 9.80 3.45 2.65
N ILE A 21 9.96 3.58 3.96
CA ILE A 21 8.97 3.06 4.90
C ILE A 21 7.93 4.13 5.24
N LEU A 22 6.70 3.69 5.48
CA LEU A 22 5.62 4.62 5.82
C LEU A 22 4.84 4.12 7.03
N GLN A 23 3.82 4.87 7.43
CA GLN A 23 3.00 4.50 8.58
C GLN A 23 1.52 4.77 8.30
N PHE A 24 0.75 3.70 8.16
CA PHE A 24 -0.68 3.81 7.88
C PHE A 24 -1.50 3.30 9.06
N PRO A 25 -2.20 4.21 9.74
CA PRO A 25 -3.04 3.87 10.89
C PRO A 25 -4.27 3.09 10.49
N ARG A 26 -4.36 1.85 10.95
CA ARG A 26 -5.50 0.99 10.64
C ARG A 26 -6.81 1.67 11.03
N PRO A 27 -7.87 1.39 10.25
CA PRO A 27 -7.78 0.48 9.09
C PRO A 27 -6.97 1.08 7.95
N VAL A 28 -6.11 0.26 7.35
CA VAL A 28 -5.28 0.71 6.24
C VAL A 28 -6.04 0.64 4.92
N LYS A 29 -5.89 1.67 4.10
CA LYS A 29 -6.56 1.73 2.81
C LYS A 29 -5.56 1.52 1.67
N LEU A 30 -5.87 0.57 0.80
CA LEU A 30 -5.00 0.26 -0.34
C LEU A 30 -4.62 1.54 -1.09
N GLU A 31 -5.59 2.44 -1.24
CA GLU A 31 -5.36 3.69 -1.93
C GLU A 31 -4.29 4.52 -1.24
N ASP A 32 -4.36 4.57 0.09
CA ASP A 32 -3.40 5.33 0.88
C ASP A 32 -1.98 4.86 0.59
N LEU A 33 -1.76 3.56 0.68
CA LEU A 33 -0.45 2.97 0.44
C LEU A 33 0.14 3.50 -0.88
N ARG A 34 -0.69 3.55 -1.91
CA ARG A 34 -0.26 4.03 -3.21
C ARG A 34 0.04 5.53 -3.17
N SER A 35 -0.94 6.31 -2.71
CA SER A 35 -0.78 7.76 -2.62
C SER A 35 0.59 8.12 -2.05
N LYS A 36 0.89 7.61 -0.86
CA LYS A 36 2.16 7.88 -0.21
C LYS A 36 3.32 7.55 -1.13
N ALA A 37 3.46 6.28 -1.49
CA ALA A 37 4.54 5.83 -2.37
C ALA A 37 4.66 6.76 -3.58
N LYS A 38 3.53 7.26 -4.06
CA LYS A 38 3.51 8.16 -5.21
C LYS A 38 4.03 9.54 -4.83
N ILE A 39 3.78 9.95 -3.59
CA ILE A 39 4.22 11.24 -3.10
C ILE A 39 5.70 11.23 -2.76
N ALA A 40 6.16 10.11 -2.20
CA ALA A 40 7.56 9.96 -1.83
C ALA A 40 8.46 9.99 -3.05
N PHE A 41 8.07 9.26 -4.08
CA PHE A 41 8.84 9.20 -5.32
C PHE A 41 8.34 10.23 -6.33
N GLY A 42 7.03 10.46 -6.33
CA GLY A 42 6.46 11.42 -7.25
C GLY A 42 6.06 10.80 -8.58
N GLN A 43 5.74 9.51 -8.56
CA GLN A 43 5.35 8.79 -9.76
C GLN A 43 4.39 7.65 -9.44
N SER A 44 3.50 7.36 -10.38
CA SER A 44 2.52 6.29 -10.19
C SER A 44 3.16 4.92 -10.41
N MET A 45 3.22 4.13 -9.34
CA MET A 45 3.81 2.80 -9.41
C MET A 45 2.93 1.78 -8.69
N ASP A 46 2.97 0.54 -9.15
CA ASP A 46 2.17 -0.53 -8.56
C ASP A 46 2.76 -0.95 -7.22
N LEU A 47 1.96 -1.66 -6.42
CA LEU A 47 2.39 -2.12 -5.11
C LEU A 47 2.35 -3.64 -5.03
N HIS A 48 3.51 -4.28 -5.18
CA HIS A 48 3.60 -5.72 -5.12
C HIS A 48 4.26 -6.18 -3.82
N TYR A 49 3.47 -6.79 -2.95
CA TYR A 49 3.97 -7.27 -1.66
C TYR A 49 4.12 -8.79 -1.66
N THR A 50 5.19 -9.28 -1.03
CA THR A 50 5.45 -10.71 -0.96
C THR A 50 5.30 -11.22 0.46
N ASN A 51 4.35 -12.14 0.66
CA ASN A 51 4.10 -12.71 1.98
C ASN A 51 5.35 -13.40 2.51
N ASN A 52 5.68 -14.55 1.94
CA ASN A 52 6.85 -15.30 2.36
C ASN A 52 7.75 -15.62 1.17
N GLU A 53 7.25 -16.44 0.26
CA GLU A 53 8.00 -16.82 -0.93
C GLU A 53 7.17 -16.66 -2.19
N LEU A 54 6.23 -15.71 -2.16
CA LEU A 54 5.36 -15.45 -3.30
C LEU A 54 5.08 -13.95 -3.43
N VAL A 55 4.79 -13.52 -4.66
CA VAL A 55 4.49 -12.12 -4.92
C VAL A 55 3.00 -11.90 -5.12
N ILE A 56 2.49 -10.82 -4.56
CA ILE A 56 1.06 -10.49 -4.67
C ILE A 56 0.86 -9.00 -4.92
N PRO A 57 0.45 -8.66 -6.15
CA PRO A 57 0.21 -7.26 -6.54
C PRO A 57 -1.02 -6.68 -5.86
N LEU A 58 -0.80 -5.82 -4.88
CA LEU A 58 -1.89 -5.19 -4.14
C LEU A 58 -2.72 -4.30 -5.06
N THR A 59 -3.88 -4.80 -5.48
CA THR A 59 -4.76 -4.05 -6.36
C THR A 59 -6.14 -3.85 -5.73
N THR A 60 -6.64 -4.91 -5.09
CA THR A 60 -7.95 -4.86 -4.44
C THR A 60 -7.81 -4.77 -2.93
N GLN A 61 -8.69 -3.99 -2.30
CA GLN A 61 -8.67 -3.82 -0.85
C GLN A 61 -8.55 -5.16 -0.16
N ASP A 62 -9.33 -6.13 -0.61
CA ASP A 62 -9.31 -7.47 -0.02
C ASP A 62 -7.89 -7.97 0.18
N ASP A 63 -7.06 -7.79 -0.85
CA ASP A 63 -5.66 -8.22 -0.78
C ASP A 63 -4.94 -7.51 0.36
N LEU A 64 -5.09 -6.20 0.44
CA LEU A 64 -4.45 -5.41 1.49
C LEU A 64 -4.89 -5.87 2.87
N ASP A 65 -6.20 -5.82 3.12
CA ASP A 65 -6.75 -6.24 4.40
C ASP A 65 -6.26 -7.63 4.77
N LYS A 66 -6.25 -8.53 3.79
CA LYS A 66 -5.81 -9.91 4.01
C LYS A 66 -4.29 -9.98 4.08
N ALA A 67 -3.63 -8.92 3.64
CA ALA A 67 -2.17 -8.86 3.65
C ALA A 67 -1.66 -8.26 4.96
N VAL A 68 -2.45 -7.36 5.54
CA VAL A 68 -2.07 -6.72 6.80
C VAL A 68 -2.34 -7.63 7.99
N GLU A 69 -3.40 -8.42 7.89
CA GLU A 69 -3.77 -9.35 8.95
C GLU A 69 -2.77 -10.50 9.05
N LEU A 70 -2.32 -10.97 7.89
CA LEU A 70 -1.36 -12.06 7.83
C LEU A 70 0.00 -11.65 8.38
N LEU A 71 0.31 -10.35 8.24
CA LEU A 71 1.58 -9.82 8.74
C LEU A 71 1.62 -9.82 10.26
N ASP A 72 0.54 -9.34 10.88
CA ASP A 72 0.46 -9.29 12.33
C ASP A 72 0.62 -10.68 12.93
N ARG A 73 -0.26 -11.59 12.53
CA ARG A 73 -0.22 -12.96 13.04
C ARG A 73 1.16 -13.58 12.82
N SER A 74 1.85 -13.13 11.77
CA SER A 74 3.17 -13.63 11.44
C SER A 74 4.16 -13.36 12.58
N ILE A 75 4.87 -14.40 13.00
CA ILE A 75 5.85 -14.26 14.07
C ILE A 75 7.22 -13.91 13.52
N HIS A 76 7.59 -14.54 12.42
CA HIS A 76 8.89 -14.29 11.78
C HIS A 76 8.90 -12.93 11.11
N MET A 77 7.88 -12.66 10.30
CA MET A 77 7.78 -11.40 9.59
C MET A 77 7.74 -10.22 10.57
N LYS A 78 8.08 -9.03 10.09
CA LYS A 78 8.09 -7.84 10.91
C LYS A 78 7.23 -6.74 10.28
N SER A 79 7.32 -6.61 8.97
CA SER A 79 6.56 -5.60 8.25
C SER A 79 6.07 -6.14 6.90
N LEU A 80 5.26 -5.34 6.22
CA LEU A 80 4.71 -5.73 4.92
C LEU A 80 5.62 -5.28 3.79
N LYS A 81 6.47 -6.20 3.32
CA LYS A 81 7.39 -5.91 2.23
C LYS A 81 6.64 -5.56 0.95
N ILE A 82 6.96 -4.41 0.37
CA ILE A 82 6.31 -3.97 -0.86
C ILE A 82 7.34 -3.72 -1.97
N LEU A 83 6.94 -3.96 -3.20
CA LEU A 83 7.82 -3.76 -4.35
C LEU A 83 7.17 -2.83 -5.37
N LEU A 84 7.64 -1.59 -5.42
CA LEU A 84 7.11 -0.61 -6.36
C LEU A 84 7.61 -0.89 -7.77
N VAL A 85 6.69 -0.97 -8.73
CA VAL A 85 7.03 -1.23 -10.13
C VAL A 85 6.45 -0.15 -11.04
N ILE A 86 7.31 0.54 -11.77
CA ILE A 86 6.89 1.58 -12.68
C ILE A 86 5.75 1.09 -13.57
N ASN A 87 4.56 1.67 -13.37
CA ASN A 87 3.39 1.30 -14.16
C ASN A 87 3.18 2.27 -15.31
N GLY A 88 3.06 3.56 -14.97
CA GLY A 88 2.85 4.56 -15.99
C GLY A 88 2.65 5.95 -15.41
N SER A 89 1.70 6.70 -15.98
CA SER A 89 1.42 8.05 -15.51
C SER A 89 -0.07 8.37 -15.67
N THR A 90 -0.50 9.45 -15.01
CA THR A 90 -1.90 9.87 -15.08
C THR A 90 -2.83 8.66 -15.05
N GLN A 91 -2.55 7.72 -14.16
CA GLN A 91 -3.38 6.52 -14.03
C GLN A 91 -4.76 6.87 -13.49
N ALA A 92 -4.80 7.64 -12.41
CA ALA A 92 -6.06 8.04 -11.80
C ALA A 92 -6.11 9.55 -11.59
N THR A 93 -5.14 10.07 -10.85
CA THR A 93 -5.07 11.50 -10.57
C THR A 93 -6.47 12.09 -10.41
N ASN A 94 -7.37 11.33 -9.79
CA ASN A 94 -8.74 11.78 -9.58
C ASN A 94 -8.81 12.75 -8.40
N LEU A 95 -9.86 13.56 -8.39
CA LEU A 95 -10.05 14.54 -7.31
C LEU A 95 -10.38 13.83 -5.99
N GLU A 96 -9.46 13.93 -5.03
CA GLU A 96 -9.65 13.31 -3.73
C GLU A 96 -10.43 14.23 -2.79
N PRO A 97 -11.60 13.76 -2.34
CA PRO A 97 -12.45 14.54 -1.42
C PRO A 97 -11.85 14.67 -0.03
N SER A 98 -12.50 15.44 0.83
CA SER A 98 -12.04 15.65 2.19
C SER A 98 -13.17 15.46 3.19
N GLY A 99 -13.13 14.34 3.91
CA GLY A 99 -14.16 14.06 4.90
C GLY A 99 -14.93 12.79 4.58
N PRO A 100 -14.32 11.64 4.89
CA PRO A 100 -14.93 10.33 4.65
C PRO A 100 -16.12 10.07 5.58
N SER A 101 -16.66 8.85 5.50
CA SER A 101 -17.81 8.48 6.33
C SER A 101 -18.08 6.98 6.23
N SER A 102 -18.78 6.45 7.22
CA SER A 102 -19.11 5.03 7.25
C SER A 102 -20.07 4.71 8.40
N GLY A 103 -20.64 3.51 8.36
CA GLY A 103 -21.58 3.12 9.40
C GLY A 103 -22.43 4.26 9.89
N GLY A 1 -5.67 19.21 16.33
CA GLY A 1 -5.91 17.82 15.98
C GLY A 1 -6.19 16.96 17.19
N SER A 2 -6.67 15.74 16.95
CA SER A 2 -6.99 14.82 18.04
C SER A 2 -6.25 13.50 17.86
N SER A 3 -5.37 13.18 18.81
CA SER A 3 -4.59 11.94 18.75
C SER A 3 -5.45 10.76 19.19
N GLY A 4 -5.52 9.74 18.33
CA GLY A 4 -6.31 8.56 18.64
C GLY A 4 -5.96 7.40 17.74
N SER A 5 -4.68 7.10 17.61
CA SER A 5 -4.22 6.00 16.77
C SER A 5 -3.90 4.77 17.61
N SER A 6 -4.41 3.62 17.19
CA SER A 6 -4.18 2.37 17.91
C SER A 6 -3.29 1.43 17.10
N GLY A 7 -1.98 1.62 17.21
CA GLY A 7 -1.04 0.78 16.49
C GLY A 7 -1.08 1.03 14.99
N ASP A 8 0.08 1.31 14.41
CA ASP A 8 0.18 1.58 12.98
C ASP A 8 0.79 0.38 12.25
N VAL A 9 0.77 0.44 10.92
CA VAL A 9 1.32 -0.64 10.10
C VAL A 9 2.57 -0.18 9.37
N ARG A 10 3.73 -0.62 9.84
CA ARG A 10 4.99 -0.25 9.22
C ARG A 10 5.14 -0.88 7.84
N VAL A 11 5.01 -0.06 6.81
CA VAL A 11 5.11 -0.53 5.43
C VAL A 11 6.43 -0.08 4.79
N LYS A 12 7.22 -1.04 4.32
CA LYS A 12 8.49 -0.74 3.68
C LYS A 12 8.38 -0.83 2.16
N PHE A 13 8.66 0.28 1.49
CA PHE A 13 8.59 0.32 0.02
C PHE A 13 9.98 0.14 -0.58
N GLU A 14 10.04 -0.58 -1.70
CA GLU A 14 11.30 -0.82 -2.39
C GLU A 14 11.14 -0.65 -3.89
N HIS A 15 12.08 0.06 -4.50
CA HIS A 15 12.05 0.30 -5.94
C HIS A 15 13.45 0.63 -6.47
N ARG A 16 13.90 -0.16 -7.44
CA ARG A 16 15.22 0.05 -8.03
C ARG A 16 16.25 0.38 -6.96
N GLY A 17 16.20 -0.36 -5.85
CA GLY A 17 17.14 -0.13 -4.77
C GLY A 17 16.62 0.89 -3.76
N GLU A 18 15.86 1.86 -4.25
CA GLU A 18 15.31 2.89 -3.39
C GLU A 18 14.36 2.29 -2.36
N LYS A 19 14.57 2.65 -1.09
CA LYS A 19 13.72 2.15 0.00
C LYS A 19 13.09 3.29 0.76
N ARG A 20 11.82 3.12 1.13
CA ARG A 20 11.09 4.14 1.88
C ARG A 20 10.01 3.52 2.75
N ILE A 21 10.11 3.73 4.06
CA ILE A 21 9.14 3.18 4.99
C ILE A 21 8.13 4.24 5.42
N LEU A 22 6.88 3.83 5.59
CA LEU A 22 5.82 4.74 6.01
C LEU A 22 5.07 4.20 7.21
N GLN A 23 4.04 4.92 7.63
CA GLN A 23 3.24 4.50 8.78
C GLN A 23 1.75 4.73 8.51
N PHE A 24 1.00 3.64 8.39
CA PHE A 24 -0.44 3.73 8.13
C PHE A 24 -1.23 3.18 9.31
N PRO A 25 -1.95 4.07 10.02
CA PRO A 25 -2.76 3.71 11.18
C PRO A 25 -4.00 2.90 10.78
N ARG A 26 -3.99 1.62 11.14
CA ARG A 26 -5.11 0.74 10.84
C ARG A 26 -6.44 1.38 11.23
N PRO A 27 -7.50 1.10 10.45
CA PRO A 27 -7.40 0.23 9.28
C PRO A 27 -6.61 0.87 8.15
N VAL A 28 -5.87 0.04 7.41
CA VAL A 28 -5.07 0.53 6.29
C VAL A 28 -5.89 0.56 5.01
N LYS A 29 -5.67 1.60 4.21
CA LYS A 29 -6.38 1.76 2.94
C LYS A 29 -5.45 1.51 1.75
N LEU A 30 -5.88 0.66 0.84
CA LEU A 30 -5.09 0.34 -0.35
C LEU A 30 -4.68 1.61 -1.09
N GLU A 31 -5.63 2.52 -1.26
CA GLU A 31 -5.36 3.77 -1.95
C GLU A 31 -4.33 4.61 -1.19
N ASP A 32 -4.41 4.57 0.13
CA ASP A 32 -3.49 5.32 0.98
C ASP A 32 -2.05 4.87 0.72
N LEU A 33 -1.83 3.57 0.67
CA LEU A 33 -0.50 3.01 0.45
C LEU A 33 0.08 3.54 -0.87
N ARG A 34 -0.71 3.48 -1.93
CA ARG A 34 -0.27 3.95 -3.24
C ARG A 34 -0.02 5.45 -3.22
N SER A 35 -0.97 6.20 -2.68
CA SER A 35 -0.85 7.65 -2.61
C SER A 35 0.53 8.06 -2.09
N LYS A 36 0.89 7.53 -0.93
CA LYS A 36 2.19 7.83 -0.32
C LYS A 36 3.32 7.48 -1.28
N ALA A 37 3.44 6.20 -1.60
CA ALA A 37 4.49 5.74 -2.50
C ALA A 37 4.58 6.62 -3.75
N LYS A 38 3.46 7.24 -4.10
CA LYS A 38 3.40 8.11 -5.28
C LYS A 38 3.95 9.49 -4.95
N ILE A 39 3.78 9.91 -3.69
CA ILE A 39 4.25 11.21 -3.25
C ILE A 39 5.74 11.17 -2.90
N ALA A 40 6.17 10.05 -2.31
CA ALA A 40 7.57 9.87 -1.94
C ALA A 40 8.46 9.82 -3.17
N PHE A 41 8.07 9.02 -4.15
CA PHE A 41 8.84 8.88 -5.38
C PHE A 41 8.40 9.91 -6.42
N GLY A 42 7.09 10.14 -6.51
CA GLY A 42 6.57 11.09 -7.46
C GLY A 42 6.22 10.46 -8.80
N GLN A 43 5.61 9.28 -8.75
CA GLN A 43 5.23 8.57 -9.96
C GLN A 43 4.28 7.42 -9.64
N SER A 44 3.39 7.11 -10.59
CA SER A 44 2.43 6.02 -10.40
C SER A 44 3.10 4.66 -10.54
N MET A 45 3.08 3.89 -9.46
CA MET A 45 3.68 2.57 -9.46
C MET A 45 2.83 1.58 -8.66
N ASP A 46 2.75 0.34 -9.14
CA ASP A 46 1.97 -0.69 -8.48
C ASP A 46 2.62 -1.09 -7.16
N LEU A 47 1.84 -1.76 -6.31
CA LEU A 47 2.33 -2.20 -5.01
C LEU A 47 2.30 -3.71 -4.89
N HIS A 48 3.47 -4.35 -4.98
CA HIS A 48 3.57 -5.79 -4.89
C HIS A 48 4.25 -6.21 -3.59
N TYR A 49 3.48 -6.80 -2.69
CA TYR A 49 4.02 -7.25 -1.40
C TYR A 49 4.21 -8.75 -1.38
N THR A 50 5.41 -9.19 -1.03
CA THR A 50 5.73 -10.62 -0.98
C THR A 50 5.57 -11.16 0.44
N ASN A 51 4.66 -12.11 0.60
CA ASN A 51 4.40 -12.71 1.90
C ASN A 51 5.63 -13.45 2.42
N ASN A 52 5.97 -14.56 1.77
CA ASN A 52 7.13 -15.35 2.16
C ASN A 52 8.11 -15.49 1.00
N GLU A 53 7.63 -16.06 -0.10
CA GLU A 53 8.47 -16.26 -1.28
C GLU A 53 7.76 -15.76 -2.54
N LEU A 54 6.43 -15.87 -2.54
CA LEU A 54 5.63 -15.43 -3.68
C LEU A 54 5.41 -13.93 -3.65
N VAL A 55 4.70 -13.41 -4.65
CA VAL A 55 4.40 -11.98 -4.72
C VAL A 55 2.92 -11.74 -4.96
N ILE A 56 2.34 -10.86 -4.15
CA ILE A 56 0.93 -10.54 -4.27
C ILE A 56 0.72 -9.07 -4.66
N PRO A 57 0.35 -8.83 -5.91
CA PRO A 57 0.10 -7.48 -6.43
C PRO A 57 -1.13 -6.84 -5.83
N LEU A 58 -0.93 -5.95 -4.86
CA LEU A 58 -2.04 -5.27 -4.20
C LEU A 58 -2.81 -4.40 -5.20
N THR A 59 -3.95 -4.92 -5.65
CA THR A 59 -4.79 -4.19 -6.61
C THR A 59 -6.11 -3.78 -5.97
N THR A 60 -6.73 -4.70 -5.24
CA THR A 60 -8.00 -4.43 -4.59
C THR A 60 -7.85 -4.42 -3.07
N GLN A 61 -8.75 -3.71 -2.39
CA GLN A 61 -8.71 -3.62 -0.94
C GLN A 61 -8.66 -5.01 -0.32
N ASP A 62 -9.55 -5.89 -0.79
CA ASP A 62 -9.61 -7.25 -0.28
C ASP A 62 -8.22 -7.82 -0.03
N ASP A 63 -7.33 -7.58 -0.99
CA ASP A 63 -5.96 -8.07 -0.88
C ASP A 63 -5.24 -7.42 0.30
N LEU A 64 -5.31 -6.10 0.37
CA LEU A 64 -4.66 -5.37 1.46
C LEU A 64 -5.12 -5.90 2.82
N ASP A 65 -6.42 -5.89 3.05
CA ASP A 65 -6.99 -6.37 4.31
C ASP A 65 -6.42 -7.74 4.66
N LYS A 66 -6.25 -8.58 3.66
CA LYS A 66 -5.72 -9.93 3.85
C LYS A 66 -4.20 -9.89 4.01
N ALA A 67 -3.59 -8.83 3.52
CA ALA A 67 -2.13 -8.66 3.61
C ALA A 67 -1.73 -8.06 4.95
N VAL A 68 -2.62 -7.25 5.52
CA VAL A 68 -2.35 -6.61 6.80
C VAL A 68 -2.64 -7.55 7.96
N GLU A 69 -3.65 -8.39 7.80
CA GLU A 69 -4.03 -9.34 8.83
C GLU A 69 -3.00 -10.47 8.94
N LEU A 70 -2.55 -10.95 7.78
CA LEU A 70 -1.56 -12.02 7.74
C LEU A 70 -0.23 -11.57 8.31
N LEU A 71 0.06 -10.28 8.19
CA LEU A 71 1.30 -9.70 8.69
C LEU A 71 1.34 -9.77 10.22
N ASP A 72 0.29 -9.28 10.85
CA ASP A 72 0.21 -9.27 12.31
C ASP A 72 0.38 -10.69 12.86
N ARG A 73 -0.44 -11.62 12.38
CA ARG A 73 -0.38 -13.00 12.82
C ARG A 73 1.00 -13.59 12.59
N SER A 74 1.62 -13.21 11.47
CA SER A 74 2.94 -13.71 11.12
C SER A 74 3.99 -13.19 12.09
N ILE A 75 4.79 -14.10 12.64
CA ILE A 75 5.83 -13.74 13.58
C ILE A 75 7.13 -13.40 12.87
N HIS A 76 7.52 -14.27 11.94
CA HIS A 76 8.75 -14.07 11.18
C HIS A 76 8.73 -12.72 10.47
N MET A 77 7.58 -12.34 9.94
CA MET A 77 7.43 -11.08 9.24
C MET A 77 7.14 -9.95 10.23
N LYS A 78 8.03 -8.97 10.26
CA LYS A 78 7.87 -7.82 11.15
C LYS A 78 7.11 -6.70 10.47
N SER A 79 7.30 -6.57 9.16
CA SER A 79 6.63 -5.53 8.39
C SER A 79 6.15 -6.08 7.04
N LEU A 80 5.26 -5.34 6.40
CA LEU A 80 4.72 -5.75 5.10
C LEU A 80 5.62 -5.28 3.97
N LYS A 81 6.52 -6.16 3.52
CA LYS A 81 7.44 -5.83 2.44
C LYS A 81 6.68 -5.49 1.16
N ILE A 82 6.97 -4.33 0.59
CA ILE A 82 6.32 -3.88 -0.63
C ILE A 82 7.33 -3.67 -1.74
N LEU A 83 6.91 -3.97 -2.98
CA LEU A 83 7.78 -3.81 -4.13
C LEU A 83 7.10 -2.98 -5.21
N LEU A 84 7.54 -1.73 -5.36
CA LEU A 84 6.97 -0.83 -6.36
C LEU A 84 7.46 -1.20 -7.75
N VAL A 85 6.54 -1.21 -8.71
CA VAL A 85 6.87 -1.54 -10.09
C VAL A 85 6.34 -0.49 -11.05
N ILE A 86 7.23 0.09 -11.83
CA ILE A 86 6.86 1.13 -12.80
C ILE A 86 5.80 0.60 -13.76
N ASN A 87 4.81 1.44 -14.07
CA ASN A 87 3.74 1.07 -14.99
C ASN A 87 3.93 1.74 -16.34
N GLY A 88 3.59 1.02 -17.41
CA GLY A 88 3.72 1.56 -18.75
C GLY A 88 3.13 2.96 -18.87
N SER A 89 1.81 3.04 -18.96
CA SER A 89 1.13 4.33 -19.08
C SER A 89 -0.30 4.25 -18.56
N THR A 90 -0.73 5.28 -17.85
CA THR A 90 -2.07 5.32 -17.30
C THR A 90 -3.00 6.15 -18.17
N GLN A 91 -4.20 5.64 -18.40
CA GLN A 91 -5.19 6.34 -19.23
C GLN A 91 -6.17 7.13 -18.35
N ALA A 92 -5.62 7.83 -17.35
CA ALA A 92 -6.44 8.62 -16.45
C ALA A 92 -7.33 7.73 -15.58
N THR A 93 -6.75 6.64 -15.08
CA THR A 93 -7.48 5.72 -14.23
C THR A 93 -8.17 6.44 -13.09
N ASN A 94 -7.40 7.17 -12.30
CA ASN A 94 -7.94 7.91 -11.17
C ASN A 94 -8.68 9.17 -11.65
N LEU A 95 -10.00 9.12 -11.60
CA LEU A 95 -10.83 10.25 -12.02
C LEU A 95 -11.59 10.84 -10.85
N GLU A 96 -11.29 12.10 -10.52
CA GLU A 96 -11.95 12.78 -9.42
C GLU A 96 -12.99 13.78 -9.93
N PRO A 97 -14.17 13.77 -9.31
CA PRO A 97 -15.27 14.68 -9.68
C PRO A 97 -14.97 16.13 -9.34
N SER A 98 -15.84 17.04 -9.78
CA SER A 98 -15.66 18.45 -9.52
C SER A 98 -16.90 19.25 -9.96
N GLY A 99 -17.13 20.37 -9.31
CA GLY A 99 -18.28 21.21 -9.66
C GLY A 99 -19.18 21.46 -8.47
N PRO A 100 -18.89 22.54 -7.72
CA PRO A 100 -19.67 22.92 -6.53
C PRO A 100 -21.06 23.44 -6.90
N SER A 101 -21.88 23.70 -5.88
CA SER A 101 -23.23 24.20 -6.10
C SER A 101 -23.24 25.71 -6.19
N SER A 102 -23.91 26.24 -7.22
CA SER A 102 -24.01 27.67 -7.43
C SER A 102 -25.11 28.02 -8.42
N GLY A 103 -25.62 29.24 -8.33
CA GLY A 103 -26.67 29.67 -9.23
C GLY A 103 -28.05 29.23 -8.76
N GLY A 1 -5.98 18.09 8.23
CA GLY A 1 -5.03 17.20 7.60
C GLY A 1 -5.28 15.75 7.96
N SER A 2 -4.66 14.84 7.21
CA SER A 2 -4.81 13.41 7.44
C SER A 2 -4.79 13.10 8.95
N SER A 3 -5.85 12.45 9.42
CA SER A 3 -5.94 12.10 10.84
C SER A 3 -6.54 10.70 11.01
N GLY A 4 -5.94 9.91 11.89
CA GLY A 4 -6.43 8.57 12.13
C GLY A 4 -6.43 8.21 13.60
N SER A 5 -5.86 7.05 13.93
CA SER A 5 -5.80 6.59 15.31
C SER A 5 -4.48 5.87 15.58
N SER A 6 -4.26 5.49 16.83
CA SER A 6 -3.04 4.80 17.23
C SER A 6 -2.92 3.47 16.50
N GLY A 7 -1.71 2.91 16.50
CA GLY A 7 -1.48 1.64 15.83
C GLY A 7 -1.47 1.78 14.33
N ASP A 8 -0.28 1.97 13.75
CA ASP A 8 -0.14 2.12 12.31
C ASP A 8 0.48 0.86 11.70
N VAL A 9 0.44 0.79 10.36
CA VAL A 9 1.00 -0.35 9.65
C VAL A 9 2.30 0.02 8.96
N ARG A 10 3.41 -0.35 9.58
CA ARG A 10 4.73 -0.06 9.03
C ARG A 10 4.92 -0.75 7.69
N VAL A 11 4.88 0.02 6.62
CA VAL A 11 5.05 -0.51 5.27
C VAL A 11 6.35 -0.03 4.64
N LYS A 12 7.18 -0.97 4.19
CA LYS A 12 8.45 -0.64 3.56
C LYS A 12 8.36 -0.76 2.05
N PHE A 13 8.92 0.23 1.35
CA PHE A 13 8.89 0.24 -0.11
C PHE A 13 10.28 -0.06 -0.67
N GLU A 14 10.31 -0.53 -1.92
CA GLU A 14 11.58 -0.87 -2.57
C GLU A 14 11.48 -0.66 -4.08
N HIS A 15 12.37 0.18 -4.61
CA HIS A 15 12.39 0.46 -6.04
C HIS A 15 13.76 0.98 -6.47
N ARG A 16 14.34 0.33 -7.48
CA ARG A 16 15.65 0.71 -7.99
C ARG A 16 16.69 0.66 -6.88
N GLY A 17 16.44 -0.17 -5.87
CA GLY A 17 17.37 -0.31 -4.77
C GLY A 17 17.01 0.57 -3.59
N GLU A 18 16.42 1.72 -3.87
CA GLU A 18 16.01 2.65 -2.83
C GLU A 18 14.87 2.08 -1.99
N LYS A 19 14.82 2.48 -0.73
CA LYS A 19 13.79 2.00 0.19
C LYS A 19 13.15 3.16 0.94
N ARG A 20 11.87 3.00 1.30
CA ARG A 20 11.15 4.04 2.02
C ARG A 20 10.03 3.44 2.86
N ILE A 21 10.12 3.60 4.17
CA ILE A 21 9.11 3.07 5.08
C ILE A 21 8.10 4.15 5.46
N LEU A 22 6.82 3.84 5.30
CA LEU A 22 5.74 4.78 5.63
C LEU A 22 4.97 4.31 6.85
N GLN A 23 3.95 5.07 7.23
CA GLN A 23 3.12 4.73 8.38
C GLN A 23 1.65 4.99 8.08
N PHE A 24 0.83 3.94 8.14
CA PHE A 24 -0.60 4.07 7.87
C PHE A 24 -1.41 3.66 9.09
N PRO A 25 -2.07 4.65 9.73
CA PRO A 25 -2.89 4.42 10.91
C PRO A 25 -4.16 3.65 10.60
N ARG A 26 -4.21 2.40 11.07
CA ARG A 26 -5.38 1.55 10.83
C ARG A 26 -6.66 2.26 11.24
N PRO A 27 -7.76 1.97 10.51
CA PRO A 27 -7.73 1.04 9.38
C PRO A 27 -6.96 1.59 8.19
N VAL A 28 -6.13 0.74 7.58
CA VAL A 28 -5.34 1.14 6.43
C VAL A 28 -6.14 1.00 5.14
N LYS A 29 -5.98 1.97 4.24
CA LYS A 29 -6.68 1.96 2.96
C LYS A 29 -5.71 1.72 1.80
N LEU A 30 -6.01 0.73 0.99
CA LEU A 30 -5.17 0.39 -0.16
C LEU A 30 -4.75 1.66 -0.91
N GLU A 31 -5.73 2.49 -1.24
CA GLU A 31 -5.46 3.74 -1.95
C GLU A 31 -4.40 4.56 -1.23
N ASP A 32 -4.47 4.59 0.10
CA ASP A 32 -3.51 5.34 0.90
C ASP A 32 -2.09 4.89 0.61
N LEU A 33 -1.87 3.58 0.66
CA LEU A 33 -0.55 3.01 0.40
C LEU A 33 0.02 3.53 -0.91
N ARG A 34 -0.80 3.50 -1.96
CA ARG A 34 -0.37 3.96 -3.28
C ARG A 34 -0.13 5.47 -3.26
N SER A 35 -1.02 6.21 -2.61
CA SER A 35 -0.90 7.66 -2.53
C SER A 35 0.45 8.06 -1.95
N LYS A 36 0.80 7.48 -0.80
CA LYS A 36 2.06 7.77 -0.14
C LYS A 36 3.23 7.47 -1.06
N ALA A 37 3.35 6.22 -1.48
CA ALA A 37 4.43 5.80 -2.37
C ALA A 37 4.55 6.74 -3.56
N LYS A 38 3.42 7.25 -4.02
CA LYS A 38 3.40 8.16 -5.16
C LYS A 38 3.96 9.53 -4.77
N ILE A 39 3.70 9.93 -3.53
CA ILE A 39 4.17 11.22 -3.03
C ILE A 39 5.65 11.15 -2.67
N ALA A 40 6.09 10.00 -2.17
CA ALA A 40 7.49 9.81 -1.79
C ALA A 40 8.39 9.79 -3.01
N PHE A 41 8.02 8.99 -4.01
CA PHE A 41 8.80 8.89 -5.23
C PHE A 41 8.37 9.94 -6.24
N GLY A 42 7.07 10.23 -6.27
CA GLY A 42 6.55 11.22 -7.20
C GLY A 42 6.15 10.62 -8.53
N GLN A 43 5.83 9.33 -8.52
CA GLN A 43 5.42 8.63 -9.73
C GLN A 43 4.48 7.48 -9.41
N SER A 44 3.48 7.28 -10.25
CA SER A 44 2.51 6.22 -10.05
C SER A 44 3.15 4.85 -10.29
N MET A 45 3.14 4.02 -9.26
CA MET A 45 3.72 2.67 -9.36
C MET A 45 2.86 1.66 -8.62
N ASP A 46 2.93 0.41 -9.05
CA ASP A 46 2.16 -0.67 -8.43
C ASP A 46 2.77 -1.06 -7.08
N LEU A 47 1.98 -1.77 -6.28
CA LEU A 47 2.45 -2.21 -4.96
C LEU A 47 2.36 -3.73 -4.84
N HIS A 48 3.50 -4.39 -4.98
CA HIS A 48 3.57 -5.85 -4.89
C HIS A 48 4.24 -6.27 -3.59
N TYR A 49 3.46 -6.85 -2.68
CA TYR A 49 3.98 -7.30 -1.40
C TYR A 49 4.15 -8.81 -1.38
N THR A 50 5.23 -9.28 -0.76
CA THR A 50 5.51 -10.71 -0.67
C THR A 50 5.30 -11.22 0.75
N ASN A 51 4.78 -12.44 0.86
CA ASN A 51 4.53 -13.05 2.15
C ASN A 51 5.71 -13.92 2.59
N ASN A 52 5.95 -15.00 1.85
CA ASN A 52 7.03 -15.91 2.16
C ASN A 52 7.92 -16.14 0.93
N GLU A 53 7.37 -16.83 -0.07
CA GLU A 53 8.10 -17.11 -1.29
C GLU A 53 7.25 -16.81 -2.52
N LEU A 54 6.28 -15.90 -2.36
CA LEU A 54 5.40 -15.52 -3.45
C LEU A 54 5.23 -14.01 -3.50
N VAL A 55 4.56 -13.53 -4.55
CA VAL A 55 4.32 -12.11 -4.72
C VAL A 55 2.85 -11.81 -5.00
N ILE A 56 2.24 -11.02 -4.14
CA ILE A 56 0.83 -10.66 -4.30
C ILE A 56 0.67 -9.19 -4.68
N PRO A 57 0.34 -8.96 -5.97
CA PRO A 57 0.14 -7.60 -6.49
C PRO A 57 -1.12 -6.94 -5.93
N LEU A 58 -0.92 -6.11 -4.90
CA LEU A 58 -2.05 -5.40 -4.28
C LEU A 58 -2.81 -4.58 -5.31
N THR A 59 -3.98 -5.07 -5.70
CA THR A 59 -4.81 -4.38 -6.68
C THR A 59 -6.17 -3.99 -6.07
N THR A 60 -6.67 -4.84 -5.18
CA THR A 60 -7.95 -4.59 -4.54
C THR A 60 -7.81 -4.58 -3.03
N GLN A 61 -8.76 -3.94 -2.35
CA GLN A 61 -8.74 -3.85 -0.90
C GLN A 61 -8.68 -5.24 -0.27
N ASP A 62 -9.55 -6.12 -0.73
CA ASP A 62 -9.61 -7.49 -0.21
C ASP A 62 -8.21 -8.03 0.04
N ASP A 63 -7.30 -7.77 -0.91
CA ASP A 63 -5.92 -8.22 -0.78
C ASP A 63 -5.23 -7.57 0.41
N LEU A 64 -5.30 -6.24 0.46
CA LEU A 64 -4.68 -5.48 1.55
C LEU A 64 -5.16 -5.98 2.91
N ASP A 65 -6.48 -6.00 3.09
CA ASP A 65 -7.07 -6.46 4.34
C ASP A 65 -6.54 -7.84 4.72
N LYS A 66 -6.37 -8.70 3.72
CA LYS A 66 -5.87 -10.05 3.95
C LYS A 66 -4.35 -10.05 4.08
N ALA A 67 -3.71 -9.01 3.55
CA ALA A 67 -2.26 -8.90 3.62
C ALA A 67 -1.83 -8.29 4.94
N VAL A 68 -2.69 -7.46 5.53
CA VAL A 68 -2.39 -6.82 6.80
C VAL A 68 -2.64 -7.76 7.97
N GLU A 69 -3.70 -8.56 7.85
CA GLU A 69 -4.04 -9.52 8.90
C GLU A 69 -3.02 -10.65 8.98
N LEU A 70 -2.54 -11.08 7.82
CA LEU A 70 -1.56 -12.16 7.75
C LEU A 70 -0.22 -11.71 8.32
N LEU A 71 0.10 -10.43 8.14
CA LEU A 71 1.35 -9.87 8.64
C LEU A 71 1.42 -9.99 10.16
N ASP A 72 0.39 -9.50 10.84
CA ASP A 72 0.34 -9.55 12.30
C ASP A 72 0.60 -10.97 12.81
N ARG A 73 -0.28 -11.90 12.42
CA ARG A 73 -0.15 -13.29 12.83
C ARG A 73 1.27 -13.80 12.57
N SER A 74 1.83 -13.41 11.44
CA SER A 74 3.17 -13.83 11.06
C SER A 74 4.20 -13.33 12.07
N ILE A 75 5.14 -14.20 12.44
CA ILE A 75 6.17 -13.86 13.39
C ILE A 75 7.47 -13.45 12.68
N HIS A 76 7.88 -14.27 11.72
CA HIS A 76 9.10 -14.00 10.96
C HIS A 76 9.00 -12.66 10.23
N MET A 77 7.85 -12.43 9.61
CA MET A 77 7.61 -11.19 8.87
C MET A 77 7.45 -10.01 9.82
N LYS A 78 8.49 -9.19 9.93
CA LYS A 78 8.46 -8.02 10.81
C LYS A 78 7.50 -6.97 10.27
N SER A 79 7.64 -6.64 8.99
CA SER A 79 6.79 -5.63 8.36
C SER A 79 6.26 -6.15 7.02
N LEU A 80 5.44 -5.32 6.37
CA LEU A 80 4.87 -5.69 5.08
C LEU A 80 5.75 -5.21 3.93
N LYS A 81 6.59 -6.11 3.43
CA LYS A 81 7.49 -5.78 2.33
C LYS A 81 6.70 -5.45 1.06
N ILE A 82 7.04 -4.33 0.44
CA ILE A 82 6.37 -3.89 -0.77
C ILE A 82 7.37 -3.65 -1.91
N LEU A 83 6.97 -4.02 -3.12
CA LEU A 83 7.84 -3.84 -4.29
C LEU A 83 7.18 -2.94 -5.32
N LEU A 84 7.67 -1.71 -5.43
CA LEU A 84 7.14 -0.75 -6.38
C LEU A 84 7.56 -1.08 -7.80
N VAL A 85 6.60 -1.15 -8.71
CA VAL A 85 6.88 -1.46 -10.11
C VAL A 85 6.26 -0.43 -11.04
N ILE A 86 7.10 0.25 -11.81
CA ILE A 86 6.63 1.25 -12.75
C ILE A 86 5.50 0.72 -13.62
N ASN A 87 4.42 1.49 -13.73
CA ASN A 87 3.28 1.09 -14.54
C ASN A 87 3.02 2.09 -15.66
N GLY A 88 3.06 3.37 -15.33
CA GLY A 88 2.84 4.41 -16.31
C GLY A 88 2.74 5.79 -15.70
N SER A 89 2.52 6.80 -16.54
CA SER A 89 2.40 8.17 -16.06
C SER A 89 1.39 8.28 -14.93
N THR A 90 0.14 7.94 -15.21
CA THR A 90 -0.92 7.99 -14.22
C THR A 90 -1.92 6.86 -14.42
N GLN A 91 -2.52 6.41 -13.31
CA GLN A 91 -3.49 5.34 -13.37
C GLN A 91 -4.89 5.87 -13.68
N ALA A 92 -5.20 7.04 -13.14
CA ALA A 92 -6.50 7.68 -13.35
C ALA A 92 -6.37 8.91 -14.23
N THR A 93 -6.66 8.75 -15.52
CA THR A 93 -6.57 9.85 -16.47
C THR A 93 -7.72 10.83 -16.27
N ASN A 94 -7.50 11.84 -15.43
CA ASN A 94 -8.53 12.84 -15.16
C ASN A 94 -7.91 14.09 -14.53
N LEU A 95 -8.60 15.22 -14.68
CA LEU A 95 -8.11 16.48 -14.12
C LEU A 95 -8.95 16.90 -12.91
N GLU A 96 -10.27 16.71 -13.01
CA GLU A 96 -11.18 17.07 -11.94
C GLU A 96 -12.60 16.60 -12.24
N PRO A 97 -13.32 16.17 -11.19
CA PRO A 97 -14.69 15.69 -11.33
C PRO A 97 -15.67 16.81 -11.66
N SER A 98 -16.51 16.59 -12.66
CA SER A 98 -17.49 17.57 -13.08
C SER A 98 -18.86 17.27 -12.48
N GLY A 99 -19.13 17.87 -11.32
CA GLY A 99 -20.40 17.66 -10.66
C GLY A 99 -20.26 17.55 -9.15
N PRO A 100 -19.91 18.66 -8.51
CA PRO A 100 -19.73 18.72 -7.05
C PRO A 100 -21.05 18.58 -6.30
N SER A 101 -21.13 17.58 -5.43
CA SER A 101 -22.34 17.34 -4.66
C SER A 101 -22.37 18.24 -3.41
N SER A 102 -23.10 19.34 -3.51
CA SER A 102 -23.20 20.28 -2.40
C SER A 102 -24.46 20.01 -1.59
N GLY A 103 -24.34 19.16 -0.57
CA GLY A 103 -25.48 18.83 0.27
C GLY A 103 -25.35 19.41 1.67
N GLY A 1 -9.35 15.71 22.49
CA GLY A 1 -8.11 16.45 22.64
C GLY A 1 -7.11 15.71 23.50
N SER A 2 -6.80 14.48 23.14
CA SER A 2 -5.85 13.67 23.89
C SER A 2 -4.57 13.43 23.08
N SER A 3 -3.50 13.10 23.77
CA SER A 3 -2.22 12.84 23.12
C SER A 3 -2.42 12.09 21.81
N GLY A 4 -3.18 11.00 21.87
CA GLY A 4 -3.43 10.20 20.67
C GLY A 4 -3.40 8.71 20.96
N SER A 5 -3.47 7.91 19.90
CA SER A 5 -3.46 6.46 20.04
C SER A 5 -2.46 5.84 19.07
N SER A 6 -1.58 4.97 19.59
CA SER A 6 -0.57 4.31 18.78
C SER A 6 -1.16 3.10 18.08
N GLY A 7 -0.39 2.52 17.16
CA GLY A 7 -0.85 1.36 16.44
C GLY A 7 -0.95 1.60 14.94
N ASP A 8 0.20 1.56 14.27
CA ASP A 8 0.24 1.79 12.82
C ASP A 8 0.83 0.58 12.10
N VAL A 9 0.72 0.58 10.78
CA VAL A 9 1.24 -0.52 9.97
C VAL A 9 2.46 -0.08 9.17
N ARG A 10 3.64 -0.46 9.64
CA ARG A 10 4.89 -0.10 8.97
C ARG A 10 4.97 -0.76 7.60
N VAL A 11 5.15 0.05 6.56
CA VAL A 11 5.25 -0.45 5.20
C VAL A 11 6.54 0.01 4.54
N LYS A 12 7.45 -0.92 4.32
CA LYS A 12 8.73 -0.62 3.70
C LYS A 12 8.67 -0.84 2.19
N PHE A 13 8.91 0.23 1.43
CA PHE A 13 8.88 0.14 -0.03
C PHE A 13 10.24 -0.24 -0.59
N GLU A 14 10.26 -0.74 -1.81
CA GLU A 14 11.51 -1.14 -2.46
C GLU A 14 11.41 -0.99 -3.97
N HIS A 15 12.23 -0.10 -4.53
CA HIS A 15 12.23 0.13 -5.97
C HIS A 15 13.64 0.46 -6.46
N ARG A 16 14.06 -0.22 -7.53
CA ARG A 16 15.39 0.00 -8.10
C ARG A 16 16.43 0.17 -6.99
N GLY A 17 16.31 -0.65 -5.95
CA GLY A 17 17.25 -0.57 -4.85
C GLY A 17 16.79 0.38 -3.77
N GLU A 18 16.16 1.47 -4.17
CA GLU A 18 15.67 2.47 -3.22
C GLU A 18 14.61 1.88 -2.31
N LYS A 19 14.42 2.51 -1.15
CA LYS A 19 13.43 2.05 -0.18
C LYS A 19 12.78 3.22 0.53
N ARG A 20 11.55 3.03 1.01
CA ARG A 20 10.83 4.07 1.71
C ARG A 20 9.79 3.48 2.65
N ILE A 21 9.97 3.70 3.95
CA ILE A 21 9.06 3.18 4.95
C ILE A 21 7.93 4.18 5.23
N LEU A 22 6.71 3.65 5.33
CA LEU A 22 5.55 4.50 5.60
C LEU A 22 4.81 4.02 6.85
N GLN A 23 3.83 4.82 7.28
CA GLN A 23 3.05 4.49 8.47
C GLN A 23 1.57 4.76 8.25
N PHE A 24 0.76 3.71 8.28
CA PHE A 24 -0.67 3.84 8.08
C PHE A 24 -1.45 3.24 9.25
N PRO A 25 -2.11 4.12 10.02
CA PRO A 25 -2.89 3.70 11.19
C PRO A 25 -4.16 2.94 10.80
N ARG A 26 -4.23 1.68 11.18
CA ARG A 26 -5.38 0.84 10.87
C ARG A 26 -6.68 1.54 11.28
N PRO A 27 -7.75 1.30 10.52
CA PRO A 27 -7.70 0.42 9.34
C PRO A 27 -6.89 1.02 8.19
N VAL A 28 -6.05 0.20 7.57
CA VAL A 28 -5.21 0.67 6.46
C VAL A 28 -6.01 0.66 5.15
N LYS A 29 -5.75 1.68 4.33
CA LYS A 29 -6.44 1.79 3.04
C LYS A 29 -5.46 1.57 1.89
N LEU A 30 -5.86 0.75 0.93
CA LEU A 30 -5.02 0.46 -0.23
C LEU A 30 -4.65 1.74 -0.98
N GLU A 31 -5.64 2.60 -1.19
CA GLU A 31 -5.41 3.86 -1.89
C GLU A 31 -4.36 4.70 -1.17
N ASP A 32 -4.38 4.64 0.16
CA ASP A 32 -3.42 5.40 0.97
C ASP A 32 -1.99 4.95 0.67
N LEU A 33 -1.76 3.64 0.71
CA LEU A 33 -0.45 3.08 0.44
C LEU A 33 0.09 3.58 -0.90
N ARG A 34 -0.75 3.53 -1.92
CA ARG A 34 -0.36 3.97 -3.25
C ARG A 34 -0.14 5.48 -3.29
N SER A 35 -1.16 6.23 -2.86
CA SER A 35 -1.08 7.68 -2.83
C SER A 35 0.27 8.15 -2.32
N LYS A 36 0.59 7.74 -1.09
CA LYS A 36 1.86 8.11 -0.48
C LYS A 36 3.04 7.76 -1.37
N ALA A 37 3.23 6.47 -1.63
CA ALA A 37 4.32 6.01 -2.48
C ALA A 37 4.44 6.87 -3.73
N LYS A 38 3.30 7.35 -4.23
CA LYS A 38 3.29 8.19 -5.42
C LYS A 38 3.82 9.58 -5.10
N ILE A 39 3.53 10.07 -3.91
CA ILE A 39 3.98 11.40 -3.49
C ILE A 39 5.46 11.37 -3.11
N ALA A 40 5.89 10.28 -2.49
CA ALA A 40 7.28 10.12 -2.08
C ALA A 40 8.20 10.10 -3.29
N PHE A 41 7.87 9.27 -4.26
CA PHE A 41 8.68 9.15 -5.47
C PHE A 41 8.24 10.17 -6.53
N GLY A 42 6.94 10.37 -6.63
CA GLY A 42 6.41 11.32 -7.60
C GLY A 42 6.02 10.65 -8.91
N GLN A 43 5.68 9.37 -8.84
CA GLN A 43 5.29 8.62 -10.03
C GLN A 43 4.29 7.51 -9.68
N SER A 44 3.43 7.18 -10.63
CA SER A 44 2.42 6.14 -10.43
C SER A 44 3.04 4.75 -10.56
N MET A 45 3.18 4.06 -9.43
CA MET A 45 3.75 2.72 -9.43
C MET A 45 2.85 1.75 -8.68
N ASP A 46 2.92 0.47 -9.05
CA ASP A 46 2.12 -0.57 -8.40
C ASP A 46 2.74 -1.01 -7.09
N LEU A 47 1.96 -1.68 -6.26
CA LEU A 47 2.43 -2.17 -4.97
C LEU A 47 2.35 -3.68 -4.89
N HIS A 48 3.51 -4.34 -4.96
CA HIS A 48 3.57 -5.79 -4.89
C HIS A 48 4.25 -6.26 -3.61
N TYR A 49 3.47 -6.84 -2.71
CA TYR A 49 4.00 -7.32 -1.43
C TYR A 49 4.18 -8.83 -1.46
N THR A 50 5.33 -9.29 -0.97
CA THR A 50 5.63 -10.71 -0.94
C THR A 50 5.49 -11.28 0.47
N ASN A 51 4.87 -12.45 0.58
CA ASN A 51 4.66 -13.10 1.86
C ASN A 51 5.85 -13.98 2.23
N ASN A 52 6.08 -15.02 1.43
CA ASN A 52 7.18 -15.94 1.66
C ASN A 52 8.01 -16.14 0.40
N GLU A 53 7.46 -16.90 -0.54
CA GLU A 53 8.15 -17.17 -1.80
C GLU A 53 7.25 -16.83 -2.99
N LEU A 54 6.35 -15.88 -2.79
CA LEU A 54 5.44 -15.46 -3.85
C LEU A 54 5.25 -13.94 -3.84
N VAL A 55 4.58 -13.43 -4.86
CA VAL A 55 4.33 -11.99 -4.97
C VAL A 55 2.85 -11.71 -5.18
N ILE A 56 2.29 -10.88 -4.30
CA ILE A 56 0.88 -10.52 -4.39
C ILE A 56 0.69 -9.06 -4.74
N PRO A 57 0.31 -8.78 -5.99
CA PRO A 57 0.09 -7.42 -6.48
C PRO A 57 -1.13 -6.76 -5.85
N LEU A 58 -0.90 -5.93 -4.85
CA LEU A 58 -1.99 -5.25 -4.16
C LEU A 58 -2.76 -4.35 -5.13
N THR A 59 -3.91 -4.83 -5.58
CA THR A 59 -4.74 -4.07 -6.51
C THR A 59 -6.08 -3.72 -5.88
N THR A 60 -6.64 -4.66 -5.11
CA THR A 60 -7.93 -4.45 -4.45
C THR A 60 -7.78 -4.51 -2.94
N GLN A 61 -8.72 -3.90 -2.24
CA GLN A 61 -8.70 -3.89 -0.78
C GLN A 61 -8.56 -5.30 -0.23
N ASP A 62 -9.39 -6.21 -0.73
CA ASP A 62 -9.35 -7.60 -0.29
C ASP A 62 -7.92 -8.06 -0.05
N ASP A 63 -7.03 -7.70 -0.97
CA ASP A 63 -5.62 -8.06 -0.86
C ASP A 63 -4.97 -7.41 0.36
N LEU A 64 -5.09 -6.09 0.45
CA LEU A 64 -4.52 -5.34 1.56
C LEU A 64 -4.96 -5.93 2.89
N ASP A 65 -6.27 -6.05 3.08
CA ASP A 65 -6.83 -6.61 4.30
C ASP A 65 -6.18 -7.95 4.64
N LYS A 66 -5.98 -8.78 3.63
CA LYS A 66 -5.37 -10.09 3.82
C LYS A 66 -3.86 -9.96 3.99
N ALA A 67 -3.31 -8.83 3.56
CA ALA A 67 -1.88 -8.58 3.66
C ALA A 67 -1.53 -7.97 5.02
N VAL A 68 -2.45 -7.22 5.58
CA VAL A 68 -2.25 -6.58 6.87
C VAL A 68 -2.52 -7.54 8.02
N GLU A 69 -3.53 -8.40 7.83
CA GLU A 69 -3.91 -9.37 8.85
C GLU A 69 -2.83 -10.44 8.99
N LEU A 70 -2.24 -10.84 7.87
CA LEU A 70 -1.20 -11.85 7.87
C LEU A 70 0.06 -11.36 8.58
N LEU A 71 0.41 -10.10 8.33
CA LEU A 71 1.58 -9.50 8.94
C LEU A 71 1.46 -9.49 10.47
N ASP A 72 0.27 -9.16 10.95
CA ASP A 72 0.01 -9.12 12.39
C ASP A 72 0.13 -10.50 13.00
N ARG A 73 -0.68 -11.44 12.49
CA ARG A 73 -0.67 -12.80 12.99
C ARG A 73 0.70 -13.45 12.81
N SER A 74 1.39 -13.07 11.75
CA SER A 74 2.72 -13.60 11.46
C SER A 74 3.68 -13.31 12.60
N ILE A 75 4.49 -14.31 12.95
CA ILE A 75 5.45 -14.17 14.04
C ILE A 75 6.83 -13.81 13.49
N HIS A 76 7.33 -14.62 12.56
CA HIS A 76 8.63 -14.38 11.96
C HIS A 76 8.67 -13.03 11.25
N MET A 77 7.68 -12.78 10.40
CA MET A 77 7.60 -11.53 9.66
C MET A 77 7.61 -10.34 10.61
N LYS A 78 8.16 -9.22 10.14
CA LYS A 78 8.23 -8.01 10.94
C LYS A 78 7.36 -6.91 10.36
N SER A 79 7.52 -6.65 9.07
CA SER A 79 6.74 -5.62 8.38
C SER A 79 6.20 -6.14 7.05
N LEU A 80 5.39 -5.32 6.39
CA LEU A 80 4.81 -5.70 5.11
C LEU A 80 5.71 -5.24 3.95
N LYS A 81 6.53 -6.15 3.46
CA LYS A 81 7.44 -5.85 2.36
C LYS A 81 6.66 -5.49 1.10
N ILE A 82 6.97 -4.32 0.53
CA ILE A 82 6.29 -3.86 -0.67
C ILE A 82 7.29 -3.56 -1.78
N LEU A 83 6.97 -3.98 -3.00
CA LEU A 83 7.84 -3.75 -4.15
C LEU A 83 7.17 -2.83 -5.17
N LEU A 84 7.63 -1.59 -5.21
CA LEU A 84 7.08 -0.60 -6.14
C LEU A 84 7.56 -0.88 -7.57
N VAL A 85 6.62 -0.99 -8.50
CA VAL A 85 6.94 -1.25 -9.90
C VAL A 85 6.45 -0.12 -10.78
N ILE A 86 7.37 0.43 -11.58
CA ILE A 86 7.03 1.52 -12.49
C ILE A 86 5.90 1.12 -13.43
N ASN A 87 4.93 2.03 -13.58
CA ASN A 87 3.78 1.77 -14.45
C ASN A 87 3.90 2.57 -15.75
N GLY A 88 4.09 3.89 -15.61
CA GLY A 88 4.21 4.74 -16.78
C GLY A 88 4.69 6.14 -16.42
N SER A 89 4.68 7.03 -17.40
CA SER A 89 5.13 8.40 -17.19
C SER A 89 3.95 9.36 -17.25
N THR A 90 3.38 9.68 -16.09
CA THR A 90 2.25 10.58 -16.01
C THR A 90 1.93 10.95 -14.57
N GLN A 91 1.71 12.23 -14.31
CA GLN A 91 1.40 12.70 -12.97
C GLN A 91 0.64 14.02 -13.01
N ALA A 92 -0.23 14.23 -12.03
CA ALA A 92 -1.02 15.45 -11.95
C ALA A 92 -1.58 15.67 -10.56
N THR A 93 -1.42 16.88 -10.04
CA THR A 93 -1.92 17.22 -8.71
C THR A 93 -2.58 18.58 -8.70
N ASN A 94 -3.92 18.59 -8.61
CA ASN A 94 -4.67 19.84 -8.58
C ASN A 94 -4.78 20.38 -7.17
N LEU A 95 -4.15 21.53 -6.93
CA LEU A 95 -4.16 22.17 -5.62
C LEU A 95 -4.96 23.46 -5.66
N GLU A 96 -6.03 23.51 -4.87
CA GLU A 96 -6.88 24.70 -4.81
C GLU A 96 -7.66 24.74 -3.51
N PRO A 97 -7.43 25.80 -2.71
CA PRO A 97 -8.11 25.99 -1.42
C PRO A 97 -9.59 26.31 -1.58
N SER A 98 -9.88 27.29 -2.43
CA SER A 98 -11.27 27.70 -2.67
C SER A 98 -12.04 27.78 -1.36
N GLY A 99 -11.41 28.31 -0.33
CA GLY A 99 -12.05 28.43 0.97
C GLY A 99 -11.59 29.65 1.73
N PRO A 100 -12.22 30.80 1.45
CA PRO A 100 -11.88 32.07 2.11
C PRO A 100 -12.30 32.10 3.57
N SER A 101 -11.91 33.14 4.28
CA SER A 101 -12.25 33.29 5.69
C SER A 101 -13.16 34.48 5.92
N SER A 102 -13.70 34.59 7.13
CA SER A 102 -14.60 35.69 7.48
C SER A 102 -14.09 36.42 8.72
N GLY A 103 -14.36 37.73 8.77
CA GLY A 103 -13.94 38.53 9.90
C GLY A 103 -12.43 38.58 10.05
N GLY A 1 -7.35 13.45 13.70
CA GLY A 1 -6.09 13.88 13.10
C GLY A 1 -4.93 13.80 14.06
N SER A 2 -4.77 12.64 14.70
CA SER A 2 -3.69 12.43 15.66
C SER A 2 -3.37 10.94 15.81
N SER A 3 -2.09 10.61 15.77
CA SER A 3 -1.65 9.22 15.89
C SER A 3 -1.36 8.88 17.34
N GLY A 4 -1.25 7.58 17.63
CA GLY A 4 -0.97 7.14 18.98
C GLY A 4 -1.44 5.72 19.23
N SER A 5 -2.58 5.59 19.90
CA SER A 5 -3.14 4.27 20.20
C SER A 5 -3.23 3.40 18.95
N SER A 6 -3.85 3.96 17.90
CA SER A 6 -4.01 3.24 16.65
C SER A 6 -2.65 2.91 16.03
N GLY A 7 -2.09 1.76 16.41
CA GLY A 7 -0.80 1.36 15.89
C GLY A 7 -0.76 1.39 14.38
N ASP A 8 0.18 2.16 13.83
CA ASP A 8 0.32 2.27 12.39
C ASP A 8 0.94 1.01 11.80
N VAL A 9 0.85 0.87 10.48
CA VAL A 9 1.40 -0.29 9.79
C VAL A 9 2.68 0.05 9.05
N ARG A 10 3.81 -0.34 9.62
CA ARG A 10 5.10 -0.07 9.01
C ARG A 10 5.24 -0.77 7.68
N VAL A 11 5.11 -0.01 6.59
CA VAL A 11 5.21 -0.57 5.25
C VAL A 11 6.49 -0.09 4.55
N LYS A 12 7.23 -1.04 3.98
CA LYS A 12 8.47 -0.72 3.29
C LYS A 12 8.25 -0.65 1.78
N PHE A 13 8.61 0.46 1.18
CA PHE A 13 8.45 0.66 -0.25
C PHE A 13 9.80 0.57 -0.97
N GLU A 14 10.04 -0.57 -1.63
CA GLU A 14 11.29 -0.78 -2.35
C GLU A 14 11.09 -0.59 -3.85
N HIS A 15 11.98 0.19 -4.47
CA HIS A 15 11.91 0.44 -5.90
C HIS A 15 13.29 0.61 -6.50
N ARG A 16 13.70 -0.33 -7.33
CA ARG A 16 15.01 -0.28 -7.97
C ARG A 16 16.12 -0.12 -6.93
N GLY A 17 16.11 -0.99 -5.92
CA GLY A 17 17.11 -0.94 -4.88
C GLY A 17 16.73 0.03 -3.76
N GLU A 18 16.16 1.17 -4.14
CA GLU A 18 15.75 2.17 -3.16
C GLU A 18 14.69 1.62 -2.21
N LYS A 19 14.55 2.26 -1.06
CA LYS A 19 13.57 1.84 -0.07
C LYS A 19 13.01 3.03 0.70
N ARG A 20 11.75 2.94 1.10
CA ARG A 20 11.10 4.02 1.84
C ARG A 20 10.04 3.46 2.78
N ILE A 21 10.25 3.65 4.08
CA ILE A 21 9.31 3.17 5.09
C ILE A 21 8.24 4.21 5.38
N LEU A 22 7.00 3.77 5.46
CA LEU A 22 5.87 4.66 5.74
C LEU A 22 5.08 4.19 6.95
N GLN A 23 4.01 4.91 7.27
CA GLN A 23 3.17 4.55 8.41
C GLN A 23 1.70 4.74 8.07
N PHE A 24 0.93 3.65 8.17
CA PHE A 24 -0.49 3.69 7.87
C PHE A 24 -1.31 3.25 9.08
N PRO A 25 -2.05 4.21 9.67
CA PRO A 25 -2.88 3.94 10.85
C PRO A 25 -4.10 3.08 10.50
N ARG A 26 -4.12 1.86 11.03
CA ARG A 26 -5.23 0.95 10.77
C ARG A 26 -6.56 1.59 11.15
N PRO A 27 -7.62 1.21 10.42
CA PRO A 27 -7.52 0.26 9.31
C PRO A 27 -6.77 0.83 8.11
N VAL A 28 -5.80 0.08 7.62
CA VAL A 28 -5.00 0.50 6.47
C VAL A 28 -5.81 0.44 5.19
N LYS A 29 -5.72 1.50 4.39
CA LYS A 29 -6.45 1.57 3.13
C LYS A 29 -5.50 1.37 1.95
N LEU A 30 -5.96 0.62 0.95
CA LEU A 30 -5.16 0.35 -0.24
C LEU A 30 -4.79 1.65 -0.95
N GLU A 31 -5.77 2.54 -1.09
CA GLU A 31 -5.55 3.82 -1.75
C GLU A 31 -4.46 4.62 -1.03
N ASP A 32 -4.45 4.54 0.29
CA ASP A 32 -3.46 5.25 1.10
C ASP A 32 -2.05 4.79 0.76
N LEU A 33 -1.85 3.49 0.74
CA LEU A 33 -0.54 2.91 0.44
C LEU A 33 0.00 3.48 -0.87
N ARG A 34 -0.85 3.50 -1.89
CA ARG A 34 -0.46 4.02 -3.20
C ARG A 34 -0.15 5.50 -3.13
N SER A 35 -1.02 6.26 -2.48
CA SER A 35 -0.84 7.70 -2.33
C SER A 35 0.55 8.03 -1.78
N LYS A 36 0.88 7.40 -0.65
CA LYS A 36 2.17 7.62 -0.01
C LYS A 36 3.31 7.29 -0.97
N ALA A 37 3.36 6.05 -1.43
CA ALA A 37 4.40 5.61 -2.35
C ALA A 37 4.52 6.58 -3.53
N LYS A 38 3.39 7.16 -3.93
CA LYS A 38 3.38 8.10 -5.05
C LYS A 38 3.96 9.45 -4.64
N ILE A 39 3.70 9.85 -3.40
CA ILE A 39 4.21 11.11 -2.88
C ILE A 39 5.70 11.02 -2.55
N ALA A 40 6.12 9.85 -2.09
CA ALA A 40 7.53 9.62 -1.74
C ALA A 40 8.41 9.72 -2.98
N PHE A 41 8.01 9.04 -4.04
CA PHE A 41 8.78 9.04 -5.28
C PHE A 41 8.27 10.13 -6.23
N GLY A 42 6.96 10.31 -6.25
CA GLY A 42 6.37 11.32 -7.13
C GLY A 42 5.95 10.76 -8.47
N GLN A 43 5.58 9.48 -8.48
CA GLN A 43 5.16 8.82 -9.71
C GLN A 43 4.19 7.68 -9.42
N SER A 44 3.36 7.34 -10.40
CA SER A 44 2.39 6.27 -10.24
C SER A 44 3.04 4.91 -10.44
N MET A 45 3.00 4.08 -9.41
CA MET A 45 3.59 2.75 -9.47
C MET A 45 2.72 1.73 -8.73
N ASP A 46 2.78 0.48 -9.17
CA ASP A 46 2.00 -0.59 -8.55
C ASP A 46 2.64 -1.02 -7.22
N LEU A 47 1.86 -1.72 -6.41
CA LEU A 47 2.33 -2.20 -5.11
C LEU A 47 2.32 -3.73 -5.06
N HIS A 48 3.51 -4.32 -5.01
CA HIS A 48 3.64 -5.76 -4.95
C HIS A 48 4.30 -6.20 -3.64
N TYR A 49 3.52 -6.83 -2.77
CA TYR A 49 4.03 -7.29 -1.49
C TYR A 49 4.22 -8.80 -1.48
N THR A 50 5.35 -9.25 -0.94
CA THR A 50 5.66 -10.68 -0.88
C THR A 50 5.42 -11.23 0.51
N ASN A 51 4.61 -12.28 0.60
CA ASN A 51 4.30 -12.90 1.87
C ASN A 51 5.44 -13.79 2.35
N ASN A 52 5.76 -14.82 1.57
CA ASN A 52 6.84 -15.73 1.91
C ASN A 52 7.88 -15.79 0.79
N GLU A 53 7.53 -16.48 -0.29
CA GLU A 53 8.43 -16.63 -1.43
C GLU A 53 7.73 -16.20 -2.72
N LEU A 54 6.44 -15.90 -2.62
CA LEU A 54 5.66 -15.49 -3.79
C LEU A 54 5.44 -13.97 -3.78
N VAL A 55 4.85 -13.47 -4.86
CA VAL A 55 4.57 -12.05 -4.98
C VAL A 55 3.10 -11.80 -5.25
N ILE A 56 2.48 -10.95 -4.42
CA ILE A 56 1.07 -10.62 -4.56
C ILE A 56 0.89 -9.14 -4.91
N PRO A 57 0.50 -8.87 -6.16
CA PRO A 57 0.27 -7.50 -6.64
C PRO A 57 -0.97 -6.87 -6.01
N LEU A 58 -0.76 -6.09 -4.96
CA LEU A 58 -1.86 -5.42 -4.27
C LEU A 58 -2.65 -4.53 -5.23
N THR A 59 -3.75 -5.06 -5.74
CA THR A 59 -4.59 -4.31 -6.68
C THR A 59 -5.92 -3.95 -6.04
N THR A 60 -6.54 -4.91 -5.38
CA THR A 60 -7.82 -4.70 -4.72
C THR A 60 -7.68 -4.72 -3.20
N GLN A 61 -8.59 -4.04 -2.51
CA GLN A 61 -8.57 -3.99 -1.05
C GLN A 61 -8.50 -5.39 -0.45
N ASP A 62 -9.34 -6.28 -0.97
CA ASP A 62 -9.38 -7.66 -0.49
C ASP A 62 -7.98 -8.18 -0.21
N ASP A 63 -7.07 -7.92 -1.14
CA ASP A 63 -5.68 -8.37 -1.00
C ASP A 63 -5.01 -7.69 0.19
N LEU A 64 -5.06 -6.36 0.20
CA LEU A 64 -4.46 -5.58 1.29
C LEU A 64 -4.92 -6.09 2.64
N ASP A 65 -6.24 -6.16 2.83
CA ASP A 65 -6.81 -6.64 4.09
C ASP A 65 -6.19 -7.98 4.49
N LYS A 66 -5.93 -8.83 3.51
CA LYS A 66 -5.34 -10.14 3.76
C LYS A 66 -3.85 -10.01 4.05
N ALA A 67 -3.26 -8.92 3.62
CA ALA A 67 -1.84 -8.68 3.83
C ALA A 67 -1.59 -8.03 5.20
N VAL A 68 -2.51 -7.17 5.61
CA VAL A 68 -2.40 -6.49 6.90
C VAL A 68 -2.75 -7.43 8.05
N GLU A 69 -3.73 -8.29 7.81
CA GLU A 69 -4.17 -9.24 8.83
C GLU A 69 -3.12 -10.32 9.06
N LEU A 70 -2.57 -10.82 7.96
CA LEU A 70 -1.55 -11.87 8.03
C LEU A 70 -0.28 -11.34 8.69
N LEU A 71 -0.03 -10.05 8.54
CA LEU A 71 1.16 -9.43 9.13
C LEU A 71 1.01 -9.31 10.64
N ASP A 72 -0.18 -8.95 11.10
CA ASP A 72 -0.45 -8.79 12.52
C ASP A 72 -0.32 -10.14 13.24
N ARG A 73 -0.73 -11.21 12.56
CA ARG A 73 -0.67 -12.55 13.14
C ARG A 73 0.72 -13.16 12.94
N SER A 74 1.37 -12.80 11.84
CA SER A 74 2.69 -13.32 11.53
C SER A 74 3.66 -13.06 12.68
N ILE A 75 4.58 -13.99 12.90
CA ILE A 75 5.56 -13.87 13.96
C ILE A 75 6.95 -13.60 13.40
N HIS A 76 7.36 -14.41 12.43
CA HIS A 76 8.67 -14.26 11.82
C HIS A 76 8.77 -12.94 11.06
N MET A 77 7.74 -12.64 10.27
CA MET A 77 7.71 -11.42 9.48
C MET A 77 7.68 -10.19 10.41
N LYS A 78 8.41 -9.15 10.02
CA LYS A 78 8.47 -7.93 10.81
C LYS A 78 7.51 -6.88 10.25
N SER A 79 7.70 -6.53 8.97
CA SER A 79 6.84 -5.54 8.33
C SER A 79 6.37 -6.04 6.97
N LEU A 80 5.45 -5.29 6.35
CA LEU A 80 4.92 -5.66 5.05
C LEU A 80 5.81 -5.14 3.93
N LYS A 81 6.61 -6.04 3.35
CA LYS A 81 7.50 -5.67 2.26
C LYS A 81 6.72 -5.36 0.99
N ILE A 82 7.03 -4.22 0.37
CA ILE A 82 6.36 -3.82 -0.86
C ILE A 82 7.36 -3.60 -1.99
N LEU A 83 6.94 -3.91 -3.21
CA LEU A 83 7.80 -3.74 -4.38
C LEU A 83 7.12 -2.87 -5.44
N LEU A 84 7.57 -1.63 -5.53
CA LEU A 84 7.01 -0.70 -6.52
C LEU A 84 7.49 -1.03 -7.92
N VAL A 85 6.57 -0.95 -8.88
CA VAL A 85 6.90 -1.24 -10.28
C VAL A 85 6.32 -0.18 -11.21
N ILE A 86 7.20 0.61 -11.83
CA ILE A 86 6.76 1.65 -12.73
C ILE A 86 5.61 1.17 -13.62
N ASN A 87 4.61 2.01 -13.77
CA ASN A 87 3.45 1.68 -14.59
C ASN A 87 2.85 2.93 -15.23
N GLY A 88 2.54 2.83 -16.52
CA GLY A 88 1.96 3.97 -17.23
C GLY A 88 0.50 4.17 -16.89
N SER A 89 -0.37 3.37 -17.47
CA SER A 89 -1.80 3.47 -17.23
C SER A 89 -2.10 3.59 -15.74
N THR A 90 -2.71 4.70 -15.35
CA THR A 90 -3.05 4.94 -13.95
C THR A 90 -4.55 5.17 -13.77
N GLN A 91 -5.15 4.43 -12.84
CA GLN A 91 -6.58 4.56 -12.58
C GLN A 91 -6.91 4.05 -11.18
N ALA A 92 -7.52 4.92 -10.37
CA ALA A 92 -7.90 4.58 -9.00
C ALA A 92 -9.40 4.72 -8.80
N THR A 93 -9.96 3.87 -7.93
CA THR A 93 -11.39 3.91 -7.65
C THR A 93 -11.70 3.19 -6.35
N ASN A 94 -12.58 3.78 -5.55
CA ASN A 94 -12.97 3.19 -4.27
C ASN A 94 -14.44 2.76 -4.29
N LEU A 95 -14.67 1.47 -4.07
CA LEU A 95 -16.03 0.93 -4.06
C LEU A 95 -16.63 0.99 -2.67
N GLU A 96 -15.99 0.32 -1.72
CA GLU A 96 -16.47 0.30 -0.34
C GLU A 96 -17.96 -0.02 -0.28
N PRO A 97 -18.35 -1.15 -0.90
CA PRO A 97 -19.75 -1.58 -0.93
C PRO A 97 -20.24 -2.04 0.44
N SER A 98 -21.49 -2.50 0.49
CA SER A 98 -22.08 -2.96 1.74
C SER A 98 -21.89 -4.47 1.91
N GLY A 99 -22.02 -4.94 3.15
CA GLY A 99 -21.86 -6.36 3.43
C GLY A 99 -22.38 -6.74 4.79
N PRO A 100 -23.69 -6.98 4.88
CA PRO A 100 -24.35 -7.36 6.14
C PRO A 100 -23.95 -8.76 6.60
N SER A 101 -22.90 -8.85 7.40
CA SER A 101 -22.42 -10.14 7.90
C SER A 101 -23.48 -10.81 8.78
N SER A 102 -23.90 -10.10 9.83
CA SER A 102 -24.91 -10.63 10.74
C SER A 102 -26.22 -9.87 10.61
N GLY A 103 -27.26 -10.57 10.21
CA GLY A 103 -28.57 -9.96 10.04
C GLY A 103 -29.70 -10.87 10.43
N GLY A 1 1.27 15.26 16.79
CA GLY A 1 2.65 14.79 16.76
C GLY A 1 2.74 13.30 16.48
N SER A 2 3.93 12.85 16.11
CA SER A 2 4.15 11.44 15.80
C SER A 2 4.88 10.74 16.96
N SER A 3 4.12 9.99 17.75
CA SER A 3 4.69 9.27 18.89
C SER A 3 4.95 7.81 18.54
N GLY A 4 6.14 7.33 18.86
CA GLY A 4 6.48 5.95 18.57
C GLY A 4 5.75 4.97 19.46
N SER A 5 4.88 4.17 18.87
CA SER A 5 4.10 3.19 19.62
C SER A 5 3.27 2.32 18.68
N SER A 6 2.93 1.12 19.14
CA SER A 6 2.14 0.19 18.34
C SER A 6 0.81 0.82 17.93
N GLY A 7 0.38 0.54 16.70
CA GLY A 7 -0.87 1.09 16.21
C GLY A 7 -0.90 1.18 14.69
N ASP A 8 0.13 1.79 14.12
CA ASP A 8 0.21 1.94 12.67
C ASP A 8 0.89 0.74 12.04
N VAL A 9 0.69 0.57 10.73
CA VAL A 9 1.27 -0.54 10.00
C VAL A 9 2.54 -0.12 9.26
N ARG A 10 3.68 -0.59 9.72
CA ARG A 10 4.95 -0.26 9.10
C ARG A 10 5.09 -0.92 7.73
N VAL A 11 5.14 -0.11 6.68
CA VAL A 11 5.26 -0.61 5.32
C VAL A 11 6.54 -0.10 4.66
N LYS A 12 7.34 -1.03 4.15
CA LYS A 12 8.58 -0.67 3.48
C LYS A 12 8.46 -0.82 1.97
N PHE A 13 8.98 0.16 1.24
CA PHE A 13 8.94 0.14 -0.22
C PHE A 13 10.31 -0.13 -0.82
N GLU A 14 10.33 -0.66 -2.03
CA GLU A 14 11.58 -0.97 -2.71
C GLU A 14 11.46 -0.74 -4.21
N HIS A 15 12.38 0.04 -4.77
CA HIS A 15 12.38 0.33 -6.20
C HIS A 15 13.78 0.67 -6.69
N ARG A 16 14.30 -0.15 -7.60
CA ARG A 16 15.64 0.07 -8.14
C ARG A 16 16.64 0.41 -7.04
N GLY A 17 16.48 -0.24 -5.89
CA GLY A 17 17.37 0.01 -4.77
C GLY A 17 16.79 1.00 -3.79
N GLU A 18 16.01 1.96 -4.29
CA GLU A 18 15.40 2.97 -3.45
C GLU A 18 14.45 2.33 -2.44
N LYS A 19 14.52 2.79 -1.19
CA LYS A 19 13.66 2.27 -0.13
C LYS A 19 13.03 3.40 0.67
N ARG A 20 11.78 3.21 1.07
CA ARG A 20 11.07 4.23 1.84
C ARG A 20 9.96 3.59 2.68
N ILE A 21 10.05 3.76 3.99
CA ILE A 21 9.06 3.20 4.91
C ILE A 21 8.01 4.24 5.27
N LEU A 22 6.78 3.78 5.49
CA LEU A 22 5.68 4.66 5.84
C LEU A 22 4.91 4.12 7.05
N GLN A 23 3.88 4.86 7.46
CA GLN A 23 3.07 4.45 8.60
C GLN A 23 1.59 4.70 8.33
N PHE A 24 0.82 3.62 8.24
CA PHE A 24 -0.61 3.73 7.98
C PHE A 24 -1.42 3.20 9.16
N PRO A 25 -2.11 4.11 9.86
CA PRO A 25 -2.92 3.75 11.03
C PRO A 25 -4.17 2.97 10.64
N ARG A 26 -4.26 1.73 11.12
CA ARG A 26 -5.40 0.88 10.82
C ARG A 26 -6.72 1.58 11.18
N PRO A 27 -7.77 1.29 10.40
CA PRO A 27 -7.69 0.37 9.27
C PRO A 27 -6.87 0.92 8.12
N VAL A 28 -6.01 0.09 7.54
CA VAL A 28 -5.17 0.50 6.43
C VAL A 28 -5.96 0.55 5.12
N LYS A 29 -5.75 1.60 4.34
CA LYS A 29 -6.44 1.75 3.08
C LYS A 29 -5.48 1.58 1.90
N LEU A 30 -5.80 0.68 0.99
CA LEU A 30 -4.97 0.41 -0.17
C LEU A 30 -4.59 1.72 -0.87
N GLU A 31 -5.59 2.55 -1.15
CA GLU A 31 -5.36 3.82 -1.82
C GLU A 31 -4.27 4.62 -1.10
N ASP A 32 -4.28 4.57 0.22
CA ASP A 32 -3.30 5.28 1.03
C ASP A 32 -1.88 4.82 0.70
N LEU A 33 -1.67 3.50 0.77
CA LEU A 33 -0.36 2.93 0.47
C LEU A 33 0.18 3.46 -0.85
N ARG A 34 -0.65 3.45 -1.88
CA ARG A 34 -0.26 3.93 -3.20
C ARG A 34 0.04 5.43 -3.16
N SER A 35 -0.93 6.20 -2.67
CA SER A 35 -0.78 7.65 -2.59
C SER A 35 0.59 8.02 -2.03
N LYS A 36 0.92 7.46 -0.87
CA LYS A 36 2.19 7.74 -0.22
C LYS A 36 3.36 7.46 -1.17
N ALA A 37 3.51 6.20 -1.56
CA ALA A 37 4.58 5.81 -2.48
C ALA A 37 4.62 6.72 -3.69
N LYS A 38 3.46 7.19 -4.12
CA LYS A 38 3.37 8.08 -5.27
C LYS A 38 3.88 9.47 -4.93
N ILE A 39 3.65 9.90 -3.69
CA ILE A 39 4.09 11.21 -3.23
C ILE A 39 5.57 11.21 -2.92
N ALA A 40 6.05 10.11 -2.36
CA ALA A 40 7.47 9.99 -2.01
C ALA A 40 8.35 10.00 -3.25
N PHE A 41 7.98 9.18 -4.24
CA PHE A 41 8.74 9.10 -5.48
C PHE A 41 8.24 10.13 -6.49
N GLY A 42 6.92 10.31 -6.52
CA GLY A 42 6.34 11.28 -7.44
C GLY A 42 5.97 10.64 -8.77
N GLN A 43 5.64 9.36 -8.75
CA GLN A 43 5.27 8.65 -9.96
C GLN A 43 4.28 7.52 -9.65
N SER A 44 3.51 7.13 -10.65
CA SER A 44 2.53 6.07 -10.49
C SER A 44 3.18 4.69 -10.60
N MET A 45 3.18 3.94 -9.51
CA MET A 45 3.77 2.62 -9.48
C MET A 45 2.92 1.65 -8.67
N ASP A 46 2.86 0.40 -9.12
CA ASP A 46 2.08 -0.63 -8.43
C ASP A 46 2.75 -1.06 -7.14
N LEU A 47 1.99 -1.71 -6.27
CA LEU A 47 2.51 -2.17 -4.99
C LEU A 47 2.43 -3.70 -4.89
N HIS A 48 3.57 -4.35 -5.01
CA HIS A 48 3.62 -5.81 -4.93
C HIS A 48 4.29 -6.26 -3.63
N TYR A 49 3.49 -6.84 -2.73
CA TYR A 49 4.00 -7.31 -1.45
C TYR A 49 4.19 -8.81 -1.46
N THR A 50 5.34 -9.27 -0.95
CA THR A 50 5.63 -10.69 -0.90
C THR A 50 5.35 -11.27 0.49
N ASN A 51 4.41 -12.20 0.56
CA ASN A 51 4.04 -12.83 1.82
C ASN A 51 5.19 -13.68 2.35
N ASN A 52 5.52 -14.75 1.64
CA ASN A 52 6.61 -15.64 2.06
C ASN A 52 7.64 -15.77 0.94
N GLU A 53 7.27 -16.45 -0.13
CA GLU A 53 8.17 -16.66 -1.26
C GLU A 53 7.53 -16.19 -2.56
N LEU A 54 6.22 -16.02 -2.54
CA LEU A 54 5.48 -15.58 -3.71
C LEU A 54 5.28 -14.06 -3.70
N VAL A 55 4.61 -13.55 -4.72
CA VAL A 55 4.36 -12.12 -4.82
C VAL A 55 2.87 -11.84 -5.05
N ILE A 56 2.33 -10.90 -4.29
CA ILE A 56 0.92 -10.53 -4.42
C ILE A 56 0.77 -9.07 -4.79
N PRO A 57 0.40 -8.81 -6.06
CA PRO A 57 0.21 -7.45 -6.57
C PRO A 57 -1.03 -6.78 -5.98
N LEU A 58 -0.82 -5.96 -4.97
CA LEU A 58 -1.93 -5.26 -4.31
C LEU A 58 -2.69 -4.41 -5.31
N THR A 59 -3.85 -4.91 -5.75
CA THR A 59 -4.69 -4.20 -6.70
C THR A 59 -6.03 -3.83 -6.08
N THR A 60 -6.52 -4.68 -5.19
CA THR A 60 -7.81 -4.44 -4.53
C THR A 60 -7.66 -4.52 -3.02
N GLN A 61 -8.62 -3.93 -2.31
CA GLN A 61 -8.60 -3.93 -0.86
C GLN A 61 -8.50 -5.36 -0.31
N ASP A 62 -9.35 -6.24 -0.82
CA ASP A 62 -9.35 -7.63 -0.39
C ASP A 62 -7.92 -8.13 -0.15
N ASP A 63 -7.03 -7.82 -1.08
CA ASP A 63 -5.64 -8.23 -0.97
C ASP A 63 -4.96 -7.56 0.22
N LEU A 64 -5.14 -6.25 0.33
CA LEU A 64 -4.55 -5.49 1.43
C LEU A 64 -5.01 -6.02 2.78
N ASP A 65 -6.33 -6.05 2.98
CA ASP A 65 -6.89 -6.55 4.22
C ASP A 65 -6.29 -7.89 4.61
N LYS A 66 -6.06 -8.74 3.61
CA LYS A 66 -5.49 -10.06 3.84
C LYS A 66 -3.98 -9.97 4.05
N ALA A 67 -3.37 -8.93 3.48
CA ALA A 67 -1.93 -8.73 3.61
C ALA A 67 -1.59 -8.08 4.95
N VAL A 68 -2.53 -7.31 5.49
CA VAL A 68 -2.33 -6.63 6.76
C VAL A 68 -2.59 -7.58 7.93
N GLU A 69 -3.62 -8.39 7.80
CA GLU A 69 -3.98 -9.35 8.85
C GLU A 69 -2.90 -10.42 8.99
N LEU A 70 -2.33 -10.82 7.87
CA LEU A 70 -1.29 -11.84 7.87
C LEU A 70 -0.02 -11.33 8.53
N LEU A 71 0.32 -10.07 8.27
CA LEU A 71 1.51 -9.46 8.85
C LEU A 71 1.45 -9.51 10.38
N ASP A 72 0.30 -9.16 10.93
CA ASP A 72 0.12 -9.16 12.38
C ASP A 72 0.25 -10.57 12.94
N ARG A 73 -0.64 -11.45 12.51
CA ARG A 73 -0.64 -12.84 12.97
C ARG A 73 0.74 -13.48 12.76
N SER A 74 1.43 -13.03 11.72
CA SER A 74 2.75 -13.56 11.40
C SER A 74 3.78 -13.14 12.46
N ILE A 75 4.27 -14.11 13.20
CA ILE A 75 5.25 -13.85 14.25
C ILE A 75 6.64 -13.62 13.66
N HIS A 76 7.05 -14.50 12.74
CA HIS A 76 8.35 -14.39 12.09
C HIS A 76 8.46 -13.07 11.32
N MET A 77 7.44 -12.77 10.52
CA MET A 77 7.43 -11.55 9.74
C MET A 77 7.56 -10.32 10.63
N LYS A 78 8.21 -9.29 10.12
CA LYS A 78 8.40 -8.06 10.88
C LYS A 78 7.55 -6.93 10.30
N SER A 79 7.59 -6.78 8.97
CA SER A 79 6.83 -5.75 8.29
C SER A 79 6.30 -6.25 6.95
N LEU A 80 5.44 -5.45 6.33
CA LEU A 80 4.85 -5.81 5.04
C LEU A 80 5.73 -5.31 3.89
N LYS A 81 6.61 -6.18 3.41
CA LYS A 81 7.50 -5.82 2.31
C LYS A 81 6.70 -5.49 1.05
N ILE A 82 7.03 -4.36 0.43
CA ILE A 82 6.34 -3.93 -0.78
C ILE A 82 7.33 -3.69 -1.92
N LEU A 83 6.89 -3.93 -3.15
CA LEU A 83 7.73 -3.74 -4.31
C LEU A 83 7.07 -2.80 -5.31
N LEU A 84 7.65 -1.60 -5.48
CA LEU A 84 7.11 -0.62 -6.40
C LEU A 84 7.44 -0.99 -7.84
N VAL A 85 6.43 -0.93 -8.71
CA VAL A 85 6.60 -1.26 -10.11
C VAL A 85 6.11 -0.13 -11.02
N ILE A 86 7.01 0.41 -11.82
CA ILE A 86 6.67 1.50 -12.74
C ILE A 86 5.46 1.14 -13.58
N ASN A 87 4.34 1.80 -13.31
CA ASN A 87 3.11 1.55 -14.04
C ASN A 87 2.55 2.86 -14.62
N GLY A 88 2.33 2.87 -15.94
CA GLY A 88 1.81 4.06 -16.59
C GLY A 88 0.33 3.93 -16.92
N SER A 89 -0.49 3.73 -15.89
CA SER A 89 -1.93 3.58 -16.08
C SER A 89 -2.69 4.48 -15.10
N THR A 90 -3.08 5.66 -15.57
CA THR A 90 -3.81 6.61 -14.75
C THR A 90 -5.24 6.80 -15.26
N GLN A 91 -6.18 6.08 -14.64
CA GLN A 91 -7.58 6.17 -15.04
C GLN A 91 -8.19 7.49 -14.58
N ALA A 92 -7.94 7.85 -13.33
CA ALA A 92 -8.48 9.09 -12.77
C ALA A 92 -9.96 9.22 -13.03
N THR A 93 -10.68 8.10 -12.92
CA THR A 93 -12.12 8.09 -13.16
C THR A 93 -12.89 8.41 -11.88
N ASN A 94 -13.80 9.37 -11.97
CA ASN A 94 -14.60 9.78 -10.82
C ASN A 94 -16.09 9.77 -11.17
N LEU A 95 -16.52 8.74 -11.88
CA LEU A 95 -17.92 8.61 -12.27
C LEU A 95 -18.32 7.15 -12.40
N GLU A 96 -19.62 6.90 -12.52
CA GLU A 96 -20.13 5.54 -12.66
C GLU A 96 -21.46 5.53 -13.41
N PRO A 97 -21.72 4.43 -14.13
CA PRO A 97 -22.95 4.27 -14.91
C PRO A 97 -24.19 4.11 -14.02
N SER A 98 -25.33 4.56 -14.52
CA SER A 98 -26.58 4.47 -13.77
C SER A 98 -27.42 3.31 -14.27
N GLY A 99 -26.82 2.13 -14.36
CA GLY A 99 -27.54 0.96 -14.84
C GLY A 99 -26.71 0.12 -15.80
N PRO A 100 -27.38 -0.46 -16.80
CA PRO A 100 -26.72 -1.30 -17.80
C PRO A 100 -25.82 -0.50 -18.74
N SER A 101 -26.23 0.72 -19.03
CA SER A 101 -25.47 1.59 -19.92
C SER A 101 -25.01 0.85 -21.17
N SER A 102 -25.91 0.04 -21.72
CA SER A 102 -25.62 -0.75 -22.92
C SER A 102 -25.49 0.16 -24.14
N GLY A 103 -26.49 1.02 -24.34
CA GLY A 103 -26.48 1.92 -25.47
C GLY A 103 -26.67 1.20 -26.79
N GLY A 1 -0.55 16.19 22.85
CA GLY A 1 -1.46 15.07 23.04
C GLY A 1 -1.61 14.23 21.79
N SER A 2 -1.00 13.05 21.81
CA SER A 2 -1.06 12.14 20.66
C SER A 2 -2.34 11.32 20.67
N SER A 3 -2.78 10.91 19.49
CA SER A 3 -4.01 10.12 19.37
C SER A 3 -3.73 8.79 18.69
N GLY A 4 -3.27 7.81 19.48
CA GLY A 4 -2.96 6.50 18.95
C GLY A 4 -3.63 5.39 19.74
N SER A 5 -4.72 4.86 19.21
CA SER A 5 -5.45 3.78 19.88
C SER A 5 -4.90 2.41 19.46
N SER A 6 -4.69 2.24 18.16
CA SER A 6 -4.17 0.98 17.63
C SER A 6 -2.77 1.17 17.05
N GLY A 7 -2.11 0.06 16.77
CA GLY A 7 -0.77 0.12 16.21
C GLY A 7 -0.78 0.38 14.71
N ASP A 8 0.12 1.24 14.26
CA ASP A 8 0.21 1.58 12.84
C ASP A 8 0.75 0.40 12.04
N VAL A 9 0.79 0.56 10.72
CA VAL A 9 1.28 -0.50 9.84
C VAL A 9 2.55 -0.06 9.12
N ARG A 10 3.70 -0.48 9.64
CA ARG A 10 4.99 -0.14 9.05
C ARG A 10 5.15 -0.81 7.69
N VAL A 11 4.96 -0.03 6.63
CA VAL A 11 5.09 -0.54 5.27
C VAL A 11 6.39 -0.09 4.62
N LYS A 12 7.12 -1.02 4.02
CA LYS A 12 8.38 -0.71 3.37
C LYS A 12 8.23 -0.75 1.86
N PHE A 13 8.53 0.36 1.20
CA PHE A 13 8.44 0.45 -0.25
C PHE A 13 9.82 0.36 -0.90
N GLU A 14 10.12 -0.79 -1.49
CA GLU A 14 11.40 -1.01 -2.14
C GLU A 14 11.26 -0.96 -3.66
N HIS A 15 12.05 -0.10 -4.29
CA HIS A 15 12.02 0.04 -5.75
C HIS A 15 13.41 0.35 -6.29
N ARG A 16 13.87 -0.49 -7.22
CA ARG A 16 15.19 -0.31 -7.82
C ARG A 16 16.24 -0.03 -6.76
N GLY A 17 16.32 -0.92 -5.76
CA GLY A 17 17.29 -0.75 -4.70
C GLY A 17 16.80 0.21 -3.62
N GLU A 18 16.13 1.28 -4.04
CA GLU A 18 15.62 2.27 -3.11
C GLU A 18 14.60 1.65 -2.15
N LYS A 19 14.50 2.21 -0.95
CA LYS A 19 13.57 1.71 0.05
C LYS A 19 13.04 2.86 0.91
N ARG A 20 11.73 2.92 1.06
CA ARG A 20 11.08 3.96 1.86
C ARG A 20 9.99 3.38 2.73
N ILE A 21 10.18 3.47 4.05
CA ILE A 21 9.21 2.95 5.01
C ILE A 21 8.26 4.05 5.47
N LEU A 22 6.96 3.77 5.40
CA LEU A 22 5.95 4.74 5.81
C LEU A 22 5.21 4.24 7.05
N GLN A 23 4.21 5.00 7.48
CA GLN A 23 3.42 4.64 8.65
C GLN A 23 1.93 4.90 8.41
N PHE A 24 1.17 3.82 8.30
CA PHE A 24 -0.27 3.93 8.08
C PHE A 24 -1.05 3.43 9.28
N PRO A 25 -1.73 4.37 9.97
CA PRO A 25 -2.53 4.05 11.16
C PRO A 25 -3.79 3.26 10.82
N ARG A 26 -3.78 1.98 11.16
CA ARG A 26 -4.93 1.12 10.89
C ARG A 26 -6.23 1.79 11.32
N PRO A 27 -7.32 1.48 10.59
CA PRO A 27 -7.28 0.56 9.46
C PRO A 27 -6.53 1.14 8.26
N VAL A 28 -5.79 0.29 7.56
CA VAL A 28 -5.02 0.73 6.39
C VAL A 28 -5.88 0.68 5.13
N LYS A 29 -5.65 1.64 4.24
CA LYS A 29 -6.40 1.72 2.99
C LYS A 29 -5.47 1.55 1.79
N LEU A 30 -5.88 0.70 0.85
CA LEU A 30 -5.09 0.44 -0.34
C LEU A 30 -4.67 1.75 -1.01
N GLU A 31 -5.61 2.68 -1.14
CA GLU A 31 -5.34 3.97 -1.75
C GLU A 31 -4.27 4.72 -0.98
N ASP A 32 -4.34 4.64 0.35
CA ASP A 32 -3.38 5.33 1.21
C ASP A 32 -1.96 4.86 0.90
N LEU A 33 -1.77 3.55 0.85
CA LEU A 33 -0.45 2.98 0.57
C LEU A 33 0.12 3.54 -0.74
N ARG A 34 -0.71 3.58 -1.77
CA ARG A 34 -0.29 4.10 -3.06
C ARG A 34 -0.02 5.60 -2.98
N SER A 35 -0.92 6.33 -2.33
CA SER A 35 -0.77 7.78 -2.19
C SER A 35 0.63 8.13 -1.73
N LYS A 36 1.04 7.57 -0.59
CA LYS A 36 2.36 7.83 -0.03
C LYS A 36 3.45 7.50 -1.04
N ALA A 37 3.50 6.23 -1.46
CA ALA A 37 4.49 5.79 -2.43
C ALA A 37 4.53 6.71 -3.65
N LYS A 38 3.37 7.25 -4.01
CA LYS A 38 3.27 8.15 -5.15
C LYS A 38 3.80 9.54 -4.80
N ILE A 39 3.67 9.92 -3.54
CA ILE A 39 4.15 11.21 -3.07
C ILE A 39 5.64 11.17 -2.75
N ALA A 40 6.12 9.99 -2.40
CA ALA A 40 7.53 9.82 -2.06
C ALA A 40 8.40 9.78 -3.32
N PHE A 41 7.96 9.02 -4.32
CA PHE A 41 8.69 8.90 -5.57
C PHE A 41 8.14 9.87 -6.61
N GLY A 42 6.82 9.91 -6.74
CA GLY A 42 6.19 10.79 -7.71
C GLY A 42 5.57 10.04 -8.86
N GLN A 43 5.03 8.86 -8.57
CA GLN A 43 4.40 8.04 -9.61
C GLN A 43 3.41 7.06 -9.01
N SER A 44 2.41 6.67 -9.79
CA SER A 44 1.38 5.74 -9.33
C SER A 44 1.84 4.30 -9.51
N MET A 45 3.13 4.06 -9.27
CA MET A 45 3.68 2.72 -9.41
C MET A 45 2.83 1.70 -8.67
N ASP A 46 2.77 0.48 -9.21
CA ASP A 46 1.99 -0.59 -8.60
C ASP A 46 2.59 -1.00 -7.26
N LEU A 47 1.80 -1.71 -6.46
CA LEU A 47 2.25 -2.17 -5.15
C LEU A 47 2.25 -3.70 -5.07
N HIS A 48 3.44 -4.28 -5.05
CA HIS A 48 3.57 -5.73 -4.98
C HIS A 48 4.26 -6.15 -3.69
N TYR A 49 3.51 -6.77 -2.78
CA TYR A 49 4.05 -7.22 -1.51
C TYR A 49 4.27 -8.73 -1.51
N THR A 50 5.44 -9.14 -1.04
CA THR A 50 5.80 -10.56 -0.99
C THR A 50 5.53 -11.13 0.40
N ASN A 51 4.68 -12.15 0.46
CA ASN A 51 4.35 -12.79 1.73
C ASN A 51 5.55 -13.54 2.29
N ASN A 52 6.03 -14.52 1.53
CA ASN A 52 7.18 -15.32 1.96
C ASN A 52 8.18 -15.47 0.81
N GLU A 53 7.73 -16.03 -0.30
CA GLU A 53 8.59 -16.23 -1.46
C GLU A 53 7.91 -15.72 -2.74
N LEU A 54 6.58 -15.82 -2.77
CA LEU A 54 5.82 -15.37 -3.92
C LEU A 54 5.55 -13.87 -3.86
N VAL A 55 4.92 -13.33 -4.90
CA VAL A 55 4.61 -11.91 -4.96
C VAL A 55 3.12 -11.68 -5.19
N ILE A 56 2.51 -10.87 -4.34
CA ILE A 56 1.09 -10.56 -4.45
C ILE A 56 0.87 -9.10 -4.82
N PRO A 57 0.47 -8.87 -6.08
CA PRO A 57 0.21 -7.52 -6.59
C PRO A 57 -1.04 -6.89 -5.97
N LEU A 58 -0.83 -6.00 -5.00
CA LEU A 58 -1.94 -5.33 -4.34
C LEU A 58 -2.68 -4.41 -5.29
N THR A 59 -3.82 -4.87 -5.80
CA THR A 59 -4.62 -4.09 -6.73
C THR A 59 -5.98 -3.74 -6.12
N THR A 60 -6.53 -4.66 -5.35
CA THR A 60 -7.83 -4.44 -4.70
C THR A 60 -7.71 -4.55 -3.18
N GLN A 61 -8.67 -3.94 -2.48
CA GLN A 61 -8.66 -3.97 -1.02
C GLN A 61 -8.49 -5.39 -0.50
N ASP A 62 -9.28 -6.31 -1.04
CA ASP A 62 -9.22 -7.71 -0.63
C ASP A 62 -7.77 -8.13 -0.39
N ASP A 63 -6.90 -7.80 -1.34
CA ASP A 63 -5.49 -8.15 -1.23
C ASP A 63 -4.85 -7.48 -0.01
N LEU A 64 -5.13 -6.20 0.16
CA LEU A 64 -4.59 -5.44 1.29
C LEU A 64 -5.07 -6.01 2.62
N ASP A 65 -6.38 -6.07 2.79
CA ASP A 65 -6.97 -6.61 4.01
C ASP A 65 -6.37 -7.97 4.34
N LYS A 66 -6.16 -8.78 3.32
CA LYS A 66 -5.60 -10.12 3.51
C LYS A 66 -4.09 -10.05 3.72
N ALA A 67 -3.50 -8.91 3.39
CA ALA A 67 -2.07 -8.70 3.53
C ALA A 67 -1.74 -8.12 4.90
N VAL A 68 -2.66 -7.29 5.42
CA VAL A 68 -2.47 -6.66 6.72
C VAL A 68 -2.78 -7.63 7.85
N GLU A 69 -3.75 -8.50 7.63
CA GLU A 69 -4.15 -9.48 8.63
C GLU A 69 -3.07 -10.55 8.80
N LEU A 70 -2.51 -11.00 7.68
CA LEU A 70 -1.47 -12.02 7.71
C LEU A 70 -0.18 -11.48 8.31
N LEU A 71 0.07 -10.18 8.12
CA LEU A 71 1.26 -9.53 8.66
C LEU A 71 1.26 -9.56 10.18
N ASP A 72 0.13 -9.20 10.77
CA ASP A 72 -0.01 -9.18 12.23
C ASP A 72 0.20 -10.59 12.80
N ARG A 73 -0.60 -11.54 12.33
CA ARG A 73 -0.50 -12.92 12.80
C ARG A 73 0.89 -13.49 12.52
N SER A 74 1.51 -13.01 11.44
CA SER A 74 2.84 -13.49 11.06
C SER A 74 3.91 -12.87 11.95
N ILE A 75 4.27 -13.59 13.00
CA ILE A 75 5.29 -13.11 13.94
C ILE A 75 6.61 -12.86 13.22
N HIS A 76 7.15 -13.89 12.58
CA HIS A 76 8.41 -13.78 11.85
C HIS A 76 8.45 -12.49 11.04
N MET A 77 7.42 -12.28 10.22
CA MET A 77 7.33 -11.09 9.39
C MET A 77 7.21 -9.84 10.25
N LYS A 78 8.28 -9.05 10.30
CA LYS A 78 8.29 -7.82 11.09
C LYS A 78 7.37 -6.78 10.47
N SER A 79 7.57 -6.49 9.19
CA SER A 79 6.75 -5.51 8.49
C SER A 79 6.26 -6.07 7.15
N LEU A 80 5.42 -5.30 6.47
CA LEU A 80 4.89 -5.71 5.18
C LEU A 80 5.73 -5.17 4.04
N LYS A 81 6.66 -5.99 3.55
CA LYS A 81 7.54 -5.60 2.46
C LYS A 81 6.73 -5.29 1.20
N ILE A 82 7.09 -4.20 0.53
CA ILE A 82 6.41 -3.79 -0.69
C ILE A 82 7.39 -3.56 -1.83
N LEU A 83 6.98 -3.89 -3.05
CA LEU A 83 7.83 -3.71 -4.22
C LEU A 83 7.11 -2.89 -5.29
N LEU A 84 7.50 -1.61 -5.39
CA LEU A 84 6.90 -0.72 -6.37
C LEU A 84 7.41 -1.02 -7.77
N VAL A 85 6.49 -1.06 -8.73
CA VAL A 85 6.86 -1.34 -10.12
C VAL A 85 6.31 -0.26 -11.06
N ILE A 86 7.21 0.36 -11.82
CA ILE A 86 6.84 1.41 -12.75
C ILE A 86 5.70 0.95 -13.66
N ASN A 87 4.49 1.44 -13.38
CA ASN A 87 3.32 1.08 -14.18
C ASN A 87 3.35 1.78 -15.53
N GLY A 88 3.56 1.00 -16.59
CA GLY A 88 3.60 1.56 -17.93
C GLY A 88 2.48 2.55 -18.18
N SER A 89 1.24 2.09 -18.04
CA SER A 89 0.08 2.93 -18.26
C SER A 89 -1.05 2.56 -17.30
N THR A 90 -1.58 3.57 -16.60
CA THR A 90 -2.65 3.35 -15.65
C THR A 90 -3.79 4.35 -15.87
N GLN A 91 -5.00 3.94 -15.52
CA GLN A 91 -6.17 4.80 -15.68
C GLN A 91 -6.36 5.71 -14.47
N ALA A 92 -7.12 6.78 -14.65
CA ALA A 92 -7.37 7.73 -13.58
C ALA A 92 -8.83 7.69 -13.13
N THR A 93 -9.74 7.90 -14.08
CA THR A 93 -11.17 7.89 -13.79
C THR A 93 -11.97 7.35 -14.97
N ASN A 94 -13.05 6.65 -14.67
CA ASN A 94 -13.91 6.07 -15.71
C ASN A 94 -15.37 6.43 -15.47
N LEU A 95 -15.77 7.60 -15.94
CA LEU A 95 -17.16 8.06 -15.79
C LEU A 95 -17.48 9.16 -16.79
N GLU A 96 -18.62 9.02 -17.45
CA GLU A 96 -19.05 10.00 -18.45
C GLU A 96 -20.53 10.33 -18.28
N PRO A 97 -20.81 11.51 -17.72
CA PRO A 97 -22.18 11.98 -17.48
C PRO A 97 -22.91 12.31 -18.78
N SER A 98 -24.21 12.05 -18.81
CA SER A 98 -25.01 12.32 -19.99
C SER A 98 -25.99 13.46 -19.73
N GLY A 99 -26.42 14.12 -20.80
CA GLY A 99 -27.36 15.22 -20.68
C GLY A 99 -28.50 15.14 -21.67
N PRO A 100 -29.42 14.19 -21.43
CA PRO A 100 -30.58 13.99 -22.30
C PRO A 100 -31.60 15.13 -22.20
N SER A 101 -31.52 15.88 -21.10
CA SER A 101 -32.44 16.99 -20.88
C SER A 101 -32.08 18.17 -21.79
N SER A 102 -33.05 19.04 -22.03
CA SER A 102 -32.84 20.20 -22.88
C SER A 102 -31.61 20.98 -22.43
N GLY A 103 -31.48 21.18 -21.12
CA GLY A 103 -30.36 21.92 -20.59
C GLY A 103 -30.63 23.41 -20.48
N GLY A 1 -5.95 16.80 16.02
CA GLY A 1 -7.05 15.99 16.51
C GLY A 1 -7.06 14.60 15.91
N SER A 2 -6.09 13.78 16.31
CA SER A 2 -5.98 12.42 15.82
C SER A 2 -6.26 11.41 16.92
N SER A 3 -7.53 11.14 17.17
CA SER A 3 -7.93 10.20 18.21
C SER A 3 -8.86 9.12 17.65
N GLY A 4 -8.32 7.93 17.43
CA GLY A 4 -9.11 6.84 16.91
C GLY A 4 -8.55 5.48 17.28
N SER A 5 -7.71 4.92 16.41
CA SER A 5 -7.11 3.62 16.66
C SER A 5 -5.59 3.70 16.58
N SER A 6 -4.93 3.30 17.68
CA SER A 6 -3.48 3.32 17.74
C SER A 6 -2.88 2.10 17.07
N GLY A 7 -1.58 2.15 16.79
CA GLY A 7 -0.91 1.03 16.16
C GLY A 7 -0.95 1.11 14.64
N ASP A 8 0.00 1.83 14.06
CA ASP A 8 0.07 1.98 12.61
C ASP A 8 0.63 0.72 11.95
N VAL A 9 0.48 0.64 10.63
CA VAL A 9 0.98 -0.51 9.88
C VAL A 9 2.21 -0.15 9.07
N ARG A 10 3.38 -0.40 9.65
CA ARG A 10 4.64 -0.09 8.98
C ARG A 10 4.72 -0.81 7.63
N VAL A 11 5.04 -0.04 6.59
CA VAL A 11 5.15 -0.59 5.24
C VAL A 11 6.48 -0.22 4.59
N LYS A 12 7.28 -1.23 4.27
CA LYS A 12 8.58 -1.01 3.65
C LYS A 12 8.47 -1.09 2.13
N PHE A 13 8.86 -0.01 1.46
CA PHE A 13 8.81 0.05 0.00
C PHE A 13 10.16 -0.33 -0.60
N GLU A 14 10.13 -0.81 -1.84
CA GLU A 14 11.36 -1.21 -2.53
C GLU A 14 11.26 -0.93 -4.03
N HIS A 15 12.20 -0.15 -4.55
CA HIS A 15 12.22 0.20 -5.96
C HIS A 15 13.65 0.27 -6.48
N ARG A 16 14.05 -0.74 -7.26
CA ARG A 16 15.39 -0.79 -7.81
C ARG A 16 16.43 -0.40 -6.77
N GLY A 17 16.19 -0.79 -5.52
CA GLY A 17 17.11 -0.47 -4.45
C GLY A 17 16.55 0.57 -3.49
N GLU A 18 15.87 1.57 -4.04
CA GLU A 18 15.28 2.63 -3.23
C GLU A 18 14.25 2.06 -2.26
N LYS A 19 14.41 2.38 -0.97
CA LYS A 19 13.50 1.91 0.06
C LYS A 19 12.88 3.08 0.82
N ARG A 20 11.62 2.92 1.21
CA ARG A 20 10.92 3.97 1.94
C ARG A 20 9.88 3.37 2.88
N ILE A 21 10.05 3.58 4.17
CA ILE A 21 9.11 3.06 5.16
C ILE A 21 7.93 4.00 5.35
N LEU A 22 6.74 3.42 5.49
CA LEU A 22 5.53 4.21 5.67
C LEU A 22 4.74 3.71 6.89
N GLN A 23 3.78 4.52 7.33
CA GLN A 23 2.96 4.17 8.48
C GLN A 23 1.49 4.53 8.24
N PHE A 24 0.64 3.51 8.16
CA PHE A 24 -0.78 3.72 7.92
C PHE A 24 -1.60 3.17 9.09
N PRO A 25 -2.30 4.06 9.80
CA PRO A 25 -3.14 3.69 10.95
C PRO A 25 -4.38 2.92 10.51
N ARG A 26 -4.41 1.62 10.81
CA ARG A 26 -5.54 0.77 10.45
C ARG A 26 -6.86 1.45 10.82
N PRO A 27 -7.89 1.19 10.01
CA PRO A 27 -7.79 0.32 8.84
C PRO A 27 -6.94 0.94 7.72
N VAL A 28 -6.08 0.12 7.12
CA VAL A 28 -5.22 0.60 6.04
C VAL A 28 -6.00 0.72 4.74
N LYS A 29 -5.82 1.86 4.06
CA LYS A 29 -6.50 2.10 2.79
C LYS A 29 -5.57 1.86 1.62
N LEU A 30 -5.87 0.83 0.83
CA LEU A 30 -5.06 0.49 -0.33
C LEU A 30 -4.66 1.74 -1.10
N GLU A 31 -5.60 2.65 -1.27
CA GLU A 31 -5.35 3.90 -1.97
C GLU A 31 -4.27 4.73 -1.27
N ASP A 32 -4.36 4.77 0.06
CA ASP A 32 -3.39 5.52 0.85
C ASP A 32 -1.96 5.06 0.56
N LEU A 33 -1.74 3.75 0.64
CA LEU A 33 -0.43 3.19 0.38
C LEU A 33 0.15 3.70 -0.93
N ARG A 34 -0.67 3.67 -1.98
CA ARG A 34 -0.24 4.14 -3.29
C ARG A 34 -0.01 5.66 -3.28
N SER A 35 -0.99 6.39 -2.76
CA SER A 35 -0.90 7.85 -2.68
C SER A 35 0.45 8.28 -2.11
N LYS A 36 0.78 7.75 -0.94
CA LYS A 36 2.04 8.08 -0.29
C LYS A 36 3.23 7.81 -1.21
N ALA A 37 3.42 6.54 -1.55
CA ALA A 37 4.52 6.14 -2.43
C ALA A 37 4.62 7.08 -3.63
N LYS A 38 3.47 7.50 -4.14
CA LYS A 38 3.42 8.39 -5.29
C LYS A 38 3.96 9.77 -4.93
N ILE A 39 3.69 10.21 -3.71
CA ILE A 39 4.15 11.51 -3.24
C ILE A 39 5.63 11.47 -2.87
N ALA A 40 6.04 10.36 -2.27
CA ALA A 40 7.44 10.19 -1.87
C ALA A 40 8.36 10.14 -3.07
N PHE A 41 7.98 9.33 -4.07
CA PHE A 41 8.76 9.19 -5.28
C PHE A 41 8.36 10.22 -6.33
N GLY A 42 7.06 10.56 -6.34
CA GLY A 42 6.56 11.53 -7.29
C GLY A 42 6.17 10.89 -8.61
N GLN A 43 5.94 9.57 -8.59
CA GLN A 43 5.57 8.86 -9.79
C GLN A 43 4.53 7.78 -9.48
N SER A 44 3.94 7.20 -10.52
CA SER A 44 2.93 6.17 -10.36
C SER A 44 3.55 4.78 -10.46
N MET A 45 3.52 4.04 -9.36
CA MET A 45 4.07 2.69 -9.33
C MET A 45 3.15 1.73 -8.57
N ASP A 46 3.03 0.52 -9.09
CA ASP A 46 2.18 -0.49 -8.45
C ASP A 46 2.78 -0.96 -7.13
N LEU A 47 1.95 -1.61 -6.32
CA LEU A 47 2.40 -2.11 -5.03
C LEU A 47 2.30 -3.64 -4.98
N HIS A 48 3.45 -4.31 -4.99
CA HIS A 48 3.50 -5.76 -4.94
C HIS A 48 4.13 -6.24 -3.64
N TYR A 49 3.31 -6.83 -2.77
CA TYR A 49 3.79 -7.33 -1.49
C TYR A 49 3.98 -8.85 -1.53
N THR A 50 5.10 -9.31 -0.98
CA THR A 50 5.41 -10.73 -0.95
C THR A 50 5.16 -11.32 0.44
N ASN A 51 4.61 -12.53 0.47
CA ASN A 51 4.33 -13.20 1.73
C ASN A 51 5.51 -14.04 2.18
N ASN A 52 5.84 -15.06 1.39
CA ASN A 52 6.96 -15.94 1.70
C ASN A 52 7.82 -16.19 0.46
N GLU A 53 7.25 -16.85 -0.53
CA GLU A 53 7.97 -17.14 -1.77
C GLU A 53 7.11 -16.81 -2.99
N LEU A 54 6.24 -15.82 -2.84
CA LEU A 54 5.36 -15.40 -3.93
C LEU A 54 5.17 -13.89 -3.91
N VAL A 55 4.54 -13.37 -4.97
CA VAL A 55 4.29 -11.94 -5.08
C VAL A 55 2.81 -11.65 -5.34
N ILE A 56 2.23 -10.79 -4.53
CA ILE A 56 0.82 -10.44 -4.68
C ILE A 56 0.66 -8.94 -4.97
N PRO A 57 0.24 -8.63 -6.19
CA PRO A 57 0.03 -7.24 -6.63
C PRO A 57 -1.16 -6.59 -5.95
N LEU A 58 -0.92 -5.92 -4.82
CA LEU A 58 -1.98 -5.26 -4.08
C LEU A 58 -2.80 -4.36 -4.99
N THR A 59 -3.88 -4.92 -5.53
CA THR A 59 -4.77 -4.17 -6.42
C THR A 59 -6.08 -3.84 -5.74
N THR A 60 -6.63 -4.81 -5.01
CA THR A 60 -7.90 -4.62 -4.31
C THR A 60 -7.71 -4.69 -2.81
N GLN A 61 -8.55 -4.00 -2.07
CA GLN A 61 -8.48 -3.98 -0.61
C GLN A 61 -8.32 -5.40 -0.06
N ASP A 62 -9.17 -6.31 -0.53
CA ASP A 62 -9.13 -7.69 -0.09
C ASP A 62 -7.69 -8.16 0.11
N ASP A 63 -6.84 -7.85 -0.86
CA ASP A 63 -5.43 -8.24 -0.80
C ASP A 63 -4.73 -7.55 0.38
N LEU A 64 -4.91 -6.25 0.49
CA LEU A 64 -4.31 -5.48 1.56
C LEU A 64 -4.79 -5.96 2.92
N ASP A 65 -6.10 -5.95 3.11
CA ASP A 65 -6.70 -6.39 4.37
C ASP A 65 -6.16 -7.77 4.77
N LYS A 66 -5.98 -8.64 3.78
CA LYS A 66 -5.48 -9.98 4.02
C LYS A 66 -3.98 -9.96 4.26
N ALA A 67 -3.31 -8.91 3.79
CA ALA A 67 -1.87 -8.77 3.96
C ALA A 67 -1.54 -8.17 5.31
N VAL A 68 -2.38 -7.26 5.78
CA VAL A 68 -2.17 -6.61 7.07
C VAL A 68 -2.49 -7.55 8.22
N GLU A 69 -3.49 -8.40 8.03
CA GLU A 69 -3.88 -9.36 9.05
C GLU A 69 -2.88 -10.50 9.15
N LEU A 70 -2.39 -10.94 8.00
CA LEU A 70 -1.43 -12.04 7.95
C LEU A 70 -0.06 -11.58 8.46
N LEU A 71 0.20 -10.29 8.35
CA LEU A 71 1.47 -9.72 8.79
C LEU A 71 1.56 -9.74 10.32
N ASP A 72 0.53 -9.24 10.99
CA ASP A 72 0.50 -9.20 12.44
C ASP A 72 0.74 -10.60 13.02
N ARG A 73 -0.12 -11.54 12.65
CA ARG A 73 -0.01 -12.91 13.13
C ARG A 73 1.38 -13.47 12.84
N SER A 74 2.00 -12.98 11.78
CA SER A 74 3.34 -13.44 11.39
C SER A 74 4.37 -13.08 12.46
N ILE A 75 5.08 -14.09 12.96
CA ILE A 75 6.09 -13.89 13.98
C ILE A 75 7.44 -13.56 13.35
N HIS A 76 7.76 -14.24 12.26
CA HIS A 76 9.03 -14.03 11.57
C HIS A 76 9.03 -12.68 10.84
N MET A 77 7.91 -12.38 10.18
CA MET A 77 7.78 -11.12 9.44
C MET A 77 7.72 -9.94 10.40
N LYS A 78 8.38 -8.84 10.03
CA LYS A 78 8.40 -7.64 10.85
C LYS A 78 7.35 -6.64 10.39
N SER A 79 7.25 -6.45 9.08
CA SER A 79 6.28 -5.53 8.50
C SER A 79 5.85 -5.99 7.12
N LEU A 80 4.95 -5.22 6.50
CA LEU A 80 4.46 -5.54 5.17
C LEU A 80 5.41 -5.03 4.09
N LYS A 81 6.11 -5.95 3.44
CA LYS A 81 7.05 -5.59 2.38
C LYS A 81 6.33 -5.31 1.07
N ILE A 82 6.63 -4.17 0.46
CA ILE A 82 6.01 -3.79 -0.80
C ILE A 82 7.05 -3.49 -1.87
N LEU A 83 6.79 -3.93 -3.09
CA LEU A 83 7.72 -3.71 -4.20
C LEU A 83 7.10 -2.78 -5.24
N LEU A 84 7.63 -1.57 -5.34
CA LEU A 84 7.14 -0.58 -6.29
C LEU A 84 7.58 -0.94 -7.71
N VAL A 85 6.62 -0.95 -8.64
CA VAL A 85 6.91 -1.27 -10.03
C VAL A 85 6.22 -0.29 -10.97
N ILE A 86 7.01 0.45 -11.74
CA ILE A 86 6.47 1.42 -12.68
C ILE A 86 5.45 0.78 -13.61
N ASN A 87 4.31 1.44 -13.78
CA ASN A 87 3.26 0.93 -14.65
C ASN A 87 3.38 1.51 -16.05
N GLY A 88 3.41 2.84 -16.15
CA GLY A 88 3.52 3.48 -17.43
C GLY A 88 3.45 4.99 -17.33
N SER A 89 2.27 5.55 -17.56
CA SER A 89 2.07 7.00 -17.50
C SER A 89 0.59 7.34 -17.52
N THR A 90 0.07 7.76 -16.36
CA THR A 90 -1.33 8.11 -16.23
C THR A 90 -1.49 9.56 -15.79
N GLN A 91 -1.98 10.40 -16.69
CA GLN A 91 -2.18 11.81 -16.40
C GLN A 91 -3.65 12.11 -16.14
N ALA A 92 -3.95 12.58 -14.93
CA ALA A 92 -5.33 12.90 -14.55
C ALA A 92 -5.41 14.30 -13.94
N THR A 93 -6.36 15.09 -14.42
CA THR A 93 -6.55 16.45 -13.93
C THR A 93 -7.77 16.53 -13.02
N ASN A 94 -8.84 15.83 -13.38
CA ASN A 94 -10.06 15.83 -12.60
C ASN A 94 -10.11 14.63 -11.66
N LEU A 95 -9.50 14.77 -10.49
CA LEU A 95 -9.48 13.70 -9.50
C LEU A 95 -9.99 14.19 -8.15
N GLU A 96 -11.31 14.23 -8.00
CA GLU A 96 -11.93 14.68 -6.76
C GLU A 96 -13.43 14.47 -6.79
N PRO A 97 -13.99 13.96 -5.69
CA PRO A 97 -15.43 13.70 -5.56
C PRO A 97 -16.24 14.98 -5.49
N SER A 98 -17.50 14.90 -5.88
CA SER A 98 -18.40 16.06 -5.85
C SER A 98 -18.31 16.78 -4.52
N GLY A 99 -18.34 16.02 -3.43
CA GLY A 99 -18.27 16.60 -2.11
C GLY A 99 -19.23 17.76 -1.93
N PRO A 100 -20.53 17.46 -1.95
CA PRO A 100 -21.59 18.46 -1.79
C PRO A 100 -21.64 19.03 -0.38
N SER A 101 -21.39 20.34 -0.26
CA SER A 101 -21.40 21.00 1.04
C SER A 101 -22.61 21.93 1.16
N SER A 102 -23.66 21.45 1.81
CA SER A 102 -24.88 22.24 1.99
C SER A 102 -24.88 22.91 3.36
N GLY A 103 -25.90 23.74 3.60
CA GLY A 103 -26.01 24.43 4.88
C GLY A 103 -25.57 25.88 4.78
#